data_2VDO
#
_entry.id   2VDO
#
_cell.length_a   148.331
_cell.length_b   148.331
_cell.length_c   176.567
_cell.angle_alpha   90.00
_cell.angle_beta   90.00
_cell.angle_gamma   120.00
#
_symmetry.space_group_name_H-M   'P 32 2 1'
#
loop_
_entity.id
_entity.type
_entity.pdbx_description
1 polymer 'INTEGRIN ALPHA-IIB'
2 polymer 'INTEGRIN BETA-3'
3 polymer 'FIBRINOGEN, GAMMA POLYPEPTIDE'
4 polymer 'MONOCLONAL ANTIBODY 10E5 HEAVY CHAIN'
5 polymer 'MONOCLONAL ANTIBODY 10E5 LIGHT CHAIN'
6 branched alpha-D-mannopyranose-(1-3)-[alpha-D-mannopyranose-(1-6)]alpha-D-mannopyranose-(1-4)-2-acetamido-2-deoxy-beta-D-glucopyranose-(1-4)-2-acetamido-2-deoxy-beta-D-glucopyranose
7 branched alpha-D-mannopyranose-(1-3)-[alpha-D-mannopyranose-(1-6)]alpha-D-mannopyranose-(1-6)-[alpha-D-mannopyranose-(1-3)]alpha-D-mannopyranose-(1-4)-2-acetamido-2-deoxy-beta-D-glucopyranose-(1-4)-2-acetamido-2-deoxy-beta-D-glucopyranose
8 non-polymer GLYCEROL
9 non-polymer 'CALCIUM ION'
10 non-polymer 2-acetamido-2-deoxy-beta-D-glucopyranose
11 non-polymer 'MAGNESIUM ION'
12 water water
#
loop_
_entity_poly.entity_id
_entity_poly.type
_entity_poly.pdbx_seq_one_letter_code
_entity_poly.pdbx_strand_id
1 'polypeptide(L)'
;LNLDPVQLTFYAGPNGSQFGFSLDFHKDSHGRVAIVVGAPRTLGPSQEETGGVFLCPWRAEGGQCPSLLFDLRDETRNVG
SQTLQTFKARQGLGASVVSWSDVIVACAPWQHWNVLEKTEEAEKTPVGSCFLAQPESGRRAEYSPCRGNTLSRIYVENDF
SWDKRYCEAGFSSVVTQAGELVLGAPGGYYFLGLLAQAPVADIFSSYRPGILLWHVSSQSLSFDSSNPEYFDGYWGYSVA
VGEFDGDLNTTEYVVGAPTWSWTLGAVEILDSYYQRLHRLRGEQMASYFGHSVAVTDVNGDGRHDLLVGAPLYMESRADR
KLAEVGRVYLFLQPRGPHALGAPSLLLTGTQLYGRFGSAIAPLGDLDRDGYNDIAVAAPYGGPSGRGQVLVFLGQSEGLR
SRPSQVLDSPFPTGSAFGFSLRGAVDIDDNGYPDLIVGAYGANQVAVYRAQP
;
A
2 'polypeptide(L)'
;GPNICTTRGVSSCQQCLAVSPMCAWCSDEALPLGSPRCDLKENLLKDNCAPESIEFPVSEARVLEDRPLSDKGSGDSSQV
TQVSPQRIALRLRPDDSKNFSIQVRQVEDYPVDIYYLMDLSYSMKDDLWSIQNLGTKLATQMRKLTSNLRIGFGAFVDKP
VSPYMYISPPEALENPCYDMKTTCLPMFGYKHVLTLTDQVTRFNEEVKKQSVSRNRDAPEGGFDAIMQATVCDEKIGWRN
DASHLLVFTTDAKTHIALDGRLAGIVQPNDGQCHVGSDNHYSASTTMDYPSLGLMTEKLSQKNINLIFAVTENVVNLYQN
YSELIPGTTVGVLSMDSSNVLQLIVDAYGKIRSKVELEVRDLPEELSLSFNATCLNNEVIPGLKSCMGLKIGDTVSFSIE
AKVRGCPQEKEKSFTIKPVGFKDSLIVQVTFDCDCACQAQAEPNSHRCNNGNGTFECGVCR
;
B
3 'polypeptide(L)' HHLGGAKQAGDV C
4 'polypeptide(L)'
;EVQLQQSGAELVKPGASVKLSCTASGFNIKDTYVHWVKQRPEQGLEWIGRIDPANGYTKYDPKFQGKATITADTSSNTAY
LQLSSLTSEDTAVYYCVRPLYDYYAMDYWGQGTSVTVSSAKTTAPSVYPLAPVCGDTTGSSVTLGCLVKGYFPEPVTLTW
NSGSLSSGVHTFPAVLQSDLYTLSSSVTVTSSTWPSQSITCNVAHPASSTKVDKKIEPRGP
;
H
5 'polypeptide(L)'
;DILMTQSPSSMSVSLGDTVSITCHASQGISSNIGWLQQKPGKSFMGLIYYGTNLVDGVPSRFSGSGSGADYSLTISSLDS
EDFADYYCVQYAQLPYTFGGGTKLEIKRADAAPTVSIFPPSSEQLTSGGASVVCFLNNFYPKDINVKWKIDGSERQNGVL
NSWTDQDSKDSTYSMSSTLTLTKDEYERHNSYTCEATHKTSTSPIVKSFNRNEC
;
L
#
# COMPACT_ATOMS: atom_id res chain seq x y z
N LEU A 1 37.69 6.22 -10.42
CA LEU A 1 38.93 6.54 -11.19
C LEU A 1 39.51 5.29 -11.86
N ASN A 2 39.42 4.14 -11.18
CA ASN A 2 40.14 2.95 -11.60
C ASN A 2 39.29 1.69 -11.81
N LEU A 3 38.01 1.87 -12.09
CA LEU A 3 37.16 0.76 -12.56
C LEU A 3 37.44 0.52 -14.04
N ASP A 4 37.58 -0.75 -14.41
CA ASP A 4 37.95 -1.12 -15.78
C ASP A 4 36.70 -1.25 -16.66
N PRO A 5 36.51 -0.34 -17.63
CA PRO A 5 35.28 -0.35 -18.40
C PRO A 5 35.32 -1.27 -19.61
N VAL A 6 36.50 -1.80 -19.95
CA VAL A 6 36.66 -2.65 -21.12
C VAL A 6 36.30 -4.11 -20.81
N GLN A 7 36.91 -4.68 -19.78
CA GLN A 7 36.73 -6.09 -19.44
C GLN A 7 35.55 -6.29 -18.48
N LEU A 8 34.33 -6.13 -19.00
CA LEU A 8 33.13 -6.31 -18.20
C LEU A 8 32.74 -7.79 -18.15
N THR A 9 32.07 -8.16 -17.06
CA THR A 9 31.42 -9.46 -16.94
C THR A 9 29.92 -9.24 -16.91
N PHE A 10 29.20 -9.94 -17.79
CA PHE A 10 27.76 -9.85 -17.87
C PHE A 10 27.12 -11.12 -17.32
N TYR A 11 26.16 -10.96 -16.42
CA TYR A 11 25.28 -12.06 -16.02
C TYR A 11 23.91 -11.74 -16.57
N ALA A 12 23.19 -12.76 -17.03
CA ALA A 12 21.90 -12.58 -17.69
C ALA A 12 20.81 -13.45 -17.09
N GLY A 13 19.59 -12.92 -17.05
CA GLY A 13 18.40 -13.67 -16.65
C GLY A 13 17.47 -13.92 -17.81
N PRO A 14 16.29 -14.50 -17.56
CA PRO A 14 15.31 -14.74 -18.62
C PRO A 14 14.69 -13.48 -19.19
N ASN A 15 14.27 -13.54 -20.45
CA ASN A 15 13.57 -12.44 -21.10
C ASN A 15 12.34 -12.04 -20.30
N GLY A 16 12.22 -10.75 -20.03
CA GLY A 16 11.05 -10.19 -19.36
C GLY A 16 11.04 -10.33 -17.85
N SER A 17 12.10 -10.91 -17.29
CA SER A 17 12.16 -11.21 -15.86
C SER A 17 12.54 -10.01 -14.98
N GLN A 18 13.06 -8.96 -15.60
CA GLN A 18 13.60 -7.82 -14.89
C GLN A 18 14.75 -8.20 -13.97
N PHE A 19 15.48 -9.24 -14.36
CA PHE A 19 16.75 -9.62 -13.75
C PHE A 19 17.66 -8.39 -13.65
N GLY A 20 18.04 -8.03 -12.43
CA GLY A 20 18.87 -6.86 -12.19
C GLY A 20 18.14 -5.67 -11.58
N PHE A 21 16.84 -5.83 -11.35
CA PHE A 21 16.05 -4.80 -10.68
C PHE A 21 16.65 -4.47 -9.31
N SER A 22 17.17 -5.50 -8.64
CA SER A 22 17.85 -5.33 -7.37
C SER A 22 18.98 -6.34 -7.29
N LEU A 23 19.99 -6.03 -6.47
CA LEU A 23 21.14 -6.92 -6.31
C LEU A 23 21.95 -6.62 -5.07
N ASP A 24 22.74 -7.61 -4.66
CA ASP A 24 23.68 -7.44 -3.56
C ASP A 24 24.79 -8.46 -3.68
N PHE A 25 25.88 -8.23 -2.97
CA PHE A 25 26.93 -9.22 -2.81
C PHE A 25 26.48 -10.15 -1.70
N HIS A 26 26.89 -11.42 -1.78
CA HIS A 26 26.64 -12.37 -0.71
C HIS A 26 27.88 -13.20 -0.44
N LYS A 27 28.32 -13.19 0.82
CA LYS A 27 29.51 -13.90 1.25
C LYS A 27 29.10 -15.12 2.06
N ASP A 28 29.52 -16.32 1.61
CA ASP A 28 29.25 -17.56 2.35
C ASP A 28 30.13 -17.67 3.60
N SER A 29 29.94 -18.74 4.38
CA SER A 29 30.71 -18.93 5.61
C SER A 29 32.19 -19.14 5.36
N HIS A 30 32.53 -19.72 4.21
CA HIS A 30 33.92 -19.89 3.80
C HIS A 30 34.59 -18.54 3.46
N GLY A 31 33.78 -17.56 3.06
CA GLY A 31 34.27 -16.22 2.70
C GLY A 31 34.15 -15.90 1.22
N ARG A 32 33.70 -16.87 0.42
CA ARG A 32 33.58 -16.73 -1.03
C ARG A 32 32.38 -15.85 -1.39
N VAL A 33 32.66 -14.78 -2.14
CA VAL A 33 31.63 -13.81 -2.52
C VAL A 33 30.90 -14.19 -3.80
N ALA A 34 29.57 -14.16 -3.73
CA ALA A 34 28.71 -14.37 -4.89
C ALA A 34 27.85 -13.12 -5.07
N ILE A 35 26.96 -13.14 -6.07
CA ILE A 35 26.07 -12.01 -6.33
C ILE A 35 24.64 -12.47 -6.33
N VAL A 36 23.83 -11.89 -5.44
CA VAL A 36 22.40 -12.15 -5.37
CA VAL A 36 22.41 -12.17 -5.40
C VAL A 36 21.69 -11.18 -6.31
N VAL A 37 20.86 -11.68 -7.20
CA VAL A 37 20.14 -10.83 -8.15
C VAL A 37 18.63 -11.06 -8.06
N GLY A 38 17.88 -9.97 -7.92
CA GLY A 38 16.42 -10.03 -7.89
C GLY A 38 15.83 -9.85 -9.28
N ALA A 39 14.77 -10.60 -9.57
CA ALA A 39 14.14 -10.60 -10.89
C ALA A 39 12.61 -10.63 -10.72
N PRO A 40 12.03 -9.47 -10.39
CA PRO A 40 10.63 -9.41 -9.94
C PRO A 40 9.54 -9.83 -10.93
N ARG A 41 9.85 -10.01 -12.20
CA ARG A 41 8.84 -10.49 -13.16
C ARG A 41 9.11 -11.88 -13.74
N THR A 42 10.05 -12.61 -13.13
CA THR A 42 10.31 -14.00 -13.50
C THR A 42 9.02 -14.79 -13.45
N LEU A 43 8.78 -15.61 -14.47
CA LEU A 43 7.62 -16.49 -14.51
C LEU A 43 7.87 -17.66 -13.57
N GLY A 44 6.88 -17.96 -12.75
CA GLY A 44 6.91 -19.13 -11.88
C GLY A 44 6.71 -20.39 -12.68
N PRO A 45 6.61 -21.53 -11.98
CA PRO A 45 6.53 -22.81 -12.69
C PRO A 45 5.19 -23.09 -13.41
N SER A 46 4.18 -22.23 -13.23
CA SER A 46 2.90 -22.36 -13.93
C SER A 46 2.64 -21.24 -14.94
N GLN A 47 3.72 -20.59 -15.40
CA GLN A 47 3.64 -19.49 -16.38
C GLN A 47 2.93 -18.22 -15.91
N GLU A 48 2.82 -18.04 -14.60
CA GLU A 48 2.32 -16.78 -14.05
C GLU A 48 3.51 -16.05 -13.44
N GLU A 49 3.52 -14.72 -13.53
CA GLU A 49 4.60 -13.92 -12.95
C GLU A 49 4.55 -13.97 -11.43
N THR A 50 5.67 -14.34 -10.84
CA THR A 50 5.82 -14.35 -9.39
C THR A 50 7.07 -13.60 -8.96
N GLY A 51 8.02 -13.45 -9.88
CA GLY A 51 9.35 -13.00 -9.53
C GLY A 51 10.21 -14.17 -9.10
N GLY A 52 11.49 -13.89 -8.89
CA GLY A 52 12.44 -14.89 -8.46
C GLY A 52 13.80 -14.28 -8.10
N VAL A 53 14.66 -15.10 -7.55
CA VAL A 53 15.96 -14.69 -7.08
C VAL A 53 17.03 -15.64 -7.60
N PHE A 54 18.17 -15.08 -7.99
CA PHE A 54 19.25 -15.85 -8.54
C PHE A 54 20.52 -15.60 -7.74
N LEU A 55 21.32 -16.64 -7.56
CA LEU A 55 22.56 -16.54 -6.77
C LEU A 55 23.74 -16.85 -7.69
N CYS A 56 24.45 -15.81 -8.09
CA CYS A 56 25.48 -15.91 -9.13
C CYS A 56 26.88 -16.10 -8.55
N PRO A 57 27.53 -17.23 -8.86
CA PRO A 57 28.91 -17.38 -8.41
C PRO A 57 29.84 -16.49 -9.25
N TRP A 58 30.89 -15.97 -8.62
CA TRP A 58 31.82 -15.11 -9.34
C TRP A 58 32.56 -15.89 -10.43
N ARG A 59 32.47 -15.39 -11.66
CA ARG A 59 33.19 -15.91 -12.82
C ARG A 59 33.51 -14.76 -13.76
N ALA A 60 34.75 -14.69 -14.24
CA ALA A 60 35.16 -13.64 -15.17
C ALA A 60 34.27 -13.60 -16.42
N GLU A 61 33.92 -14.78 -16.92
CA GLU A 61 33.09 -14.90 -18.12
C GLU A 61 31.60 -14.64 -17.86
N GLY A 62 31.18 -14.76 -16.61
CA GLY A 62 29.77 -14.52 -16.26
C GLY A 62 28.84 -15.58 -16.81
N GLY A 63 27.65 -15.15 -17.24
CA GLY A 63 26.68 -16.04 -17.88
C GLY A 63 25.39 -16.20 -17.08
N GLN A 64 24.88 -17.43 -17.04
CA GLN A 64 23.61 -17.75 -16.40
C GLN A 64 23.82 -18.09 -14.94
N CYS A 65 22.77 -17.96 -14.14
CA CYS A 65 22.86 -18.23 -12.70
C CYS A 65 21.78 -19.21 -12.24
N PRO A 66 22.08 -20.00 -11.18
CA PRO A 66 21.05 -20.85 -10.59
C PRO A 66 20.02 -20.03 -9.84
N SER A 67 18.77 -20.49 -9.90
CA SER A 67 17.65 -19.83 -9.23
C SER A 67 17.51 -20.35 -7.81
N LEU A 68 17.53 -19.42 -6.85
CA LEU A 68 17.36 -19.73 -5.41
C LEU A 68 15.88 -19.99 -5.14
N LEU A 69 15.54 -21.26 -4.91
CA LEU A 69 14.13 -21.65 -4.80
C LEU A 69 13.40 -21.07 -3.60
N PHE A 70 12.17 -20.67 -3.85
CA PHE A 70 11.23 -20.29 -2.81
C PHE A 70 9.87 -20.87 -3.14
N ASP A 71 9.03 -20.95 -2.13
CA ASP A 71 7.67 -21.45 -2.29
C ASP A 71 6.77 -20.42 -2.98
N LEU A 72 6.36 -20.71 -4.21
CA LEU A 72 5.47 -19.84 -4.96
C LEU A 72 3.99 -20.32 -4.98
N ARG A 73 3.62 -21.22 -4.06
CA ARG A 73 2.23 -21.69 -3.97
C ARG A 73 1.43 -20.83 -3.03
N ASP A 74 0.23 -20.44 -3.44
CA ASP A 74 -0.70 -19.72 -2.57
C ASP A 74 -1.12 -20.60 -1.40
N GLU A 75 -1.42 -19.96 -0.28
CA GLU A 75 -1.79 -20.64 0.96
C GLU A 75 -3.17 -20.20 1.41
N THR A 76 -3.86 -21.12 2.08
CA THR A 76 -5.16 -20.85 2.65
C THR A 76 -5.16 -21.52 4.01
N ARG A 77 -5.73 -20.85 5.02
CA ARG A 77 -5.86 -21.45 6.34
C ARG A 77 -7.19 -21.05 6.96
N ASN A 78 -8.01 -22.07 7.24
CA ASN A 78 -9.27 -21.89 7.94
C ASN A 78 -9.05 -22.12 9.43
N VAL A 79 -8.98 -21.03 10.18
CA VAL A 79 -8.68 -21.09 11.59
C VAL A 79 -9.35 -19.91 12.29
N GLY A 80 -9.80 -20.13 13.52
CA GLY A 80 -10.47 -19.07 14.29
C GLY A 80 -11.74 -18.56 13.66
N SER A 81 -12.48 -19.46 12.98
CA SER A 81 -13.68 -19.10 12.23
C SER A 81 -13.44 -18.04 11.14
N GLN A 82 -12.20 -17.94 10.68
CA GLN A 82 -11.79 -17.06 9.59
C GLN A 82 -11.09 -17.87 8.50
N THR A 83 -10.93 -17.27 7.32
CA THR A 83 -10.17 -17.86 6.22
C THR A 83 -9.04 -16.92 5.81
N LEU A 84 -7.80 -17.33 6.05
CA LEU A 84 -6.61 -16.55 5.71
C LEU A 84 -6.11 -16.98 4.34
N GLN A 85 -5.70 -16.03 3.51
CA GLN A 85 -5.32 -16.26 2.12
C GLN A 85 -4.10 -15.45 1.71
N THR A 86 -3.11 -16.10 1.11
CA THR A 86 -1.99 -15.41 0.50
C THR A 86 -2.10 -15.52 -1.02
N PHE A 87 -1.66 -14.48 -1.73
CA PHE A 87 -1.71 -14.46 -3.18
C PHE A 87 -0.35 -14.01 -3.72
N LYS A 88 0.33 -14.92 -4.39
CA LYS A 88 1.71 -14.70 -4.83
C LYS A 88 1.83 -14.29 -6.30
N ALA A 89 0.72 -14.27 -7.03
CA ALA A 89 0.75 -13.83 -8.43
C ALA A 89 1.10 -12.34 -8.51
N ARG A 90 2.05 -12.00 -9.39
CA ARG A 90 2.52 -10.64 -9.60
CA ARG A 90 2.49 -10.63 -9.58
C ARG A 90 3.05 -10.01 -8.30
N GLN A 91 3.54 -10.83 -7.39
CA GLN A 91 4.02 -10.35 -6.08
C GLN A 91 5.37 -9.61 -6.14
N GLY A 92 6.11 -9.81 -7.23
CA GLY A 92 7.37 -9.12 -7.43
C GLY A 92 8.48 -9.59 -6.51
N LEU A 93 8.57 -10.91 -6.30
CA LEU A 93 9.67 -11.49 -5.54
C LEU A 93 11.00 -11.05 -6.16
N GLY A 94 11.85 -10.44 -5.34
CA GLY A 94 13.14 -9.95 -5.79
C GLY A 94 13.12 -8.50 -6.21
N ALA A 95 12.07 -7.76 -5.83
CA ALA A 95 12.00 -6.33 -6.07
C ALA A 95 13.03 -5.64 -5.18
N SER A 96 13.36 -6.30 -4.07
CA SER A 96 14.54 -5.97 -3.32
C SER A 96 15.19 -7.25 -2.82
N VAL A 97 16.51 -7.22 -2.75
CA VAL A 97 17.27 -8.31 -2.15
C VAL A 97 18.34 -7.69 -1.26
N VAL A 98 18.66 -8.35 -0.16
CA VAL A 98 19.75 -7.91 0.69
C VAL A 98 20.36 -9.15 1.35
N SER A 99 21.67 -9.12 1.54
CA SER A 99 22.39 -10.21 2.19
C SER A 99 22.96 -9.75 3.54
N TRP A 100 22.91 -10.63 4.53
CA TRP A 100 23.55 -10.41 5.82
C TRP A 100 24.10 -11.73 6.32
N SER A 101 25.38 -11.75 6.71
CA SER A 101 26.05 -12.96 7.16
C SER A 101 25.81 -14.07 6.12
N ASP A 102 25.24 -15.19 6.54
CA ASP A 102 24.98 -16.31 5.63
C ASP A 102 23.52 -16.37 5.20
N VAL A 103 22.82 -15.24 5.30
CA VAL A 103 21.41 -15.17 4.97
C VAL A 103 21.14 -14.23 3.80
N ILE A 104 20.20 -14.63 2.94
CA ILE A 104 19.67 -13.79 1.88
C ILE A 104 18.20 -13.47 2.20
N VAL A 105 17.82 -12.21 2.02
CA VAL A 105 16.47 -11.75 2.25
C VAL A 105 15.93 -11.17 0.96
N ALA A 106 14.94 -11.82 0.36
CA ALA A 106 14.35 -11.35 -0.90
C ALA A 106 12.91 -11.01 -0.63
N CYS A 107 12.50 -9.81 -1.01
CA CYS A 107 11.14 -9.38 -0.71
C CYS A 107 10.24 -9.35 -1.93
N ALA A 108 8.94 -9.43 -1.64
CA ALA A 108 7.88 -9.43 -2.63
C ALA A 108 6.89 -8.36 -2.16
N PRO A 109 7.12 -7.11 -2.55
CA PRO A 109 6.33 -6.01 -2.01
C PRO A 109 4.85 -6.02 -2.40
N TRP A 110 4.49 -6.70 -3.48
CA TRP A 110 3.12 -6.70 -3.95
C TRP A 110 2.38 -8.02 -3.73
N GLN A 111 2.93 -8.89 -2.89
CA GLN A 111 2.21 -10.08 -2.43
C GLN A 111 0.91 -9.62 -1.78
N HIS A 112 -0.20 -10.23 -2.16
CA HIS A 112 -1.50 -9.82 -1.67
C HIS A 112 -2.00 -10.76 -0.58
N TRP A 113 -2.99 -10.28 0.17
CA TRP A 113 -3.46 -10.95 1.37
C TRP A 113 -4.92 -10.62 1.56
N ASN A 114 -5.71 -11.60 1.97
CA ASN A 114 -7.08 -11.36 2.39
C ASN A 114 -7.43 -12.26 3.56
N VAL A 115 -8.45 -11.85 4.30
CA VAL A 115 -9.04 -12.63 5.36
C VAL A 115 -10.55 -12.57 5.18
N LEU A 116 -11.20 -13.72 5.10
CA LEU A 116 -12.65 -13.79 4.93
C LEU A 116 -13.29 -14.29 6.21
N GLU A 117 -14.50 -13.79 6.47
CA GLU A 117 -15.27 -14.22 7.63
C GLU A 117 -16.75 -14.04 7.28
N LYS A 118 -17.43 -15.16 7.06
CA LYS A 118 -18.79 -15.15 6.56
C LYS A 118 -18.86 -14.28 5.29
N THR A 119 -19.69 -13.25 5.28
CA THR A 119 -19.85 -12.41 4.09
C THR A 119 -18.89 -11.22 4.08
N GLU A 120 -18.07 -11.08 5.13
CA GLU A 120 -17.15 -9.95 5.26
C GLU A 120 -15.71 -10.32 4.95
N GLU A 121 -14.87 -9.30 4.82
CA GLU A 121 -13.47 -9.51 4.51
C GLU A 121 -12.58 -8.36 4.99
N ALA A 122 -11.29 -8.62 5.10
CA ALA A 122 -10.30 -7.58 5.35
C ALA A 122 -10.10 -6.70 4.13
N GLU A 123 -10.32 -7.27 2.93
CA GLU A 123 -9.99 -6.68 1.62
C GLU A 123 -8.68 -7.28 1.11
N LYS A 124 -8.68 -7.65 -0.17
CA LYS A 124 -7.51 -8.21 -0.83
C LYS A 124 -6.53 -7.10 -1.16
N THR A 125 -5.41 -7.05 -0.43
CA THR A 125 -4.50 -5.91 -0.47
C THR A 125 -3.02 -6.32 -0.48
N PRO A 126 -2.12 -5.46 -1.02
CA PRO A 126 -0.70 -5.79 -1.08
C PRO A 126 0.05 -5.50 0.22
N VAL A 127 0.04 -6.45 1.15
CA VAL A 127 0.75 -6.29 2.40
C VAL A 127 2.26 -6.50 2.22
N GLY A 128 2.63 -7.21 1.16
CA GLY A 128 4.03 -7.54 0.93
C GLY A 128 4.48 -8.65 1.86
N SER A 129 5.66 -9.19 1.58
CA SER A 129 6.23 -10.27 2.38
C SER A 129 7.69 -10.42 2.01
N CYS A 130 8.52 -10.87 2.95
CA CYS A 130 9.91 -11.12 2.64
C CYS A 130 10.19 -12.59 2.84
N PHE A 131 11.01 -13.14 1.97
CA PHE A 131 11.41 -14.53 2.01
C PHE A 131 12.86 -14.56 2.45
N LEU A 132 13.17 -15.44 3.39
CA LEU A 132 14.53 -15.54 3.92
C LEU A 132 15.09 -16.90 3.64
N ALA A 133 16.35 -16.94 3.22
CA ALA A 133 17.01 -18.19 2.81
C ALA A 133 18.42 -18.26 3.36
N GLN A 134 18.79 -19.43 3.85
CA GLN A 134 20.15 -19.70 4.28
C GLN A 134 20.69 -20.79 3.34
N PRO A 135 21.31 -20.39 2.22
CA PRO A 135 21.70 -21.32 1.15
C PRO A 135 22.54 -22.53 1.58
N GLU A 136 23.53 -22.32 2.43
CA GLU A 136 24.40 -23.41 2.90
C GLU A 136 23.71 -24.46 3.80
N SER A 137 22.46 -24.22 4.21
CA SER A 137 21.67 -25.22 4.95
C SER A 137 20.33 -25.58 4.31
N GLY A 138 19.81 -24.68 3.47
CA GLY A 138 18.50 -24.89 2.88
C GLY A 138 17.36 -24.34 3.69
N ARG A 139 17.65 -23.76 4.86
CA ARG A 139 16.60 -23.23 5.71
C ARG A 139 15.87 -22.11 5.00
N ARG A 140 14.55 -22.08 5.23
CA ARG A 140 13.71 -21.04 4.70
C ARG A 140 12.83 -20.49 5.81
N ALA A 141 12.54 -19.20 5.72
CA ALA A 141 11.61 -18.55 6.64
C ALA A 141 10.95 -17.40 5.89
N GLU A 142 9.91 -16.83 6.50
CA GLU A 142 9.23 -15.68 5.91
C GLU A 142 8.98 -14.65 6.99
N TYR A 143 8.67 -13.44 6.56
CA TYR A 143 8.34 -12.37 7.46
C TYR A 143 7.36 -11.44 6.74
N SER A 144 6.21 -11.22 7.35
CA SER A 144 5.14 -10.44 6.74
C SER A 144 4.42 -9.65 7.82
N PRO A 145 5.08 -8.62 8.34
CA PRO A 145 4.58 -7.91 9.53
C PRO A 145 3.26 -7.15 9.34
N CYS A 146 2.85 -6.91 8.10
CA CYS A 146 1.64 -6.12 7.85
C CYS A 146 0.35 -6.92 7.74
N ARG A 147 0.44 -8.24 7.61
CA ARG A 147 -0.76 -9.08 7.59
C ARG A 147 -1.57 -8.91 8.86
N GLY A 148 -2.89 -8.81 8.71
CA GLY A 148 -3.81 -8.69 9.84
C GLY A 148 -4.99 -9.61 9.68
N ASN A 149 -5.85 -9.65 10.70
CA ASN A 149 -7.10 -10.40 10.62
C ASN A 149 -8.29 -9.53 11.02
N THR A 150 -8.16 -8.23 10.82
CA THR A 150 -9.25 -7.31 11.12
C THR A 150 -10.08 -7.12 9.85
N LEU A 151 -11.40 -7.09 10.04
CA LEU A 151 -12.32 -6.92 8.93
C LEU A 151 -12.48 -5.45 8.53
N SER A 152 -12.88 -5.25 7.28
CA SER A 152 -13.05 -3.95 6.64
C SER A 152 -13.86 -2.95 7.45
N ARG A 153 -14.99 -3.41 7.97
CA ARG A 153 -15.91 -2.58 8.74
C ARG A 153 -15.26 -1.92 9.96
N ILE A 154 -14.29 -2.61 10.57
CA ILE A 154 -13.65 -2.14 11.79
C ILE A 154 -12.70 -0.96 11.51
N TYR A 155 -11.96 -1.05 10.41
CA TYR A 155 -11.15 0.08 9.97
C TYR A 155 -12.04 1.30 9.72
N VAL A 156 -13.20 1.10 9.07
CA VAL A 156 -14.11 2.20 8.82
C VAL A 156 -14.60 2.82 10.13
N GLU A 157 -14.96 1.98 11.08
CA GLU A 157 -15.45 2.46 12.38
C GLU A 157 -14.37 3.15 13.20
N ASN A 158 -13.10 2.87 12.92
CA ASN A 158 -11.97 3.51 13.62
C ASN A 158 -11.24 4.55 12.78
N ASP A 159 -11.89 5.05 11.74
CA ASP A 159 -11.31 6.06 10.85
C ASP A 159 -9.92 5.66 10.32
N PHE A 160 -9.76 4.38 10.01
CA PHE A 160 -8.58 3.88 9.32
C PHE A 160 -7.26 4.05 10.06
N SER A 161 -7.31 4.07 11.38
CA SER A 161 -6.09 4.05 12.18
C SER A 161 -5.45 2.66 12.10
N TRP A 162 -4.11 2.63 12.12
CA TRP A 162 -3.32 1.40 12.11
C TRP A 162 -3.69 0.49 10.95
N ASP A 163 -3.90 1.10 9.80
CA ASP A 163 -4.27 0.37 8.61
C ASP A 163 -3.02 -0.06 7.86
N LYS A 164 -2.63 -1.32 8.03
CA LYS A 164 -1.41 -1.85 7.44
C LYS A 164 -1.68 -2.71 6.18
N ARG A 165 -2.87 -2.60 5.63
CA ARG A 165 -3.27 -3.47 4.52
C ARG A 165 -2.52 -3.22 3.20
N TYR A 166 -1.97 -2.03 3.01
CA TYR A 166 -1.33 -1.67 1.74
C TYR A 166 0.17 -1.41 1.92
N CYS A 167 0.75 -1.95 2.99
CA CYS A 167 2.16 -1.70 3.36
C CYS A 167 3.18 -1.84 2.23
N GLU A 168 3.06 -2.93 1.50
CA GLU A 168 4.10 -3.35 0.57
C GLU A 168 5.43 -3.48 1.31
N ALA A 169 5.40 -4.20 2.42
CA ALA A 169 6.57 -4.45 3.24
C ALA A 169 7.64 -5.07 2.36
N GLY A 170 8.88 -4.62 2.49
CA GLY A 170 9.96 -5.11 1.65
C GLY A 170 10.23 -4.29 0.41
N PHE A 171 9.41 -3.26 0.16
CA PHE A 171 9.62 -2.29 -0.91
C PHE A 171 11.08 -1.80 -0.90
N SER A 172 11.59 -1.55 0.30
CA SER A 172 13.02 -1.32 0.52
C SER A 172 13.45 -2.13 1.73
N SER A 173 14.74 -2.39 1.85
CA SER A 173 15.23 -3.20 2.95
C SER A 173 16.68 -2.94 3.22
N VAL A 174 17.08 -3.16 4.47
CA VAL A 174 18.46 -3.04 4.88
C VAL A 174 18.60 -3.91 6.12
N VAL A 175 19.82 -4.35 6.42
CA VAL A 175 20.07 -5.13 7.64
C VAL A 175 21.19 -4.48 8.44
N THR A 176 20.99 -4.28 9.74
CA THR A 176 22.04 -3.73 10.57
C THR A 176 23.14 -4.76 10.74
N GLN A 177 24.30 -4.32 11.24
N GLN A 177 24.29 -4.33 11.26
CA GLN A 177 25.43 -5.23 11.46
CA GLN A 177 25.44 -5.21 11.46
C GLN A 177 25.11 -6.31 12.49
C GLN A 177 25.13 -6.30 12.49
N ALA A 178 24.27 -5.98 13.46
CA ALA A 178 23.85 -6.93 14.49
C ALA A 178 22.81 -7.96 14.01
N GLY A 179 22.30 -7.78 12.79
CA GLY A 179 21.36 -8.73 12.20
C GLY A 179 19.91 -8.37 12.38
N GLU A 180 19.61 -7.08 12.50
CA GLU A 180 18.24 -6.59 12.50
C GLU A 180 17.82 -6.24 11.07
N LEU A 181 16.80 -6.93 10.57
CA LEU A 181 16.23 -6.62 9.26
C LEU A 181 15.30 -5.44 9.43
N VAL A 182 15.49 -4.41 8.62
CA VAL A 182 14.60 -3.25 8.61
C VAL A 182 13.95 -3.15 7.24
N LEU A 183 12.61 -3.20 7.20
CA LEU A 183 11.88 -3.11 5.93
C LEU A 183 11.16 -1.80 5.80
N GLY A 184 11.26 -1.18 4.64
CA GLY A 184 10.42 -0.03 4.30
C GLY A 184 9.10 -0.50 3.72
N ALA A 185 8.01 0.16 4.13
CA ALA A 185 6.65 -0.20 3.73
C ALA A 185 5.88 1.08 3.40
N PRO A 186 6.12 1.65 2.21
CA PRO A 186 5.64 3.00 1.87
C PRO A 186 4.12 3.14 1.80
N GLY A 187 3.41 2.03 1.67
CA GLY A 187 1.95 2.06 1.71
C GLY A 187 1.37 1.95 3.10
N GLY A 188 2.22 1.86 4.12
CA GLY A 188 1.78 1.67 5.50
C GLY A 188 0.87 2.77 6.01
N TYR A 189 -0.04 2.40 6.91
CA TYR A 189 -0.94 3.36 7.55
C TYR A 189 -1.63 4.24 6.52
N TYR A 190 -2.24 3.59 5.54
CA TYR A 190 -2.98 4.25 4.48
C TYR A 190 -2.09 5.22 3.70
N PHE A 191 -0.93 4.73 3.31
CA PHE A 191 0.00 5.42 2.40
C PHE A 191 0.85 6.53 3.04
N LEU A 192 0.83 6.63 4.36
CA LEU A 192 1.83 7.44 5.07
C LEU A 192 3.19 6.78 4.96
N GLY A 193 3.23 5.48 5.23
CA GLY A 193 4.47 4.70 5.23
C GLY A 193 4.87 4.29 6.64
N LEU A 194 5.51 3.13 6.76
CA LEU A 194 6.01 2.63 8.03
C LEU A 194 7.28 1.82 7.84
N LEU A 195 8.00 1.64 8.96
CA LEU A 195 9.15 0.74 9.02
C LEU A 195 8.82 -0.45 9.92
N ALA A 196 9.32 -1.62 9.53
CA ALA A 196 9.18 -2.84 10.31
C ALA A 196 10.56 -3.38 10.57
N GLN A 197 10.88 -3.62 11.85
CA GLN A 197 12.19 -4.12 12.24
C GLN A 197 12.02 -5.41 13.04
N ALA A 198 12.85 -6.40 12.74
CA ALA A 198 12.94 -7.61 13.56
C ALA A 198 14.29 -8.27 13.35
N PRO A 199 14.85 -8.89 14.40
CA PRO A 199 16.11 -9.64 14.23
C PRO A 199 15.94 -10.84 13.32
N VAL A 200 16.90 -11.06 12.42
CA VAL A 200 16.85 -12.19 11.51
C VAL A 200 16.76 -13.53 12.27
N ALA A 201 17.51 -13.66 13.36
CA ALA A 201 17.47 -14.89 14.18
C ALA A 201 16.05 -15.22 14.65
N ASP A 202 15.32 -14.19 15.10
CA ASP A 202 13.96 -14.36 15.62
C ASP A 202 12.92 -14.59 14.52
N ILE A 203 13.16 -14.07 13.32
CA ILE A 203 12.30 -14.37 12.18
C ILE A 203 12.36 -15.87 11.87
N PHE A 204 13.57 -16.42 11.82
CA PHE A 204 13.76 -17.85 11.55
C PHE A 204 13.19 -18.73 12.62
N SER A 205 13.41 -18.36 13.88
CA SER A 205 12.99 -19.21 15.00
C SER A 205 11.48 -19.16 15.28
N SER A 206 10.78 -18.14 14.77
CA SER A 206 9.34 -18.02 15.01
C SER A 206 8.48 -18.47 13.82
N TYR A 207 9.11 -18.69 12.66
CA TYR A 207 8.37 -19.07 11.45
C TYR A 207 8.15 -20.58 11.36
N ARG A 208 6.91 -20.98 11.08
CA ARG A 208 6.61 -22.34 10.63
C ARG A 208 5.67 -22.26 9.43
N PRO A 209 5.79 -23.20 8.48
CA PRO A 209 4.95 -23.16 7.29
C PRO A 209 3.47 -23.33 7.60
N GLY A 210 2.64 -22.62 6.84
CA GLY A 210 1.18 -22.79 6.91
C GLY A 210 0.45 -22.01 7.99
N ILE A 211 1.17 -21.36 8.90
CA ILE A 211 0.57 -20.64 10.00
C ILE A 211 0.02 -19.29 9.53
N LEU A 212 0.78 -18.60 8.69
CA LEU A 212 0.38 -17.36 8.00
C LEU A 212 0.28 -16.11 8.89
N LEU A 213 -0.35 -16.21 10.05
CA LEU A 213 -0.36 -15.13 11.03
C LEU A 213 0.35 -15.57 12.31
N TRP A 214 1.53 -15.03 12.58
CA TRP A 214 2.27 -15.42 13.76
C TRP A 214 3.02 -14.25 14.38
N HIS A 215 3.49 -14.43 15.60
CA HIS A 215 4.13 -13.37 16.37
C HIS A 215 5.65 -13.48 16.34
N VAL A 216 6.31 -12.36 16.02
CA VAL A 216 7.74 -12.20 16.23
C VAL A 216 7.89 -11.17 17.36
N SER A 217 8.11 -11.65 18.57
CA SER A 217 7.96 -10.81 19.77
C SER A 217 8.96 -9.65 19.84
N SER A 218 10.12 -9.83 19.21
CA SER A 218 11.15 -8.81 19.20
C SER A 218 10.93 -7.73 18.14
N GLN A 219 9.86 -7.85 17.34
CA GLN A 219 9.67 -6.90 16.25
C GLN A 219 9.25 -5.53 16.76
N SER A 220 9.46 -4.54 15.92
CA SER A 220 9.19 -3.15 16.27
C SER A 220 8.78 -2.38 15.02
N LEU A 221 7.55 -1.85 15.03
CA LEU A 221 7.02 -1.09 13.91
C LEU A 221 6.94 0.39 14.30
N SER A 222 7.11 1.26 13.30
CA SER A 222 6.90 2.70 13.49
C SER A 222 5.42 3.03 13.72
N PHE A 223 5.09 4.31 13.82
CA PHE A 223 3.78 4.74 14.32
C PHE A 223 2.93 5.41 13.26
N ASP A 224 1.63 5.36 13.48
CA ASP A 224 0.66 6.04 12.64
C ASP A 224 0.59 7.51 13.07
N SER A 225 0.03 8.35 12.21
CA SER A 225 -0.08 9.77 12.48
C SER A 225 -1.33 10.35 11.83
N SER A 226 -1.82 11.44 12.41
CA SER A 226 -2.93 12.18 11.84
C SER A 226 -2.45 13.49 11.20
N ASN A 227 -1.13 13.69 11.17
CA ASN A 227 -0.51 14.88 10.62
C ASN A 227 -0.54 14.83 9.09
N PRO A 228 -1.28 15.74 8.44
CA PRO A 228 -1.46 15.69 6.98
C PRO A 228 -0.16 15.86 6.17
N GLU A 229 0.85 16.49 6.77
CA GLU A 229 2.19 16.57 6.17
C GLU A 229 2.73 15.20 5.77
N TYR A 230 2.29 14.16 6.48
CA TYR A 230 2.77 12.80 6.23
C TYR A 230 1.90 12.01 5.24
N PHE A 231 0.72 12.53 4.91
CA PHE A 231 -0.22 11.79 4.07
C PHE A 231 0.39 11.57 2.69
N ASP A 232 0.31 10.33 2.21
CA ASP A 232 0.82 9.94 0.91
C ASP A 232 2.30 10.27 0.74
N GLY A 233 3.05 10.21 1.84
CA GLY A 233 4.47 10.56 1.83
C GLY A 233 5.41 9.46 1.42
N TYR A 234 4.93 8.21 1.44
CA TYR A 234 5.71 7.03 1.06
C TYR A 234 7.00 6.93 1.86
N TRP A 235 6.85 7.12 3.16
CA TRP A 235 7.93 7.03 4.13
C TRP A 235 8.31 5.55 4.17
N GLY A 236 9.51 5.24 3.71
CA GLY A 236 9.92 3.84 3.54
C GLY A 236 10.19 3.47 2.10
N TYR A 237 9.93 4.39 1.17
CA TYR A 237 10.25 4.19 -0.24
C TYR A 237 11.72 3.77 -0.37
N SER A 238 12.55 4.33 0.50
CA SER A 238 13.95 3.94 0.61
C SER A 238 14.38 3.97 2.07
N VAL A 239 15.41 3.20 2.39
CA VAL A 239 15.86 3.07 3.77
C VAL A 239 17.36 2.75 3.84
N ALA A 240 18.02 3.23 4.90
CA ALA A 240 19.42 2.92 5.15
C ALA A 240 19.72 3.03 6.65
N VAL A 241 20.88 2.53 7.06
CA VAL A 241 21.28 2.62 8.47
C VAL A 241 22.63 3.29 8.61
N GLY A 242 22.88 3.86 9.78
CA GLY A 242 24.15 4.53 10.05
C GLY A 242 24.29 4.98 11.50
N GLU A 243 25.39 5.70 11.75
CA GLU A 243 25.71 6.20 13.08
C GLU A 243 25.69 7.72 13.05
N PHE A 244 24.68 8.32 13.67
CA PHE A 244 24.44 9.76 13.61
C PHE A 244 24.20 10.46 14.95
N ASP A 245 24.19 9.71 16.05
CA ASP A 245 24.01 10.31 17.39
C ASP A 245 25.23 10.15 18.29
N GLY A 246 26.36 9.71 17.72
CA GLY A 246 27.62 9.62 18.46
C GLY A 246 27.72 8.47 19.45
N ASP A 247 26.62 7.76 19.69
CA ASP A 247 26.60 6.60 20.57
C ASP A 247 26.69 5.33 19.72
N LEU A 248 27.82 4.64 19.81
CA LEU A 248 28.08 3.44 19.01
C LEU A 248 27.22 2.25 19.42
N ASN A 249 26.63 2.32 20.62
CA ASN A 249 25.74 1.26 21.12
C ASN A 249 24.38 1.25 20.40
N THR A 250 23.96 2.42 19.92
CA THR A 250 22.68 2.58 19.22
C THR A 250 22.90 2.63 17.72
N THR A 251 21.88 2.23 16.96
CA THR A 251 21.90 2.31 15.51
C THR A 251 20.78 3.25 15.03
N GLU A 252 21.11 4.11 14.07
CA GLU A 252 20.15 5.06 13.54
C GLU A 252 19.63 4.62 12.17
N TYR A 253 18.38 4.97 11.88
CA TYR A 253 17.77 4.66 10.60
C TYR A 253 17.64 5.92 9.77
N VAL A 254 17.88 5.80 8.47
CA VAL A 254 17.62 6.86 7.52
C VAL A 254 16.47 6.43 6.62
N VAL A 255 15.44 7.25 6.55
CA VAL A 255 14.23 6.89 5.80
C VAL A 255 13.89 7.96 4.77
N GLY A 256 13.63 7.53 3.55
CA GLY A 256 13.20 8.42 2.48
C GLY A 256 11.68 8.44 2.39
N ALA A 257 11.12 9.64 2.28
CA ALA A 257 9.70 9.85 2.12
C ALA A 257 9.54 10.84 0.95
N PRO A 258 9.67 10.32 -0.28
CA PRO A 258 9.83 11.18 -1.46
C PRO A 258 8.67 12.10 -1.82
N THR A 259 7.48 11.84 -1.29
CA THR A 259 6.31 12.67 -1.56
C THR A 259 5.76 13.33 -0.29
N TRP A 260 6.57 13.31 0.78
CA TRP A 260 6.21 13.91 2.06
C TRP A 260 5.81 15.37 1.90
N SER A 261 4.79 15.79 2.66
CA SER A 261 4.31 17.17 2.64
C SER A 261 3.96 17.65 1.23
N TRP A 262 2.88 17.10 0.68
CA TRP A 262 2.36 17.53 -0.62
C TRP A 262 3.44 17.49 -1.72
N THR A 263 4.24 16.44 -1.69
CA THR A 263 5.26 16.16 -2.70
C THR A 263 6.50 17.04 -2.62
N LEU A 264 6.69 17.74 -1.50
CA LEU A 264 7.98 18.41 -1.25
C LEU A 264 9.08 17.36 -1.08
N GLY A 265 8.74 16.26 -0.41
CA GLY A 265 9.69 15.20 -0.16
C GLY A 265 10.52 15.46 1.09
N ALA A 266 11.06 14.39 1.66
CA ALA A 266 11.85 14.49 2.87
C ALA A 266 12.64 13.23 3.11
N VAL A 267 13.73 13.39 3.86
CA VAL A 267 14.46 12.27 4.43
C VAL A 267 14.56 12.51 5.94
N GLU A 268 14.33 11.48 6.73
CA GLU A 268 14.43 11.58 8.18
C GLU A 268 15.52 10.67 8.73
N ILE A 269 16.19 11.15 9.77
CA ILE A 269 17.12 10.31 10.53
C ILE A 269 16.47 10.02 11.87
N LEU A 270 16.38 8.74 12.21
CA LEU A 270 15.62 8.29 13.36
C LEU A 270 16.49 7.44 14.27
N ASP A 271 16.12 7.37 15.56
CA ASP A 271 16.74 6.40 16.45
C ASP A 271 15.99 5.08 16.30
N SER A 272 16.44 4.05 17.00
CA SER A 272 15.89 2.70 16.82
C SER A 272 14.48 2.54 17.42
N TYR A 273 14.06 3.49 18.24
CA TYR A 273 12.68 3.56 18.70
C TYR A 273 11.79 4.40 17.76
N TYR A 274 12.38 4.84 16.64
CA TYR A 274 11.69 5.68 15.65
C TYR A 274 11.39 7.10 16.11
N GLN A 275 12.20 7.63 17.04
CA GLN A 275 12.13 9.05 17.39
C GLN A 275 12.94 9.80 16.36
N ARG A 276 12.35 10.86 15.82
CA ARG A 276 13.02 11.69 14.81
CA ARG A 276 13.02 11.68 14.81
C ARG A 276 14.18 12.44 15.43
N LEU A 277 15.36 12.33 14.83
CA LEU A 277 16.55 13.08 15.26
C LEU A 277 16.80 14.28 14.32
N HIS A 278 16.54 14.10 13.04
N HIS A 278 16.58 14.08 13.03
CA HIS A 278 16.63 15.21 12.09
CA HIS A 278 16.74 15.13 12.01
C HIS A 278 15.76 14.94 10.87
C HIS A 278 15.71 14.93 10.90
N ARG A 279 15.28 16.02 10.27
CA ARG A 279 14.52 15.94 9.02
C ARG A 279 15.18 16.82 7.99
N LEU A 280 15.35 16.29 6.79
CA LEU A 280 15.92 17.03 5.68
C LEU A 280 14.81 17.19 4.66
N ARG A 281 14.45 18.44 4.39
CA ARG A 281 13.32 18.74 3.51
C ARG A 281 13.81 18.84 2.08
N GLY A 282 12.97 18.37 1.16
CA GLY A 282 13.22 18.52 -0.26
C GLY A 282 13.24 19.99 -0.67
N GLU A 283 13.86 20.23 -1.81
CA GLU A 283 14.12 21.58 -2.31
C GLU A 283 13.03 22.01 -3.29
N GLN A 284 12.49 21.06 -4.04
CA GLN A 284 11.59 21.35 -5.14
C GLN A 284 10.53 20.28 -5.24
N MET A 285 9.27 20.70 -5.31
CA MET A 285 8.15 19.78 -5.36
C MET A 285 8.23 18.83 -6.56
N ALA A 286 7.84 17.58 -6.32
CA ALA A 286 7.82 16.51 -7.33
C ALA A 286 9.21 16.03 -7.78
N SER A 287 10.28 16.54 -7.17
CA SER A 287 11.64 16.12 -7.52
C SER A 287 11.97 14.72 -7.01
N TYR A 288 11.13 14.18 -6.13
CA TYR A 288 11.32 12.86 -5.54
C TYR A 288 12.59 12.76 -4.67
N PHE A 289 12.85 13.86 -3.97
CA PHE A 289 13.87 13.93 -2.93
C PHE A 289 13.60 12.87 -1.88
N GLY A 290 14.51 11.90 -1.77
CA GLY A 290 14.31 10.75 -0.90
C GLY A 290 14.08 9.43 -1.64
N HIS A 291 14.08 9.50 -2.98
CA HIS A 291 13.98 8.31 -3.82
C HIS A 291 15.08 7.32 -3.48
N SER A 292 16.29 7.86 -3.30
CA SER A 292 17.45 7.07 -2.93
CA SER A 292 17.44 7.06 -2.92
C SER A 292 18.16 7.74 -1.76
N VAL A 293 18.71 6.94 -0.87
CA VAL A 293 19.51 7.43 0.24
C VAL A 293 20.72 6.53 0.39
N ALA A 294 21.85 7.12 0.79
CA ALA A 294 23.08 6.36 1.02
C ALA A 294 23.84 6.94 2.21
N VAL A 295 24.50 6.06 2.96
CA VAL A 295 25.24 6.46 4.16
C VAL A 295 26.69 5.96 4.07
N THR A 296 27.64 6.88 4.12
CA THR A 296 29.06 6.54 4.06
C THR A 296 29.89 7.76 4.44
N ASP A 297 31.00 7.54 5.14
CA ASP A 297 31.91 8.63 5.50
C ASP A 297 32.78 8.92 4.29
N VAL A 298 32.61 10.11 3.69
CA VAL A 298 33.33 10.47 2.47
C VAL A 298 34.51 11.43 2.68
N ASN A 299 34.58 12.06 3.85
CA ASN A 299 35.67 13.02 4.12
C ASN A 299 36.66 12.54 5.19
N GLY A 300 36.68 11.24 5.42
CA GLY A 300 37.71 10.59 6.22
C GLY A 300 37.81 10.94 7.68
N ASP A 301 36.76 11.51 8.26
CA ASP A 301 36.80 11.93 9.66
C ASP A 301 36.15 10.92 10.62
N GLY A 302 35.68 9.80 10.07
CA GLY A 302 35.11 8.72 10.88
C GLY A 302 33.63 8.84 11.18
N ARG A 303 33.02 9.96 10.78
CA ARG A 303 31.59 10.18 11.01
C ARG A 303 30.84 10.00 9.70
N HIS A 304 29.85 9.10 9.71
CA HIS A 304 29.02 8.83 8.54
C HIS A 304 28.39 10.10 7.96
N ASP A 305 28.40 10.20 6.64
CA ASP A 305 27.76 11.30 5.92
C ASP A 305 26.56 10.78 5.17
N LEU A 306 25.63 11.66 4.83
CA LEU A 306 24.37 11.28 4.20
C LEU A 306 24.30 11.82 2.79
N LEU A 307 23.85 10.97 1.86
CA LEU A 307 23.62 11.35 0.48
C LEU A 307 22.16 11.04 0.13
N VAL A 308 21.49 11.99 -0.52
CA VAL A 308 20.09 11.85 -0.91
C VAL A 308 19.96 12.17 -2.38
N GLY A 309 19.16 11.38 -3.08
CA GLY A 309 18.89 11.59 -4.51
C GLY A 309 17.49 12.13 -4.76
N ALA A 310 17.40 13.09 -5.67
CA ALA A 310 16.13 13.66 -6.14
C ALA A 310 16.19 13.61 -7.66
N PRO A 311 15.85 12.45 -8.24
CA PRO A 311 16.13 12.19 -9.66
C PRO A 311 15.24 12.92 -10.66
N LEU A 312 14.19 13.59 -10.19
CA LEU A 312 13.35 14.39 -11.08
C LEU A 312 13.48 15.88 -10.79
N TYR A 313 14.59 16.26 -10.15
CA TYR A 313 14.87 17.68 -9.90
C TYR A 313 14.99 18.42 -11.22
N MET A 314 14.35 19.59 -11.30
CA MET A 314 14.41 20.43 -12.49
C MET A 314 15.33 21.63 -12.27
N GLU A 315 16.41 21.65 -13.04
CA GLU A 315 17.42 22.70 -12.96
C GLU A 315 16.92 23.95 -13.69
N SER A 316 17.17 25.12 -13.11
CA SER A 316 16.84 26.39 -13.76
C SER A 316 17.80 26.65 -14.91
N ARG A 317 17.27 27.16 -16.02
CA ARG A 317 18.08 27.50 -17.19
C ARG A 317 17.62 28.83 -17.80
N ALA A 318 18.38 29.31 -18.79
CA ALA A 318 18.14 30.64 -19.38
C ALA A 318 16.72 30.84 -19.87
N ASP A 319 16.24 32.08 -19.78
CA ASP A 319 14.86 32.48 -20.14
C ASP A 319 13.78 31.73 -19.33
N ARG A 320 14.02 31.64 -18.02
CA ARG A 320 13.04 31.11 -17.05
C ARG A 320 12.55 29.67 -17.34
N LYS A 321 13.40 28.86 -17.97
CA LYS A 321 13.04 27.50 -18.34
C LYS A 321 13.66 26.47 -17.40
N LEU A 322 12.97 25.34 -17.25
CA LEU A 322 13.36 24.30 -16.32
C LEU A 322 13.68 23.01 -17.07
N ALA A 323 14.66 22.27 -16.57
CA ALA A 323 15.10 21.04 -17.23
C ALA A 323 15.27 19.93 -16.21
N GLU A 324 14.41 18.91 -16.31
CA GLU A 324 14.47 17.75 -15.43
C GLU A 324 15.75 16.98 -15.67
N VAL A 325 16.64 17.00 -14.70
CA VAL A 325 17.95 16.35 -14.82
C VAL A 325 18.32 15.47 -13.62
N GLY A 326 17.67 15.70 -12.46
CA GLY A 326 18.01 14.99 -11.24
C GLY A 326 19.10 15.71 -10.45
N ARG A 327 19.13 15.46 -9.14
CA ARG A 327 20.13 16.05 -8.26
C ARG A 327 20.46 15.12 -7.09
N VAL A 328 21.70 15.20 -6.60
CA VAL A 328 22.14 14.51 -5.40
C VAL A 328 22.69 15.51 -4.38
N TYR A 329 22.30 15.33 -3.11
CA TYR A 329 22.65 16.23 -2.03
C TYR A 329 23.58 15.52 -1.05
N LEU A 330 24.69 16.15 -0.70
CA LEU A 330 25.62 15.59 0.26
C LEU A 330 25.54 16.35 1.58
N PHE A 331 25.30 15.63 2.66
CA PHE A 331 25.30 16.18 4.00
C PHE A 331 26.42 15.55 4.81
N LEU A 332 27.39 16.37 5.21
CA LEU A 332 28.50 15.92 6.04
C LEU A 332 28.10 16.03 7.50
N GLN A 333 28.38 14.99 8.28
CA GLN A 333 28.02 14.98 9.69
C GLN A 333 29.02 15.83 10.45
N PRO A 334 28.55 16.84 11.20
CA PRO A 334 29.45 17.66 12.01
C PRO A 334 29.78 17.03 13.36
N ARG A 335 30.73 17.62 14.06
N ARG A 335 30.74 17.61 14.07
CA ARG A 335 31.18 17.12 15.37
CA ARG A 335 31.16 17.09 15.36
C ARG A 335 30.19 17.46 16.49
C ARG A 335 30.20 17.46 16.48
N GLY A 336 30.12 16.60 17.50
CA GLY A 336 29.28 16.84 18.66
C GLY A 336 27.80 16.64 18.41
N PRO A 337 26.95 17.11 19.33
CA PRO A 337 25.50 16.95 19.22
C PRO A 337 24.81 17.94 18.26
N HIS A 338 25.57 18.52 17.34
CA HIS A 338 25.03 19.50 16.40
C HIS A 338 24.22 18.81 15.30
N ALA A 339 23.34 19.58 14.65
CA ALA A 339 22.47 19.05 13.61
C ALA A 339 23.19 19.01 12.27
N LEU A 340 22.69 18.16 11.37
CA LEU A 340 23.09 18.20 9.97
C LEU A 340 22.56 19.51 9.40
N GLY A 341 23.45 20.33 8.87
CA GLY A 341 23.06 21.64 8.36
C GLY A 341 22.54 21.58 6.93
N ALA A 342 22.83 22.63 6.18
CA ALA A 342 22.55 22.66 4.75
C ALA A 342 23.52 21.71 4.02
N PRO A 343 23.27 21.43 2.74
CA PRO A 343 24.14 20.50 2.02
C PRO A 343 25.56 21.06 1.84
N SER A 344 26.57 20.20 2.01
CA SER A 344 27.95 20.59 1.76
C SER A 344 28.23 20.66 0.27
N LEU A 345 27.47 19.91 -0.52
CA LEU A 345 27.64 19.89 -1.98
C LEU A 345 26.37 19.43 -2.68
N LEU A 346 26.11 20.00 -3.86
CA LEU A 346 25.02 19.59 -4.73
C LEU A 346 25.57 19.11 -6.06
N LEU A 347 25.31 17.86 -6.40
CA LEU A 347 25.63 17.30 -7.71
C LEU A 347 24.34 17.27 -8.54
N THR A 348 24.39 17.85 -9.74
CA THR A 348 23.22 17.99 -10.60
C THR A 348 23.48 17.28 -11.93
N GLY A 349 22.50 16.53 -12.41
CA GLY A 349 22.61 15.81 -13.69
C GLY A 349 22.71 16.78 -14.85
N THR A 350 23.24 16.31 -15.98
CA THR A 350 23.42 17.14 -17.18
C THR A 350 22.52 16.74 -18.34
N GLN A 351 22.05 15.50 -18.37
CA GLN A 351 21.19 15.02 -19.46
C GLN A 351 19.71 15.12 -19.10
N LEU A 352 18.93 15.76 -19.97
CA LEU A 352 17.49 15.87 -19.81
C LEU A 352 16.86 14.47 -19.65
N TYR A 353 16.06 14.33 -18.59
CA TYR A 353 15.34 13.08 -18.27
C TYR A 353 16.27 11.94 -17.87
N GLY A 354 17.50 12.27 -17.49
CA GLY A 354 18.50 11.26 -17.16
C GLY A 354 18.28 10.57 -15.82
N ARG A 355 17.60 11.26 -14.91
CA ARG A 355 17.33 10.76 -13.56
C ARG A 355 18.61 10.49 -12.77
N PHE A 356 19.51 11.45 -12.82
CA PHE A 356 20.69 11.45 -11.98
C PHE A 356 20.25 11.41 -10.53
N GLY A 357 20.87 10.54 -9.74
CA GLY A 357 20.49 10.38 -8.34
C GLY A 357 19.35 9.39 -8.13
N SER A 358 19.10 8.56 -9.14
CA SER A 358 18.11 7.51 -9.05
C SER A 358 18.65 6.35 -8.19
N ALA A 359 19.96 6.21 -8.13
CA ALA A 359 20.61 5.24 -7.24
C ALA A 359 21.94 5.80 -6.79
N ILE A 360 22.28 5.59 -5.52
CA ILE A 360 23.54 6.05 -4.93
C ILE A 360 24.15 4.90 -4.16
N ALA A 361 25.39 4.53 -4.49
CA ALA A 361 26.05 3.38 -3.87
C ALA A 361 27.40 3.76 -3.27
N PRO A 362 27.60 3.49 -1.97
CA PRO A 362 28.93 3.58 -1.40
C PRO A 362 29.86 2.56 -2.03
N LEU A 363 31.06 2.99 -2.42
CA LEU A 363 32.02 2.14 -3.12
C LEU A 363 33.11 1.59 -2.19
N GLY A 364 33.13 2.08 -0.94
CA GLY A 364 34.30 1.91 -0.09
C GLY A 364 35.37 2.82 -0.64
N ASP A 365 36.63 2.47 -0.41
CA ASP A 365 37.76 3.25 -0.93
C ASP A 365 38.23 2.62 -2.24
N LEU A 366 37.73 3.15 -3.36
CA LEU A 366 37.99 2.58 -4.68
C LEU A 366 39.45 2.66 -5.08
N ASP A 367 40.11 3.75 -4.69
CA ASP A 367 41.51 3.98 -5.06
C ASP A 367 42.50 3.87 -3.89
N ARG A 368 42.01 3.47 -2.72
CA ARG A 368 42.85 3.20 -1.54
C ARG A 368 43.72 4.39 -1.12
N ASP A 369 43.16 5.59 -1.16
CA ASP A 369 43.87 6.79 -0.74
C ASP A 369 43.48 7.27 0.68
N GLY A 370 42.50 6.60 1.27
CA GLY A 370 42.05 6.93 2.64
C GLY A 370 40.64 7.48 2.74
N TYR A 371 40.12 8.04 1.64
CA TYR A 371 38.76 8.59 1.59
C TYR A 371 37.83 7.65 0.82
N ASN A 372 36.65 7.38 1.39
CA ASN A 372 35.63 6.57 0.72
C ASN A 372 35.01 7.28 -0.47
N ASP A 373 34.44 6.50 -1.39
CA ASP A 373 33.95 7.00 -2.65
C ASP A 373 32.51 6.54 -2.88
N ILE A 374 31.83 7.17 -3.84
CA ILE A 374 30.47 6.79 -4.21
C ILE A 374 30.29 6.71 -5.73
N ALA A 375 29.23 6.01 -6.13
CA ALA A 375 28.76 6.00 -7.50
C ALA A 375 27.29 6.45 -7.53
N VAL A 376 26.96 7.32 -8.48
CA VAL A 376 25.60 7.81 -8.66
C VAL A 376 25.13 7.37 -10.04
N ALA A 377 23.93 6.79 -10.12
CA ALA A 377 23.38 6.35 -11.39
C ALA A 377 22.46 7.39 -12.01
N ALA A 378 22.61 7.57 -13.32
CA ALA A 378 21.68 8.34 -14.14
C ALA A 378 21.17 7.37 -15.22
N PRO A 379 20.13 6.57 -14.89
CA PRO A 379 19.67 5.46 -15.74
C PRO A 379 19.24 5.80 -17.16
N TYR A 380 18.96 7.06 -17.44
CA TYR A 380 18.63 7.49 -18.80
C TYR A 380 19.52 8.63 -19.25
N GLY A 381 20.71 8.71 -18.65
CA GLY A 381 21.69 9.74 -18.95
C GLY A 381 22.59 9.36 -20.11
N GLY A 382 23.59 10.23 -20.36
CA GLY A 382 24.42 10.13 -21.55
C GLY A 382 23.76 10.80 -22.75
N PRO A 383 24.54 11.18 -23.77
CA PRO A 383 23.97 11.81 -24.98
C PRO A 383 22.87 11.00 -25.67
N SER A 384 23.00 9.68 -25.68
CA SER A 384 22.03 8.81 -26.34
C SER A 384 20.88 8.39 -25.41
N GLY A 385 21.05 8.60 -24.10
CA GLY A 385 20.02 8.26 -23.12
C GLY A 385 20.00 6.80 -22.69
N ARG A 386 21.03 6.04 -23.05
CA ARG A 386 21.10 4.62 -22.70
C ARG A 386 21.37 4.37 -21.21
N GLY A 387 21.97 5.36 -20.54
CA GLY A 387 22.26 5.25 -19.13
C GLY A 387 23.73 5.45 -18.82
N GLN A 388 24.01 5.87 -17.58
CA GLN A 388 25.34 6.29 -17.17
C GLN A 388 25.50 6.11 -15.66
N VAL A 389 26.67 5.64 -15.23
CA VAL A 389 27.02 5.63 -13.82
C VAL A 389 28.28 6.48 -13.61
N LEU A 390 28.22 7.39 -12.65
CA LEU A 390 29.28 8.36 -12.42
C LEU A 390 29.97 8.10 -11.08
N VAL A 391 31.30 8.02 -11.09
CA VAL A 391 32.08 7.78 -9.88
C VAL A 391 32.65 9.09 -9.32
N PHE A 392 32.33 9.37 -8.06
CA PHE A 392 32.87 10.52 -7.35
C PHE A 392 33.76 10.06 -6.21
N LEU A 393 34.99 10.56 -6.18
CA LEU A 393 35.93 10.23 -5.11
C LEU A 393 35.79 11.19 -3.94
N GLY A 394 35.90 10.65 -2.73
CA GLY A 394 35.87 11.46 -1.52
C GLY A 394 37.19 12.18 -1.28
N GLN A 395 37.14 13.25 -0.52
CA GLN A 395 38.31 14.04 -0.15
C GLN A 395 38.01 14.81 1.15
N SER A 396 39.00 15.51 1.68
CA SER A 396 38.83 16.27 2.93
C SER A 396 37.63 17.23 2.88
N GLU A 397 37.41 17.84 1.72
CA GLU A 397 36.33 18.82 1.54
C GLU A 397 34.95 18.16 1.34
N GLY A 398 34.94 16.84 1.13
CA GLY A 398 33.69 16.08 0.97
C GLY A 398 33.75 15.16 -0.25
N LEU A 399 33.11 15.59 -1.34
CA LEU A 399 33.26 14.94 -2.64
C LEU A 399 33.71 15.98 -3.64
N ARG A 400 34.30 15.51 -4.74
CA ARG A 400 34.68 16.39 -5.85
C ARG A 400 33.44 16.56 -6.72
N SER A 401 33.24 17.77 -7.24
CA SER A 401 32.10 18.05 -8.13
C SER A 401 32.21 17.34 -9.48
N ARG A 402 33.45 17.17 -9.96
CA ARG A 402 33.71 16.52 -11.23
CA ARG A 402 33.69 16.52 -11.23
C ARG A 402 33.86 15.03 -11.02
N PRO A 403 33.12 14.20 -11.79
CA PRO A 403 33.32 12.77 -11.58
C PRO A 403 34.71 12.31 -12.00
N SER A 404 35.28 11.38 -11.25
CA SER A 404 36.57 10.78 -11.57
C SER A 404 36.48 9.91 -12.82
N GLN A 405 35.31 9.32 -13.03
CA GLN A 405 35.11 8.37 -14.12
C GLN A 405 33.63 8.25 -14.46
N VAL A 406 33.34 8.03 -15.74
CA VAL A 406 31.98 7.83 -16.21
C VAL A 406 31.87 6.45 -16.85
N LEU A 407 30.84 5.71 -16.46
CA LEU A 407 30.56 4.39 -17.04
C LEU A 407 29.34 4.52 -17.93
N ASP A 408 29.52 4.38 -19.24
CA ASP A 408 28.42 4.39 -20.19
C ASP A 408 27.80 3.01 -20.29
N SER A 409 26.47 2.95 -20.41
CA SER A 409 25.77 1.68 -20.58
C SER A 409 26.29 0.92 -21.79
N PRO A 410 26.61 -0.36 -21.61
CA PRO A 410 26.90 -1.24 -22.73
C PRO A 410 25.64 -1.95 -23.28
N PHE A 411 24.48 -1.64 -22.71
CA PHE A 411 23.21 -2.23 -23.14
C PHE A 411 22.40 -1.29 -24.03
N PRO A 412 21.41 -1.83 -24.78
CA PRO A 412 20.60 -0.98 -25.66
C PRO A 412 19.64 -0.06 -24.90
N THR A 413 18.97 0.81 -25.64
CA THR A 413 17.97 1.75 -25.09
C THR A 413 16.89 1.02 -24.30
N GLY A 414 16.52 1.59 -23.16
CA GLY A 414 15.48 1.02 -22.29
C GLY A 414 15.97 0.11 -21.19
N SER A 415 17.28 -0.12 -21.12
CA SER A 415 17.85 -1.08 -20.15
C SER A 415 17.74 -0.63 -18.69
N ALA A 416 17.61 0.67 -18.46
CA ALA A 416 17.62 1.25 -17.12
C ALA A 416 18.94 0.97 -16.41
N PHE A 417 20.01 0.90 -17.18
CA PHE A 417 21.37 0.72 -16.66
C PHE A 417 21.64 1.69 -15.51
N GLY A 418 21.87 1.14 -14.32
CA GLY A 418 22.19 1.95 -13.14
C GLY A 418 21.05 2.04 -12.15
N PHE A 419 19.85 1.67 -12.57
CA PHE A 419 18.69 1.66 -11.68
C PHE A 419 18.97 0.96 -10.35
N SER A 420 19.89 0.00 -10.36
CA SER A 420 20.37 -0.63 -9.13
C SER A 420 21.90 -0.74 -9.15
N LEU A 421 22.50 -0.59 -7.98
CA LEU A 421 23.95 -0.48 -7.83
C LEU A 421 24.40 -1.04 -6.49
N ARG A 422 25.56 -1.69 -6.48
CA ARG A 422 26.22 -2.08 -5.23
C ARG A 422 27.73 -2.11 -5.38
N GLY A 423 28.42 -1.64 -4.33
CA GLY A 423 29.88 -1.66 -4.29
C GLY A 423 30.41 -2.06 -2.92
N ALA A 424 31.66 -1.69 -2.65
CA ALA A 424 32.29 -1.86 -1.33
C ALA A 424 32.68 -3.30 -1.00
N VAL A 425 32.63 -4.19 -1.98
CA VAL A 425 33.03 -5.59 -1.79
C VAL A 425 34.02 -5.97 -2.88
N ASP A 426 35.08 -6.65 -2.48
CA ASP A 426 36.12 -7.11 -3.42
C ASP A 426 35.75 -8.51 -3.89
N ILE A 427 35.11 -8.60 -5.06
CA ILE A 427 34.59 -9.88 -5.57
C ILE A 427 35.69 -10.83 -6.08
N ASP A 428 36.77 -10.29 -6.64
CA ASP A 428 37.85 -11.12 -7.21
C ASP A 428 39.11 -11.19 -6.35
N ASP A 429 39.06 -10.64 -5.14
CA ASP A 429 40.12 -10.79 -4.15
C ASP A 429 41.45 -10.11 -4.56
N ASN A 430 41.37 -9.02 -5.31
CA ASN A 430 42.55 -8.28 -5.75
C ASN A 430 42.96 -7.14 -4.80
N GLY A 431 42.18 -6.92 -3.74
CA GLY A 431 42.45 -5.86 -2.76
C GLY A 431 41.74 -4.54 -3.04
N TYR A 432 40.94 -4.49 -4.10
CA TYR A 432 40.21 -3.28 -4.48
C TYR A 432 38.72 -3.60 -4.59
N PRO A 433 37.86 -2.75 -4.02
CA PRO A 433 36.42 -3.01 -4.05
C PRO A 433 35.81 -2.75 -5.43
N ASP A 434 34.82 -3.57 -5.79
CA ASP A 434 34.28 -3.61 -7.14
C ASP A 434 32.84 -3.12 -7.20
N LEU A 435 32.30 -2.99 -8.40
CA LEU A 435 30.97 -2.42 -8.61
C LEU A 435 30.10 -3.36 -9.42
N ILE A 436 28.85 -3.54 -8.99
CA ILE A 436 27.88 -4.27 -9.79
C ILE A 436 26.72 -3.35 -10.15
N VAL A 437 26.36 -3.34 -11.43
CA VAL A 437 25.32 -2.47 -11.97
C VAL A 437 24.23 -3.29 -12.65
N GLY A 438 22.99 -3.13 -12.18
CA GLY A 438 21.85 -3.82 -12.76
C GLY A 438 21.22 -3.03 -13.91
N ALA A 439 20.75 -3.76 -14.90
CA ALA A 439 20.05 -3.18 -16.05
C ALA A 439 18.80 -4.02 -16.30
N TYR A 440 17.79 -3.80 -15.46
CA TYR A 440 16.61 -4.66 -15.46
C TYR A 440 15.88 -4.69 -16.80
N GLY A 441 15.90 -3.58 -17.51
CA GLY A 441 15.27 -3.48 -18.82
C GLY A 441 15.89 -4.42 -19.83
N ALA A 442 17.18 -4.72 -19.66
CA ALA A 442 17.90 -5.66 -20.52
C ALA A 442 18.05 -7.04 -19.85
N ASN A 443 17.44 -7.22 -18.70
CA ASN A 443 17.51 -8.48 -17.93
C ASN A 443 18.96 -8.93 -17.69
N GLN A 444 19.83 -7.97 -17.35
CA GLN A 444 21.24 -8.27 -17.14
C GLN A 444 21.87 -7.48 -16.01
N VAL A 445 23.05 -7.94 -15.60
CA VAL A 445 23.87 -7.29 -14.59
C VAL A 445 25.32 -7.19 -15.09
N ALA A 446 25.93 -6.03 -14.96
CA ALA A 446 27.31 -5.81 -15.35
C ALA A 446 28.20 -5.66 -14.12
N VAL A 447 29.37 -6.30 -14.14
CA VAL A 447 30.34 -6.20 -13.04
C VAL A 447 31.59 -5.47 -13.51
N TYR A 448 31.94 -4.40 -12.80
CA TYR A 448 33.15 -3.64 -13.08
C TYR A 448 34.16 -3.91 -11.97
N ARG A 449 35.37 -4.30 -12.35
CA ARG A 449 36.45 -4.56 -11.40
C ARG A 449 37.40 -3.37 -11.28
N ALA A 450 37.74 -3.03 -10.05
CA ALA A 450 38.75 -2.00 -9.79
C ALA A 450 40.14 -2.58 -10.00
N GLN A 451 41.01 -1.82 -10.68
CA GLN A 451 42.37 -2.25 -10.93
C GLN A 451 43.35 -1.28 -10.27
N PRO A 452 44.59 -1.73 -10.01
CA PRO A 452 45.64 -0.83 -9.48
C PRO A 452 45.86 0.42 -10.34
N GLY B 1 13.15 69.54 -76.68
CA GLY B 1 12.16 70.21 -77.57
C GLY B 1 11.05 69.27 -78.02
N PRO B 2 11.37 68.32 -78.91
CA PRO B 2 10.35 67.37 -79.41
C PRO B 2 9.99 66.31 -78.36
N ASN B 3 8.71 65.91 -78.34
CA ASN B 3 8.24 64.91 -77.37
C ASN B 3 8.00 63.55 -78.02
N ILE B 4 7.78 62.54 -77.19
CA ILE B 4 7.71 61.16 -77.64
C ILE B 4 6.48 60.89 -78.51
N CYS B 5 5.38 61.60 -78.23
CA CYS B 5 4.15 61.44 -78.97
C CYS B 5 4.30 61.82 -80.45
N THR B 6 4.95 62.96 -80.70
CA THR B 6 5.11 63.45 -82.08
C THR B 6 6.18 62.71 -82.87
N THR B 7 7.21 62.20 -82.19
CA THR B 7 8.40 61.69 -82.88
C THR B 7 8.47 60.15 -82.96
N ARG B 8 7.32 59.49 -83.11
CA ARG B 8 7.28 58.02 -83.18
C ARG B 8 6.20 57.51 -84.12
N GLY B 9 6.47 57.60 -85.41
CA GLY B 9 5.58 57.07 -86.45
C GLY B 9 4.19 57.69 -86.45
N VAL B 10 3.36 57.22 -85.52
CA VAL B 10 1.95 57.65 -85.36
C VAL B 10 1.22 57.81 -86.70
N SER B 11 0.92 56.65 -87.30
CA SER B 11 0.08 56.59 -88.50
C SER B 11 -1.41 56.64 -88.13
N SER B 12 -1.74 56.39 -86.86
CA SER B 12 -3.14 56.32 -86.43
C SER B 12 -3.33 56.68 -84.96
N CYS B 13 -4.60 56.91 -84.59
CA CYS B 13 -4.98 57.19 -83.20
C CYS B 13 -4.57 56.07 -82.25
N GLN B 14 -4.79 54.83 -82.67
CA GLN B 14 -4.46 53.65 -81.85
C GLN B 14 -2.97 53.57 -81.52
N GLN B 15 -2.12 53.83 -82.53
CA GLN B 15 -0.67 53.83 -82.33
C GLN B 15 -0.23 54.96 -81.41
N CYS B 16 -0.96 56.07 -81.47
CA CYS B 16 -0.71 57.23 -80.62
C CYS B 16 -0.91 56.93 -79.14
N LEU B 17 -2.02 56.26 -78.81
CA LEU B 17 -2.30 55.89 -77.41
C LEU B 17 -1.28 54.90 -76.87
N ALA B 18 -0.81 53.99 -77.72
CA ALA B 18 0.12 52.93 -77.32
C ALA B 18 1.53 53.45 -77.01
N VAL B 19 1.85 54.64 -77.48
CA VAL B 19 3.17 55.26 -77.25
C VAL B 19 3.39 55.61 -75.77
N SER B 20 2.41 56.29 -75.17
CA SER B 20 2.52 56.74 -73.79
C SER B 20 1.16 57.21 -73.26
N PRO B 21 0.95 57.10 -71.93
CA PRO B 21 -0.29 57.64 -71.33
C PRO B 21 -0.50 59.15 -71.44
N MET B 22 0.56 59.91 -71.74
CA MET B 22 0.45 61.37 -71.83
C MET B 22 0.03 61.87 -73.22
N CYS B 23 -0.03 60.96 -74.19
CA CYS B 23 -0.32 61.33 -75.58
C CYS B 23 -1.82 61.53 -75.81
N ALA B 24 -2.13 62.48 -76.68
CA ALA B 24 -3.50 62.75 -77.10
C ALA B 24 -3.52 62.81 -78.64
N TRP B 25 -4.70 62.55 -79.22
CA TRP B 25 -4.86 62.56 -80.66
C TRP B 25 -5.93 63.56 -81.07
N CYS B 26 -5.64 64.34 -82.10
CA CYS B 26 -6.56 65.34 -82.64
C CYS B 26 -7.26 64.76 -83.87
N SER B 27 -8.60 64.80 -83.86
CA SER B 27 -9.41 64.33 -84.99
C SER B 27 -9.96 65.49 -85.83
N ASP B 28 -9.64 66.71 -85.45
CA ASP B 28 -10.14 67.90 -86.14
C ASP B 28 -9.58 68.00 -87.56
N GLU B 29 -10.48 67.95 -88.53
CA GLU B 29 -10.11 68.04 -89.95
C GLU B 29 -9.70 69.46 -90.34
N ALA B 30 -10.11 70.45 -89.55
CA ALA B 30 -9.72 71.85 -89.77
C ALA B 30 -8.28 72.13 -89.35
N LEU B 31 -7.67 71.21 -88.60
CA LEU B 31 -6.25 71.32 -88.24
C LEU B 31 -5.39 71.28 -89.51
N PRO B 32 -4.37 72.15 -89.59
CA PRO B 32 -3.51 72.17 -90.79
C PRO B 32 -2.60 70.96 -90.87
N LEU B 33 -2.01 70.74 -92.04
CA LEU B 33 -1.14 69.59 -92.28
C LEU B 33 0.19 69.71 -91.54
N GLY B 34 0.62 70.94 -91.27
CA GLY B 34 1.85 71.20 -90.52
C GLY B 34 1.83 70.68 -89.09
N SER B 35 0.67 70.77 -88.42
CA SER B 35 0.55 70.36 -87.02
C SER B 35 0.46 68.83 -86.86
N PRO B 36 1.14 68.28 -85.84
CA PRO B 36 1.08 66.84 -85.58
C PRO B 36 -0.25 66.45 -84.94
N ARG B 37 -0.73 65.25 -85.26
CA ARG B 37 -1.98 64.76 -84.68
C ARG B 37 -1.76 64.08 -83.34
N CYS B 38 -0.66 63.35 -83.19
CA CYS B 38 -0.28 62.76 -81.90
C CYS B 38 0.70 63.67 -81.15
N ASP B 39 0.24 64.21 -80.02
CA ASP B 39 1.00 65.20 -79.24
C ASP B 39 0.46 65.23 -77.80
N LEU B 40 1.04 66.07 -76.95
CA LEU B 40 0.48 66.35 -75.64
C LEU B 40 -0.82 67.13 -75.82
N LYS B 41 -1.76 66.94 -74.90
CA LYS B 41 -3.06 67.62 -74.97
C LYS B 41 -2.89 69.15 -74.96
N GLU B 42 -1.90 69.62 -74.21
CA GLU B 42 -1.61 71.05 -74.13
C GLU B 42 -1.19 71.59 -75.50
N ASN B 43 -0.31 70.86 -76.17
CA ASN B 43 0.21 71.26 -77.48
C ASN B 43 -0.85 71.29 -78.58
N LEU B 44 -1.88 70.45 -78.43
CA LEU B 44 -2.98 70.39 -79.41
C LEU B 44 -3.90 71.60 -79.26
N LEU B 45 -4.34 71.87 -78.02
CA LEU B 45 -5.20 73.03 -77.74
C LEU B 45 -4.49 74.34 -78.11
N LYS B 46 -3.20 74.41 -77.84
CA LYS B 46 -2.38 75.56 -78.20
C LYS B 46 -2.25 75.71 -79.72
N ASP B 47 -2.37 74.60 -80.45
CA ASP B 47 -2.37 74.61 -81.92
C ASP B 47 -3.78 74.56 -82.53
N ASN B 48 -4.75 75.09 -81.78
CA ASN B 48 -6.11 75.32 -82.28
C ASN B 48 -6.90 74.08 -82.70
N CYS B 49 -6.60 72.93 -82.09
CA CYS B 49 -7.41 71.73 -82.30
C CYS B 49 -8.67 71.85 -81.45
N ALA B 50 -9.82 71.50 -82.03
CA ALA B 50 -11.11 71.62 -81.35
C ALA B 50 -11.16 70.74 -80.10
N PRO B 51 -11.52 71.32 -78.94
CA PRO B 51 -11.61 70.58 -77.67
C PRO B 51 -12.44 69.29 -77.72
N GLU B 52 -13.49 69.29 -78.54
CA GLU B 52 -14.35 68.12 -78.70
C GLU B 52 -13.66 66.99 -79.48
N SER B 53 -12.79 67.36 -80.42
CA SER B 53 -12.13 66.41 -81.31
C SER B 53 -10.89 65.72 -80.71
N ILE B 54 -10.44 66.21 -79.56
CA ILE B 54 -9.28 65.62 -78.88
C ILE B 54 -9.63 64.28 -78.23
N GLU B 55 -8.81 63.27 -78.50
CA GLU B 55 -8.96 61.95 -77.87
C GLU B 55 -7.90 61.78 -76.80
N PHE B 56 -8.34 61.64 -75.55
CA PHE B 56 -7.44 61.51 -74.40
C PHE B 56 -8.09 60.69 -73.29
N PRO B 57 -8.08 59.35 -73.44
CA PRO B 57 -8.61 58.45 -72.41
C PRO B 57 -7.94 58.65 -71.05
N VAL B 58 -8.75 58.68 -70.00
CA VAL B 58 -8.25 58.78 -68.64
C VAL B 58 -8.59 57.48 -67.92
N SER B 59 -7.58 56.84 -67.33
CA SER B 59 -7.78 55.62 -66.55
C SER B 59 -8.60 55.90 -65.30
N GLU B 60 -9.55 55.02 -65.01
CA GLU B 60 -10.47 55.20 -63.87
C GLU B 60 -10.56 53.94 -63.00
N ALA B 61 -11.10 54.12 -61.81
CA ALA B 61 -11.43 53.02 -60.91
C ALA B 61 -12.82 53.25 -60.34
N ARG B 62 -13.80 52.47 -60.80
CA ARG B 62 -15.18 52.58 -60.29
C ARG B 62 -15.51 51.45 -59.31
N VAL B 63 -16.05 51.82 -58.15
CA VAL B 63 -16.54 50.85 -57.18
C VAL B 63 -17.88 50.30 -57.68
N LEU B 64 -18.01 48.97 -57.68
CA LEU B 64 -19.24 48.31 -58.12
C LEU B 64 -20.07 47.82 -56.91
N GLU B 65 -19.42 47.09 -56.01
CA GLU B 65 -20.05 46.63 -54.77
C GLU B 65 -19.32 47.24 -53.57
N ASP B 66 -20.04 47.99 -52.74
CA ASP B 66 -19.43 48.71 -51.62
C ASP B 66 -20.25 48.52 -50.33
N ARG B 67 -20.56 47.27 -50.00
CA ARG B 67 -21.24 46.94 -48.76
C ARG B 67 -20.34 47.32 -47.57
N PRO B 68 -20.89 48.06 -46.59
CA PRO B 68 -20.05 48.58 -45.51
C PRO B 68 -19.54 47.48 -44.56
N LEU B 69 -18.43 47.76 -43.89
CA LEU B 69 -17.85 46.83 -42.93
C LEU B 69 -18.80 46.62 -41.75
N SER B 70 -18.93 45.36 -41.31
CA SER B 70 -19.89 45.00 -40.27
C SER B 70 -19.46 45.49 -38.88
N ASP B 71 -20.46 45.72 -38.01
CA ASP B 71 -20.24 46.04 -36.61
C ASP B 71 -20.81 44.89 -35.77
N LYS B 72 -21.12 45.16 -34.50
CA LYS B 72 -21.82 44.20 -33.65
C LYS B 72 -22.74 44.92 -32.66
N GLN B 79 -24.28 37.63 -42.39
CA GLN B 79 -23.58 37.77 -43.65
C GLN B 79 -22.11 38.09 -43.42
N VAL B 80 -21.85 39.14 -42.64
CA VAL B 80 -20.50 39.52 -42.20
C VAL B 80 -19.59 40.00 -43.33
N THR B 81 -19.40 41.32 -43.41
CA THR B 81 -18.49 41.94 -44.37
C THR B 81 -17.23 42.41 -43.66
N GLN B 82 -16.08 41.89 -44.10
CA GLN B 82 -14.78 42.22 -43.50
C GLN B 82 -13.83 42.95 -44.46
N VAL B 83 -14.16 42.95 -45.75
CA VAL B 83 -13.39 43.69 -46.75
C VAL B 83 -14.33 44.66 -47.48
N SER B 84 -13.83 45.89 -47.70
CA SER B 84 -14.62 46.95 -48.31
C SER B 84 -13.72 47.86 -49.14
N PRO B 85 -14.05 48.07 -50.42
CA PRO B 85 -15.19 47.52 -51.16
C PRO B 85 -14.95 46.07 -51.60
N GLN B 86 -15.96 45.45 -52.20
CA GLN B 86 -15.89 44.04 -52.59
C GLN B 86 -15.61 43.85 -54.09
N ARG B 87 -16.11 44.77 -54.92
CA ARG B 87 -15.88 44.67 -56.37
C ARG B 87 -15.56 46.05 -56.99
N ILE B 88 -14.50 46.09 -57.79
CA ILE B 88 -14.02 47.32 -58.46
CA ILE B 88 -14.09 47.31 -58.47
C ILE B 88 -13.79 47.05 -59.94
N ALA B 89 -14.09 48.05 -60.78
CA ALA B 89 -13.80 47.99 -62.22
C ALA B 89 -12.66 48.95 -62.54
N LEU B 90 -11.49 48.42 -62.90
CA LEU B 90 -10.36 49.25 -63.34
C LEU B 90 -10.36 49.34 -64.87
N ARG B 91 -10.28 50.57 -65.38
CA ARG B 91 -10.14 50.80 -66.81
C ARG B 91 -8.77 51.43 -67.07
N LEU B 92 -7.92 50.72 -67.81
CA LEU B 92 -6.54 51.14 -68.05
C LEU B 92 -6.25 51.36 -69.52
N ARG B 93 -5.53 52.44 -69.82
CA ARG B 93 -4.99 52.66 -71.16
C ARG B 93 -3.57 52.07 -71.19
N PRO B 94 -2.99 51.87 -72.39
CA PRO B 94 -1.70 51.17 -72.51
C PRO B 94 -0.57 51.72 -71.64
N ASP B 95 0.15 50.81 -70.97
CA ASP B 95 1.27 51.14 -70.09
C ASP B 95 0.93 52.06 -68.90
N ASP B 96 -0.36 52.19 -68.59
CA ASP B 96 -0.80 53.12 -67.56
C ASP B 96 -1.06 52.38 -66.24
N SER B 97 -1.27 53.14 -65.17
CA SER B 97 -1.64 52.58 -63.88
C SER B 97 -2.81 53.34 -63.25
N LYS B 98 -3.34 52.77 -62.18
CA LYS B 98 -4.41 53.40 -61.42
C LYS B 98 -4.41 52.81 -60.02
N ASN B 99 -4.65 53.64 -59.00
CA ASN B 99 -4.72 53.17 -57.63
C ASN B 99 -6.15 53.00 -57.15
N PHE B 100 -6.31 52.30 -56.04
CA PHE B 100 -7.59 52.14 -55.39
C PHE B 100 -7.37 51.74 -53.94
N SER B 101 -8.36 52.00 -53.11
CA SER B 101 -8.26 51.72 -51.68
C SER B 101 -9.04 50.46 -51.33
N ILE B 102 -8.60 49.80 -50.26
CA ILE B 102 -9.29 48.64 -49.71
C ILE B 102 -9.22 48.75 -48.18
N GLN B 103 -10.33 48.47 -47.52
CA GLN B 103 -10.38 48.42 -46.06
C GLN B 103 -10.63 46.97 -45.62
N VAL B 104 -9.99 46.57 -44.52
CA VAL B 104 -10.14 45.22 -43.99
C VAL B 104 -10.35 45.31 -42.47
N ARG B 105 -11.38 44.62 -41.98
CA ARG B 105 -11.72 44.66 -40.55
C ARG B 105 -11.84 43.25 -40.01
N GLN B 106 -11.27 43.01 -38.83
CA GLN B 106 -11.44 41.75 -38.12
C GLN B 106 -12.78 41.79 -37.38
N VAL B 107 -13.78 41.12 -37.96
CA VAL B 107 -15.13 41.10 -37.39
C VAL B 107 -15.45 39.74 -36.75
N GLU B 108 -15.06 38.66 -37.43
CA GLU B 108 -15.36 37.32 -36.95
CA GLU B 108 -15.34 37.31 -36.96
C GLU B 108 -14.55 36.98 -35.69
N ASP B 109 -15.21 36.27 -34.76
CA ASP B 109 -14.60 35.90 -33.49
C ASP B 109 -13.45 34.92 -33.70
N TYR B 110 -12.48 34.96 -32.79
CA TYR B 110 -11.30 34.10 -32.89
C TYR B 110 -11.62 32.67 -32.46
N PRO B 111 -11.05 31.68 -33.15
CA PRO B 111 -11.30 30.27 -32.83
C PRO B 111 -10.61 29.83 -31.53
N VAL B 112 -11.38 29.25 -30.63
CA VAL B 112 -10.86 28.77 -29.35
C VAL B 112 -11.34 27.34 -29.10
N ASP B 113 -10.39 26.48 -28.74
CA ASP B 113 -10.67 25.10 -28.35
C ASP B 113 -10.59 24.99 -26.84
N ILE B 114 -11.67 24.50 -26.23
CA ILE B 114 -11.66 24.19 -24.79
C ILE B 114 -11.91 22.70 -24.60
N TYR B 115 -10.94 22.01 -24.00
CA TYR B 115 -11.13 20.62 -23.63
C TYR B 115 -11.15 20.51 -22.12
N TYR B 116 -12.20 19.91 -21.60
CA TYR B 116 -12.50 19.91 -20.18
C TYR B 116 -12.23 18.51 -19.58
N LEU B 117 -11.39 18.44 -18.56
CA LEU B 117 -11.06 17.18 -17.91
C LEU B 117 -11.75 17.09 -16.55
N MET B 118 -12.68 16.16 -16.42
CA MET B 118 -13.48 15.97 -15.21
C MET B 118 -12.90 14.88 -14.30
N ASP B 119 -12.52 15.25 -13.08
CA ASP B 119 -12.21 14.27 -12.03
C ASP B 119 -13.55 13.64 -11.61
N LEU B 120 -13.75 12.36 -11.92
CA LEU B 120 -14.97 11.64 -11.51
C LEU B 120 -14.71 10.59 -10.44
N SER B 121 -13.69 10.82 -9.61
CA SER B 121 -13.44 9.99 -8.44
C SER B 121 -14.49 10.25 -7.37
N TYR B 122 -14.55 9.39 -6.36
CA TYR B 122 -15.63 9.43 -5.36
C TYR B 122 -15.60 10.70 -4.50
N SER B 123 -14.41 11.23 -4.24
CA SER B 123 -14.28 12.48 -3.48
C SER B 123 -15.04 13.62 -4.17
N MET B 124 -15.29 13.46 -5.47
CA MET B 124 -15.93 14.51 -6.26
C MET B 124 -17.45 14.41 -6.24
N LYS B 125 -18.00 13.49 -5.46
CA LYS B 125 -19.45 13.34 -5.38
C LYS B 125 -20.10 14.67 -4.95
N ASP B 126 -19.54 15.30 -3.92
CA ASP B 126 -20.06 16.58 -3.43
C ASP B 126 -19.67 17.77 -4.33
N ASP B 127 -18.73 17.54 -5.23
CA ASP B 127 -18.28 18.55 -6.17
C ASP B 127 -18.84 18.35 -7.58
N LEU B 128 -19.63 17.28 -7.77
CA LEU B 128 -20.12 16.91 -9.10
C LEU B 128 -20.93 18.03 -9.73
N TRP B 129 -21.88 18.56 -8.96
CA TRP B 129 -22.69 19.69 -9.43
C TRP B 129 -21.79 20.86 -9.88
N SER B 130 -20.75 21.14 -9.10
CA SER B 130 -19.85 22.24 -9.40
C SER B 130 -19.11 22.06 -10.73
N ILE B 131 -18.68 20.84 -11.03
CA ILE B 131 -17.96 20.64 -12.30
C ILE B 131 -18.92 20.59 -13.49
N GLN B 132 -20.17 20.20 -13.24
CA GLN B 132 -21.20 20.26 -14.27
C GLN B 132 -21.59 21.71 -14.55
N ASN B 133 -21.83 22.47 -13.47
CA ASN B 133 -22.11 23.90 -13.57
C ASN B 133 -20.98 24.61 -14.33
N LEU B 134 -19.75 24.35 -13.92
CA LEU B 134 -18.59 24.98 -14.55
C LEU B 134 -18.52 24.62 -16.03
N GLY B 135 -18.67 23.33 -16.33
CA GLY B 135 -18.63 22.85 -17.71
C GLY B 135 -19.63 23.54 -18.61
N THR B 136 -20.88 23.58 -18.18
CA THR B 136 -21.96 24.15 -19.00
C THR B 136 -21.84 25.66 -19.11
N LYS B 137 -21.39 26.31 -18.04
CA LYS B 137 -21.08 27.74 -18.07
C LYS B 137 -19.90 28.05 -18.98
N LEU B 138 -18.90 27.18 -19.00
CA LEU B 138 -17.79 27.32 -19.94
C LEU B 138 -18.31 27.34 -21.37
N ALA B 139 -19.11 26.33 -21.71
CA ALA B 139 -19.65 26.22 -23.05
C ALA B 139 -20.53 27.43 -23.38
N THR B 140 -21.54 27.68 -22.55
CA THR B 140 -22.56 28.69 -22.84
C THR B 140 -21.99 30.10 -22.93
N GLN B 141 -21.19 30.48 -21.94
CA GLN B 141 -20.69 31.85 -21.86
C GLN B 141 -19.58 32.12 -22.88
N MET B 142 -18.73 31.14 -23.14
CA MET B 142 -17.67 31.31 -24.15
C MET B 142 -18.23 31.31 -25.56
N ARG B 143 -19.38 30.67 -25.74
CA ARG B 143 -20.09 30.72 -27.02
C ARG B 143 -20.61 32.14 -27.28
N LYS B 144 -21.05 32.82 -26.22
CA LYS B 144 -21.43 34.23 -26.30
C LYS B 144 -20.22 35.10 -26.62
N LEU B 145 -19.07 34.75 -26.03
CA LEU B 145 -17.83 35.49 -26.26
C LEU B 145 -17.26 35.26 -27.66
N THR B 146 -17.37 34.03 -28.16
CA THR B 146 -16.88 33.68 -29.51
C THR B 146 -17.72 32.60 -30.18
N SER B 147 -18.24 32.92 -31.37
CA SER B 147 -19.02 31.97 -32.15
C SER B 147 -18.16 30.87 -32.76
N ASN B 148 -16.84 31.01 -32.70
CA ASN B 148 -15.91 30.00 -33.20
C ASN B 148 -15.33 29.13 -32.09
N LEU B 149 -16.06 28.98 -30.99
CA LEU B 149 -15.70 28.04 -29.94
C LEU B 149 -15.90 26.61 -30.41
N ARG B 150 -14.94 25.75 -30.06
CA ARG B 150 -15.18 24.32 -30.05
C ARG B 150 -14.84 23.81 -28.66
N ILE B 151 -15.70 22.93 -28.16
CA ILE B 151 -15.58 22.45 -26.80
C ILE B 151 -15.80 20.95 -26.74
N GLY B 152 -15.01 20.27 -25.92
CA GLY B 152 -15.15 18.83 -25.71
C GLY B 152 -14.70 18.48 -24.31
N PHE B 153 -14.82 17.20 -23.94
CA PHE B 153 -14.38 16.79 -22.61
C PHE B 153 -14.02 15.32 -22.46
N GLY B 154 -13.36 15.05 -21.34
CA GLY B 154 -13.02 13.69 -20.92
C GLY B 154 -13.01 13.61 -19.41
N ALA B 155 -12.84 12.40 -18.89
CA ALA B 155 -12.90 12.17 -17.45
C ALA B 155 -11.77 11.25 -17.02
N PHE B 156 -11.40 11.35 -15.75
CA PHE B 156 -10.39 10.45 -15.19
C PHE B 156 -10.73 10.02 -13.77
N VAL B 157 -10.15 8.90 -13.35
CA VAL B 157 -10.08 8.56 -11.95
C VAL B 157 -8.62 8.31 -11.60
N ASP B 158 -8.14 7.09 -11.79
CA ASP B 158 -6.75 6.74 -11.46
C ASP B 158 -6.43 5.43 -12.17
N LYS B 159 -5.21 4.94 -12.02
CA LYS B 159 -4.81 3.71 -12.68
C LYS B 159 -5.59 2.54 -12.08
N PRO B 160 -6.39 1.84 -12.90
CA PRO B 160 -7.23 0.75 -12.39
C PRO B 160 -6.40 -0.49 -12.05
N VAL B 161 -5.65 -0.40 -10.96
CA VAL B 161 -4.77 -1.48 -10.54
C VAL B 161 -4.58 -1.37 -9.04
N SER B 162 -4.48 -2.50 -8.37
CA SER B 162 -4.18 -2.53 -6.94
C SER B 162 -2.81 -1.88 -6.70
N PRO B 163 -2.67 -1.09 -5.62
CA PRO B 163 -3.63 -0.82 -4.54
C PRO B 163 -4.56 0.37 -4.79
N TYR B 164 -4.43 1.03 -5.92
CA TYR B 164 -5.29 2.19 -6.20
C TYR B 164 -6.74 1.72 -6.34
N MET B 165 -6.92 0.56 -6.97
CA MET B 165 -8.23 0.01 -7.26
C MET B 165 -8.65 -1.01 -6.18
N TYR B 166 -9.92 -0.99 -5.81
CA TYR B 166 -10.47 -2.04 -4.95
C TYR B 166 -10.66 -3.25 -5.83
N ILE B 167 -10.11 -4.39 -5.39
CA ILE B 167 -10.10 -5.62 -6.18
C ILE B 167 -10.79 -6.80 -5.51
N SER B 168 -11.49 -6.54 -4.42
CA SER B 168 -12.31 -7.56 -3.77
C SER B 168 -13.49 -6.91 -3.06
N PRO B 169 -14.59 -7.64 -2.89
CA PRO B 169 -14.87 -8.95 -3.47
C PRO B 169 -15.05 -8.81 -4.99
N PRO B 170 -15.29 -9.90 -5.71
CA PRO B 170 -15.43 -9.79 -7.17
C PRO B 170 -16.46 -8.73 -7.62
N GLU B 171 -17.50 -8.52 -6.82
CA GLU B 171 -18.53 -7.51 -7.11
C GLU B 171 -18.01 -6.07 -7.09
N ALA B 172 -16.91 -5.84 -6.36
CA ALA B 172 -16.32 -4.52 -6.26
C ALA B 172 -15.76 -3.99 -7.58
N LEU B 173 -15.43 -4.88 -8.51
CA LEU B 173 -14.84 -4.48 -9.80
C LEU B 173 -15.83 -3.72 -10.67
N GLU B 174 -17.06 -4.22 -10.77
CA GLU B 174 -18.10 -3.54 -11.55
CA GLU B 174 -18.12 -3.54 -11.54
C GLU B 174 -18.80 -2.46 -10.71
N ASN B 175 -18.79 -2.62 -9.39
CA ASN B 175 -19.34 -1.62 -8.48
C ASN B 175 -18.39 -1.36 -7.31
N PRO B 176 -17.45 -0.40 -7.46
CA PRO B 176 -16.55 -0.02 -6.38
C PRO B 176 -17.24 0.41 -5.09
N CYS B 177 -18.50 0.83 -5.16
CA CYS B 177 -19.23 1.24 -3.95
C CYS B 177 -19.98 0.09 -3.26
N TYR B 178 -19.72 -1.14 -3.72
CA TYR B 178 -20.40 -2.34 -3.22
C TYR B 178 -20.47 -2.43 -1.70
N ASP B 179 -19.33 -2.22 -1.04
CA ASP B 179 -19.24 -2.37 0.42
C ASP B 179 -19.94 -1.27 1.22
N MET B 180 -20.40 -0.21 0.55
CA MET B 180 -21.18 0.84 1.19
C MET B 180 -22.67 0.66 0.95
N LYS B 181 -23.05 -0.47 0.34
CA LYS B 181 -24.42 -0.75 -0.06
C LYS B 181 -25.01 0.32 -0.97
N THR B 182 -24.19 0.86 -1.86
CA THR B 182 -24.62 1.80 -2.89
C THR B 182 -23.97 1.42 -4.22
N THR B 183 -24.25 2.19 -5.27
CA THR B 183 -23.70 1.93 -6.59
C THR B 183 -22.92 3.13 -7.12
N CYS B 184 -21.81 2.82 -7.78
CA CYS B 184 -21.11 3.81 -8.59
C CYS B 184 -20.49 3.12 -9.79
N LEU B 185 -19.90 3.88 -10.70
CA LEU B 185 -19.37 3.32 -11.93
C LEU B 185 -18.05 2.58 -11.68
N PRO B 186 -17.72 1.62 -12.55
CA PRO B 186 -16.40 1.00 -12.54
C PRO B 186 -15.28 2.03 -12.64
N MET B 187 -14.15 1.72 -12.02
CA MET B 187 -12.99 2.59 -12.08
C MET B 187 -12.37 2.59 -13.47
N PHE B 188 -11.72 3.69 -13.85
CA PHE B 188 -11.01 3.77 -15.14
C PHE B 188 -9.92 4.83 -15.03
N GLY B 189 -8.92 4.75 -15.91
CA GLY B 189 -7.81 5.71 -15.94
C GLY B 189 -8.20 7.04 -16.53
N TYR B 190 -8.27 7.09 -17.87
CA TYR B 190 -8.73 8.29 -18.58
C TYR B 190 -9.68 7.86 -19.72
N LYS B 191 -10.85 8.49 -19.78
CA LYS B 191 -11.83 8.29 -20.86
C LYS B 191 -11.95 9.57 -21.66
N HIS B 192 -11.69 9.48 -22.97
CA HIS B 192 -12.10 10.52 -23.88
C HIS B 192 -13.59 10.31 -24.13
N VAL B 193 -14.41 11.34 -23.91
CA VAL B 193 -15.86 11.18 -24.00
C VAL B 193 -16.46 11.92 -25.20
N LEU B 194 -16.00 13.14 -25.45
CA LEU B 194 -16.57 13.99 -26.48
C LEU B 194 -15.49 14.83 -27.17
N THR B 195 -15.28 14.57 -28.46
CA THR B 195 -14.34 15.32 -29.29
C THR B 195 -14.73 16.80 -29.39
N LEU B 196 -13.73 17.67 -29.52
CA LEU B 196 -13.99 19.11 -29.66
C LEU B 196 -15.04 19.36 -30.75
N THR B 197 -16.16 19.95 -30.33
CA THR B 197 -17.32 20.14 -31.19
C THR B 197 -17.90 21.53 -30.97
N ASP B 198 -18.66 22.02 -31.94
CA ASP B 198 -19.38 23.30 -31.78
C ASP B 198 -20.84 23.07 -31.33
N GLN B 199 -21.21 21.81 -31.11
CA GLN B 199 -22.56 21.47 -30.65
C GLN B 199 -22.67 21.64 -29.13
N VAL B 200 -22.84 22.88 -28.72
CA VAL B 200 -22.87 23.26 -27.31
C VAL B 200 -23.98 22.55 -26.51
N THR B 201 -25.19 22.49 -27.09
CA THR B 201 -26.32 21.86 -26.42
CA THR B 201 -26.32 21.87 -26.41
C THR B 201 -26.01 20.41 -26.05
N ARG B 202 -25.42 19.69 -27.01
CA ARG B 202 -25.03 18.29 -26.81
C ARG B 202 -23.96 18.12 -25.74
N PHE B 203 -22.95 18.98 -25.78
CA PHE B 203 -21.89 18.98 -24.79
C PHE B 203 -22.44 19.12 -23.38
N ASN B 204 -23.38 20.04 -23.21
CA ASN B 204 -24.01 20.27 -21.91
C ASN B 204 -24.80 19.05 -21.44
N GLU B 205 -25.50 18.39 -22.35
CA GLU B 205 -26.27 17.20 -22.03
C GLU B 205 -25.38 16.04 -21.54
N GLU B 206 -24.24 15.84 -22.19
CA GLU B 206 -23.31 14.77 -21.79
C GLU B 206 -22.63 15.06 -20.45
N VAL B 207 -22.22 16.31 -20.27
CA VAL B 207 -21.61 16.72 -19.00
C VAL B 207 -22.57 16.46 -17.84
N LYS B 208 -23.86 16.71 -18.06
CA LYS B 208 -24.88 16.50 -17.02
C LYS B 208 -25.20 15.02 -16.76
N LYS B 209 -24.80 14.12 -17.67
CA LYS B 209 -25.02 12.68 -17.48
C LYS B 209 -23.92 11.98 -16.64
N GLN B 210 -22.81 12.67 -16.43
CA GLN B 210 -21.64 12.07 -15.78
C GLN B 210 -21.90 11.81 -14.31
N SER B 211 -21.44 10.66 -13.83
CA SER B 211 -21.50 10.34 -12.39
C SER B 211 -20.14 9.81 -11.94
N VAL B 212 -19.99 9.67 -10.62
CA VAL B 212 -18.69 9.33 -10.05
C VAL B 212 -18.44 7.83 -9.97
N SER B 213 -17.16 7.51 -9.86
CA SER B 213 -16.69 6.16 -9.60
C SER B 213 -16.02 6.21 -8.22
N ARG B 214 -15.10 5.28 -7.96
CA ARG B 214 -14.43 5.24 -6.67
C ARG B 214 -13.11 4.48 -6.72
N ASN B 215 -12.12 5.00 -5.99
CA ASN B 215 -10.86 4.30 -5.79
C ASN B 215 -10.40 4.49 -4.35
N ARG B 216 -9.21 4.01 -4.03
CA ARG B 216 -8.78 3.90 -2.63
C ARG B 216 -7.97 5.10 -2.14
N ASP B 217 -6.99 5.56 -2.92
CA ASP B 217 -6.05 6.57 -2.45
C ASP B 217 -6.38 7.98 -2.97
N ALA B 218 -6.16 8.97 -2.11
CA ALA B 218 -6.56 10.36 -2.37
C ALA B 218 -5.95 10.94 -3.64
N PRO B 219 -4.64 10.75 -3.85
CA PRO B 219 -4.04 11.31 -5.07
C PRO B 219 -4.58 10.59 -6.28
N GLU B 220 -4.89 11.33 -7.35
CA GLU B 220 -5.54 10.75 -8.52
C GLU B 220 -4.67 10.83 -9.76
N GLY B 221 -5.15 10.22 -10.84
CA GLY B 221 -4.36 10.03 -12.06
C GLY B 221 -4.61 11.07 -13.14
N GLY B 222 -4.97 12.28 -12.76
CA GLY B 222 -5.28 13.32 -13.72
C GLY B 222 -4.14 13.71 -14.66
N PHE B 223 -2.90 13.54 -14.21
CA PHE B 223 -1.74 13.87 -15.03
C PHE B 223 -1.58 12.90 -16.21
N ASP B 224 -2.02 11.66 -16.05
CA ASP B 224 -2.14 10.75 -17.20
C ASP B 224 -3.10 11.37 -18.21
N ALA B 225 -4.24 11.85 -17.73
CA ALA B 225 -5.27 12.46 -18.57
C ALA B 225 -4.75 13.72 -19.26
N ILE B 226 -4.05 14.57 -18.52
CA ILE B 226 -3.49 15.80 -19.09
C ILE B 226 -2.55 15.49 -20.25
N MET B 227 -1.64 14.53 -20.02
CA MET B 227 -0.67 14.13 -21.04
C MET B 227 -1.36 13.60 -22.31
N GLN B 228 -2.36 12.75 -22.13
CA GLN B 228 -3.07 12.16 -23.28
C GLN B 228 -3.95 13.20 -23.97
N ALA B 229 -4.58 14.07 -23.19
CA ALA B 229 -5.35 15.18 -23.78
C ALA B 229 -4.45 16.11 -24.59
N THR B 230 -3.19 16.20 -24.22
CA THR B 230 -2.22 17.03 -24.95
C THR B 230 -1.69 16.35 -26.22
N VAL B 231 -1.30 15.08 -26.14
CA VAL B 231 -0.60 14.41 -27.24
C VAL B 231 -1.49 13.64 -28.21
N CYS B 232 -2.76 13.45 -27.88
CA CYS B 232 -3.67 12.72 -28.77
C CYS B 232 -4.40 13.67 -29.70
N ASP B 233 -3.66 14.20 -30.67
CA ASP B 233 -4.15 15.24 -31.59
C ASP B 233 -5.49 14.93 -32.26
N GLU B 234 -5.52 13.88 -33.06
CA GLU B 234 -6.71 13.51 -33.83
CA GLU B 234 -6.71 13.50 -33.84
C GLU B 234 -7.90 13.19 -32.92
N LYS B 235 -7.65 12.45 -31.84
CA LYS B 235 -8.74 12.04 -30.95
C LYS B 235 -9.45 13.21 -30.28
N ILE B 236 -8.69 14.12 -29.70
CA ILE B 236 -9.26 15.28 -29.01
C ILE B 236 -9.82 16.27 -30.03
N GLY B 237 -9.07 16.51 -31.10
CA GLY B 237 -9.55 17.31 -32.23
C GLY B 237 -9.06 18.75 -32.28
N TRP B 238 -7.95 19.05 -31.61
CA TRP B 238 -7.37 20.40 -31.61
C TRP B 238 -7.15 20.91 -33.04
N ARG B 239 -7.50 22.17 -33.29
CA ARG B 239 -7.32 22.79 -34.61
C ARG B 239 -5.97 23.49 -34.70
N ASN B 240 -5.38 23.45 -35.89
CA ASN B 240 -4.02 23.97 -36.12
C ASN B 240 -3.87 25.45 -35.77
N ASP B 241 -4.83 26.27 -36.22
CA ASP B 241 -4.76 27.72 -36.02
C ASP B 241 -5.85 28.19 -35.03
N ALA B 242 -5.90 27.54 -33.88
CA ALA B 242 -6.84 27.91 -32.82
C ALA B 242 -6.11 28.04 -31.48
N SER B 243 -6.66 28.86 -30.60
CA SER B 243 -6.16 28.97 -29.24
C SER B 243 -6.63 27.72 -28.48
N HIS B 244 -5.69 27.04 -27.82
CA HIS B 244 -5.97 25.76 -27.14
C HIS B 244 -5.92 25.91 -25.62
N LEU B 245 -7.04 25.63 -24.98
CA LEU B 245 -7.12 25.69 -23.52
C LEU B 245 -7.53 24.32 -22.98
N LEU B 246 -6.75 23.81 -22.03
CA LEU B 246 -7.04 22.55 -21.37
C LEU B 246 -7.41 22.82 -19.91
N VAL B 247 -8.68 22.64 -19.58
CA VAL B 247 -9.19 22.95 -18.24
C VAL B 247 -9.28 21.66 -17.44
N PHE B 248 -8.51 21.61 -16.36
CA PHE B 248 -8.35 20.42 -15.54
C PHE B 248 -9.01 20.67 -14.18
N THR B 249 -9.86 19.75 -13.76
CA THR B 249 -10.59 19.87 -12.50
C THR B 249 -10.26 18.73 -11.55
N THR B 250 -10.21 19.03 -10.25
CA THR B 250 -10.01 18.03 -9.21
C THR B 250 -10.19 18.66 -7.82
N ASP B 251 -10.41 17.82 -6.81
CA ASP B 251 -10.51 18.31 -5.42
C ASP B 251 -9.41 17.73 -4.53
N ALA B 252 -8.38 17.15 -5.15
CA ALA B 252 -7.35 16.41 -4.42
C ALA B 252 -5.94 16.52 -5.00
N LYS B 253 -4.99 15.98 -4.26
CA LYS B 253 -3.62 15.80 -4.72
C LYS B 253 -3.63 15.02 -6.03
N THR B 254 -2.48 15.02 -6.70
CA THR B 254 -2.31 14.26 -7.94
C THR B 254 -1.10 13.35 -7.85
N HIS B 255 -1.21 12.18 -8.48
CA HIS B 255 -0.04 11.31 -8.62
C HIS B 255 0.96 11.93 -9.59
N ILE B 256 2.23 11.62 -9.35
CA ILE B 256 3.34 12.17 -10.14
C ILE B 256 4.31 11.05 -10.50
N ALA B 257 5.17 11.31 -11.48
CA ALA B 257 6.18 10.34 -11.92
C ALA B 257 6.90 9.74 -10.72
N LEU B 258 7.12 8.42 -10.79
CA LEU B 258 7.72 7.59 -9.73
C LEU B 258 6.75 7.09 -8.64
N ASP B 259 5.54 7.64 -8.59
CA ASP B 259 4.46 7.08 -7.74
C ASP B 259 4.05 5.68 -8.17
N GLY B 260 4.07 5.42 -9.48
CA GLY B 260 3.56 4.17 -10.03
C GLY B 260 4.24 2.90 -9.54
N ARG B 261 5.42 3.04 -8.97
CA ARG B 261 6.12 1.89 -8.38
C ARG B 261 5.32 1.20 -7.27
N LEU B 262 4.43 1.93 -6.59
CA LEU B 262 3.51 1.29 -5.63
C LEU B 262 2.52 0.33 -6.26
N ALA B 263 2.35 0.42 -7.59
CA ALA B 263 1.51 -0.54 -8.31
C ALA B 263 2.37 -1.47 -9.14
N GLY B 264 3.67 -1.49 -8.85
CA GLY B 264 4.63 -2.30 -9.59
C GLY B 264 4.97 -1.76 -10.98
N ILE B 265 4.60 -0.51 -11.25
CA ILE B 265 4.79 0.10 -12.56
C ILE B 265 6.05 0.94 -12.55
N VAL B 266 7.05 0.55 -13.34
CA VAL B 266 8.32 1.27 -13.38
C VAL B 266 8.66 1.89 -14.74
N GLN B 267 7.99 1.47 -15.82
CA GLN B 267 8.25 2.03 -17.14
C GLN B 267 7.97 3.53 -17.17
N PRO B 268 8.97 4.35 -17.56
CA PRO B 268 8.73 5.79 -17.65
C PRO B 268 7.70 6.15 -18.71
N ASN B 269 7.00 7.25 -18.49
CA ASN B 269 6.03 7.77 -19.45
C ASN B 269 6.76 8.12 -20.74
N ASP B 270 6.20 7.73 -21.88
CA ASP B 270 6.87 7.93 -23.17
C ASP B 270 6.42 9.20 -23.89
N GLY B 271 5.39 9.86 -23.35
CA GLY B 271 4.83 11.05 -23.97
C GLY B 271 4.16 10.83 -25.32
N GLN B 272 3.69 9.62 -25.59
N GLN B 272 3.70 9.61 -25.58
CA GLN B 272 3.01 9.30 -26.83
CA GLN B 272 3.02 9.26 -26.82
C GLN B 272 1.53 9.04 -26.58
C GLN B 272 1.53 9.06 -26.57
N CYS B 273 0.74 9.07 -27.65
CA CYS B 273 -0.70 8.83 -27.55
C CYS B 273 -0.96 7.35 -27.42
N HIS B 274 -1.82 6.98 -26.46
CA HIS B 274 -2.18 5.58 -26.25
C HIS B 274 -3.67 5.43 -25.96
N VAL B 275 -4.51 6.20 -26.65
CA VAL B 275 -5.95 6.06 -26.50
C VAL B 275 -6.50 5.05 -27.53
N GLY B 276 -6.77 5.51 -28.75
CA GLY B 276 -7.26 4.62 -29.80
C GLY B 276 -8.75 4.26 -29.71
N SER B 277 -9.10 3.12 -30.31
CA SER B 277 -10.48 2.73 -30.61
C SER B 277 -11.53 2.88 -29.48
N ASP B 278 -11.29 2.26 -28.32
CA ASP B 278 -12.27 2.30 -27.21
C ASP B 278 -12.30 3.60 -26.36
N ASN B 279 -11.46 4.57 -26.71
CA ASN B 279 -11.39 5.89 -26.04
C ASN B 279 -10.87 5.89 -24.60
N HIS B 280 -10.18 4.82 -24.21
CA HIS B 280 -9.55 4.75 -22.90
C HIS B 280 -8.06 4.87 -23.08
N TYR B 281 -7.37 5.35 -22.04
CA TYR B 281 -5.92 5.35 -22.01
C TYR B 281 -5.43 3.91 -21.80
N SER B 282 -4.93 3.29 -22.87
CA SER B 282 -4.60 1.87 -22.87
C SER B 282 -3.36 1.50 -22.04
N ALA B 283 -2.46 2.47 -21.86
CA ALA B 283 -1.22 2.22 -21.10
C ALA B 283 -1.34 2.60 -19.62
N SER B 284 -2.56 2.84 -19.16
CA SER B 284 -2.81 3.26 -17.79
C SER B 284 -2.19 2.35 -16.71
N THR B 285 -2.25 1.04 -16.94
CA THR B 285 -1.77 0.07 -15.95
C THR B 285 -0.36 -0.44 -16.23
N THR B 286 0.29 0.05 -17.28
CA THR B 286 1.63 -0.43 -17.65
C THR B 286 2.70 0.67 -17.72
N MET B 287 2.28 1.92 -17.59
CA MET B 287 3.18 3.04 -17.79
C MET B 287 3.01 4.01 -16.62
N ASP B 288 4.13 4.57 -16.16
CA ASP B 288 4.14 5.46 -15.01
C ASP B 288 3.50 6.81 -15.34
N TYR B 289 3.10 7.52 -14.29
CA TYR B 289 2.61 8.88 -14.42
C TYR B 289 3.69 9.75 -15.05
N PRO B 290 3.30 10.79 -15.79
CA PRO B 290 4.28 11.68 -16.40
C PRO B 290 4.92 12.64 -15.42
N SER B 291 6.18 13.01 -15.66
CA SER B 291 6.83 14.04 -14.86
C SER B 291 6.36 15.43 -15.29
N LEU B 292 6.56 16.43 -14.43
CA LEU B 292 6.21 17.81 -14.75
C LEU B 292 6.97 18.31 -15.99
N GLY B 293 8.24 17.92 -16.09
CA GLY B 293 9.09 18.32 -17.22
C GLY B 293 8.59 17.79 -18.55
N LEU B 294 8.06 16.58 -18.56
CA LEU B 294 7.54 15.97 -19.79
C LEU B 294 6.19 16.58 -20.13
N MET B 295 5.36 16.83 -19.13
CA MET B 295 4.11 17.56 -19.33
C MET B 295 4.42 18.92 -19.97
N THR B 296 5.38 19.65 -19.39
CA THR B 296 5.79 20.94 -19.89
C THR B 296 6.18 20.89 -21.36
N GLU B 297 6.96 19.88 -21.74
CA GLU B 297 7.47 19.74 -23.10
C GLU B 297 6.34 19.54 -24.11
N LYS B 298 5.39 18.67 -23.77
CA LYS B 298 4.29 18.36 -24.70
C LYS B 298 3.28 19.49 -24.80
N LEU B 299 2.95 20.11 -23.67
CA LEU B 299 2.10 21.30 -23.68
C LEU B 299 2.67 22.39 -24.59
N SER B 300 3.99 22.56 -24.54
CA SER B 300 4.66 23.57 -25.36
C SER B 300 4.73 23.13 -26.82
N GLN B 301 5.04 21.87 -27.04
CA GLN B 301 5.15 21.31 -28.39
C GLN B 301 3.81 21.31 -29.13
N LYS B 302 2.72 21.09 -28.40
CA LYS B 302 1.37 21.09 -28.98
C LYS B 302 0.65 22.43 -28.81
N ASN B 303 1.31 23.39 -28.17
CA ASN B 303 0.78 24.75 -28.01
C ASN B 303 -0.56 24.75 -27.25
N ILE B 304 -0.55 24.16 -26.06
CA ILE B 304 -1.73 24.06 -25.22
C ILE B 304 -1.50 24.79 -23.90
N ASN B 305 -2.51 25.56 -23.49
CA ASN B 305 -2.47 26.31 -22.24
C ASN B 305 -3.25 25.54 -21.18
N LEU B 306 -2.57 25.13 -20.12
CA LEU B 306 -3.18 24.36 -19.04
C LEU B 306 -3.73 25.29 -17.97
N ILE B 307 -5.01 25.09 -17.63
CA ILE B 307 -5.65 25.78 -16.52
C ILE B 307 -6.05 24.75 -15.49
N PHE B 308 -5.53 24.88 -14.27
CA PHE B 308 -5.98 24.06 -13.16
C PHE B 308 -7.20 24.73 -12.54
N ALA B 309 -8.35 24.08 -12.63
CA ALA B 309 -9.57 24.53 -11.96
C ALA B 309 -9.81 23.63 -10.75
N VAL B 310 -9.29 24.02 -9.60
CA VAL B 310 -9.24 23.13 -8.44
C VAL B 310 -9.93 23.74 -7.22
N THR B 311 -10.49 22.89 -6.36
CA THR B 311 -11.17 23.36 -5.14
C THR B 311 -10.18 24.00 -4.16
N GLU B 312 -10.71 24.86 -3.30
CA GLU B 312 -9.88 25.75 -2.48
C GLU B 312 -8.85 25.02 -1.60
N ASN B 313 -9.20 23.82 -1.12
CA ASN B 313 -8.30 23.01 -0.29
C ASN B 313 -6.98 22.61 -0.97
N VAL B 314 -6.94 22.62 -2.30
CA VAL B 314 -5.71 22.29 -3.04
C VAL B 314 -5.18 23.42 -3.95
N VAL B 315 -5.73 24.63 -3.84
CA VAL B 315 -5.29 25.74 -4.69
C VAL B 315 -3.79 25.98 -4.53
N ASN B 316 -3.32 26.05 -3.28
CA ASN B 316 -1.90 26.27 -3.05
C ASN B 316 -1.02 25.20 -3.67
N LEU B 317 -1.48 23.95 -3.62
CA LEU B 317 -0.75 22.86 -4.22
C LEU B 317 -0.56 23.10 -5.72
N TYR B 318 -1.66 23.39 -6.42
CA TYR B 318 -1.62 23.55 -7.89
C TYR B 318 -1.00 24.88 -8.34
N GLN B 319 -1.15 25.93 -7.52
N GLN B 319 -1.12 25.93 -7.52
CA GLN B 319 -0.40 27.17 -7.70
CA GLN B 319 -0.39 27.17 -7.78
C GLN B 319 1.10 26.87 -7.72
C GLN B 319 1.12 26.89 -7.71
N ASN B 320 1.53 26.02 -6.80
CA ASN B 320 2.94 25.63 -6.69
C ASN B 320 3.41 24.77 -7.85
N TYR B 321 2.59 23.83 -8.32
CA TYR B 321 2.91 23.08 -9.54
C TYR B 321 2.89 24.01 -10.77
N SER B 322 2.00 24.98 -10.74
CA SER B 322 1.88 25.95 -11.82
C SER B 322 3.18 26.72 -12.06
N GLU B 323 3.86 27.08 -10.98
CA GLU B 323 5.14 27.78 -11.07
C GLU B 323 6.25 26.91 -11.66
N LEU B 324 6.06 25.59 -11.67
CA LEU B 324 7.01 24.66 -12.27
C LEU B 324 6.64 24.27 -13.71
N ILE B 325 5.45 24.68 -14.17
CA ILE B 325 5.05 24.49 -15.56
C ILE B 325 4.66 25.86 -16.14
N PRO B 326 5.63 26.63 -16.62
CA PRO B 326 5.40 28.03 -17.03
C PRO B 326 4.29 28.21 -18.06
N GLY B 327 3.44 29.22 -17.83
CA GLY B 327 2.29 29.49 -18.69
C GLY B 327 1.00 28.92 -18.14
N THR B 328 1.11 28.02 -17.16
CA THR B 328 -0.05 27.46 -16.48
C THR B 328 -0.67 28.46 -15.51
N THR B 329 -2.00 28.44 -15.43
CA THR B 329 -2.74 29.31 -14.52
C THR B 329 -3.66 28.48 -13.64
N VAL B 330 -4.02 29.02 -12.47
CA VAL B 330 -4.86 28.33 -11.52
C VAL B 330 -6.12 29.14 -11.23
N GLY B 331 -7.27 28.49 -11.32
CA GLY B 331 -8.55 29.07 -10.91
C GLY B 331 -9.20 28.21 -9.84
N VAL B 332 -10.19 28.76 -9.14
CA VAL B 332 -10.83 28.04 -8.05
C VAL B 332 -12.15 27.44 -8.53
N LEU B 333 -12.24 26.13 -8.42
CA LEU B 333 -13.46 25.38 -8.65
C LEU B 333 -14.38 25.54 -7.44
N SER B 334 -15.60 26.01 -7.67
CA SER B 334 -16.56 26.17 -6.59
C SER B 334 -17.98 26.08 -7.15
N MET B 335 -18.97 26.38 -6.30
CA MET B 335 -20.35 26.51 -6.78
C MET B 335 -20.50 27.69 -7.75
N ASP B 336 -19.54 28.60 -7.75
CA ASP B 336 -19.55 29.77 -8.62
C ASP B 336 -18.50 29.67 -9.73
N SER B 337 -18.94 29.82 -10.97
CA SER B 337 -18.07 29.63 -12.14
C SER B 337 -17.15 30.82 -12.49
N SER B 338 -17.42 31.99 -11.89
CA SER B 338 -16.76 33.25 -12.29
C SER B 338 -15.23 33.23 -12.33
N ASN B 339 -14.62 32.65 -11.30
CA ASN B 339 -13.16 32.66 -11.15
C ASN B 339 -12.48 32.05 -12.36
N VAL B 340 -12.85 30.81 -12.68
CA VAL B 340 -12.27 30.08 -13.80
C VAL B 340 -12.62 30.74 -15.13
N LEU B 341 -13.88 31.15 -15.29
CA LEU B 341 -14.31 31.83 -16.53
C LEU B 341 -13.44 33.05 -16.83
N GLN B 342 -13.14 33.85 -15.82
CA GLN B 342 -12.28 35.03 -15.97
C GLN B 342 -10.92 34.69 -16.60
N LEU B 343 -10.36 33.54 -16.21
CA LEU B 343 -9.08 33.10 -16.79
C LEU B 343 -9.20 32.90 -18.30
N ILE B 344 -10.29 32.27 -18.73
CA ILE B 344 -10.54 32.02 -20.15
C ILE B 344 -10.78 33.33 -20.90
N VAL B 345 -11.62 34.19 -20.34
CA VAL B 345 -11.92 35.49 -20.93
C VAL B 345 -10.66 36.35 -21.05
N ASP B 346 -9.81 36.31 -20.02
CA ASP B 346 -8.51 36.98 -20.03
C ASP B 346 -7.61 36.41 -21.13
N ALA B 347 -7.61 35.09 -21.27
CA ALA B 347 -6.83 34.42 -22.31
C ALA B 347 -7.30 34.86 -23.71
N TYR B 348 -8.62 34.98 -23.87
CA TYR B 348 -9.21 35.43 -25.14
C TYR B 348 -8.83 36.88 -25.44
N GLY B 349 -8.76 37.71 -24.40
CA GLY B 349 -8.36 39.10 -24.55
C GLY B 349 -6.93 39.34 -24.99
N LYS B 350 -6.06 38.33 -24.85
CA LYS B 350 -4.66 38.42 -25.27
C LYS B 350 -4.45 37.99 -26.72
N ILE B 351 -5.49 37.46 -27.36
CA ILE B 351 -5.38 36.99 -28.75
C ILE B 351 -5.22 38.17 -29.71
N ARG B 352 -4.24 38.08 -30.61
CA ARG B 352 -4.02 39.08 -31.65
C ARG B 352 -3.99 38.41 -33.02
N SER B 353 -4.34 39.16 -34.06
CA SER B 353 -4.40 38.63 -35.42
C SER B 353 -3.72 39.56 -36.42
N LYS B 354 -3.50 39.02 -37.62
CA LYS B 354 -2.86 39.76 -38.69
C LYS B 354 -3.75 39.84 -39.93
N VAL B 355 -3.50 40.85 -40.75
CA VAL B 355 -4.14 40.98 -42.06
C VAL B 355 -3.03 40.96 -43.09
N GLU B 356 -2.89 39.85 -43.79
CA GLU B 356 -1.89 39.70 -44.85
C GLU B 356 -2.58 39.47 -46.19
N LEU B 357 -2.50 40.47 -47.07
CA LEU B 357 -3.13 40.40 -48.39
C LEU B 357 -2.35 39.45 -49.31
N GLU B 358 -3.08 38.59 -50.01
CA GLU B 358 -2.51 37.76 -51.08
C GLU B 358 -3.29 37.99 -52.37
N VAL B 359 -2.60 37.92 -53.49
CA VAL B 359 -3.21 38.12 -54.80
C VAL B 359 -3.39 36.78 -55.50
N ARG B 360 -4.55 36.60 -56.15
CA ARG B 360 -4.86 35.40 -56.91
C ARG B 360 -5.25 35.75 -58.34
N ASP B 361 -4.91 34.88 -59.28
CA ASP B 361 -5.28 35.05 -60.68
C ASP B 361 -4.79 36.38 -61.26
N LEU B 362 -3.61 36.82 -60.85
CA LEU B 362 -3.03 38.05 -61.39
C LEU B 362 -2.47 37.77 -62.79
N PRO B 363 -2.95 38.49 -63.81
CA PRO B 363 -2.41 38.33 -65.16
C PRO B 363 -0.90 38.65 -65.26
N GLU B 364 -0.25 38.00 -66.22
CA GLU B 364 1.14 38.30 -66.59
C GLU B 364 1.36 39.81 -66.76
N GLU B 365 0.44 40.46 -67.47
CA GLU B 365 0.61 41.86 -67.89
C GLU B 365 0.48 42.86 -66.74
N LEU B 366 -0.25 42.49 -65.69
CA LEU B 366 -0.45 43.38 -64.54
C LEU B 366 0.59 43.15 -63.44
N SER B 367 1.00 44.25 -62.81
CA SER B 367 1.84 44.21 -61.61
C SER B 367 1.22 45.12 -60.56
N LEU B 368 1.38 44.75 -59.28
CA LEU B 368 0.79 45.51 -58.18
C LEU B 368 1.83 46.03 -57.18
N SER B 369 1.57 47.23 -56.63
CA SER B 369 2.34 47.75 -55.49
C SER B 369 1.39 48.21 -54.38
N PHE B 370 1.76 47.92 -53.13
CA PHE B 370 0.89 48.14 -51.98
C PHE B 370 1.46 49.15 -50.99
N ASN B 371 0.57 49.97 -50.41
CA ASN B 371 0.88 50.79 -49.22
C ASN B 371 -0.06 50.39 -48.09
N ALA B 372 0.52 50.09 -46.92
CA ALA B 372 -0.29 49.66 -45.77
C ALA B 372 -0.44 50.79 -44.75
N THR B 373 -1.66 50.98 -44.27
CA THR B 373 -1.94 51.88 -43.14
C THR B 373 -2.54 51.06 -42.00
N CYS B 374 -1.71 50.74 -41.00
CA CYS B 374 -2.10 49.86 -39.90
C CYS B 374 -2.57 50.65 -38.68
N LEU B 375 -2.54 50.02 -37.50
CA LEU B 375 -3.06 50.62 -36.27
C LEU B 375 -2.33 51.90 -35.87
N ASN B 376 -1.05 52.00 -36.22
CA ASN B 376 -0.26 53.20 -35.91
C ASN B 376 -0.65 54.45 -36.72
N ASN B 377 -1.54 54.28 -37.70
CA ASN B 377 -2.04 55.37 -38.54
C ASN B 377 -0.94 56.02 -39.37
N GLU B 378 0.08 55.24 -39.72
CA GLU B 378 1.19 55.72 -40.55
C GLU B 378 1.33 54.84 -41.78
N VAL B 379 1.51 55.48 -42.93
CA VAL B 379 1.62 54.76 -44.20
C VAL B 379 3.01 54.11 -44.32
N ILE B 380 3.04 52.78 -44.31
CA ILE B 380 4.26 52.03 -44.54
C ILE B 380 4.24 51.59 -46.01
N PRO B 381 5.06 52.24 -46.86
CA PRO B 381 4.98 51.95 -48.28
C PRO B 381 5.61 50.61 -48.63
N GLY B 382 5.06 49.93 -49.64
CA GLY B 382 5.57 48.64 -50.08
C GLY B 382 5.19 47.46 -49.20
N LEU B 383 4.34 47.69 -48.20
CA LEU B 383 3.92 46.63 -47.26
C LEU B 383 2.47 46.24 -47.52
N LYS B 384 2.20 44.93 -47.45
CA LYS B 384 0.86 44.41 -47.70
C LYS B 384 0.35 43.54 -46.54
N SER B 385 0.80 43.83 -45.32
CA SER B 385 0.32 43.12 -44.13
C SER B 385 0.45 43.93 -42.84
N CYS B 386 -0.59 43.85 -42.00
CA CYS B 386 -0.58 44.47 -40.66
C CYS B 386 -0.76 43.39 -39.60
N MET B 387 -0.21 43.65 -38.41
CA MET B 387 -0.23 42.70 -37.28
CA MET B 387 -0.29 42.69 -37.30
C MET B 387 -0.82 43.37 -36.04
N GLY B 388 -1.07 42.56 -35.01
CA GLY B 388 -1.52 43.06 -33.71
C GLY B 388 -2.94 43.57 -33.61
N LEU B 389 -3.82 43.08 -34.48
CA LEU B 389 -5.23 43.48 -34.47
C LEU B 389 -6.04 42.70 -33.42
N LYS B 390 -7.03 43.37 -32.85
CA LYS B 390 -8.04 42.73 -32.01
C LYS B 390 -9.34 42.70 -32.80
N ILE B 391 -10.35 42.02 -32.26
CA ILE B 391 -11.69 42.02 -32.85
C ILE B 391 -12.20 43.45 -32.93
N GLY B 392 -12.59 43.87 -34.14
CA GLY B 392 -13.17 45.20 -34.34
C GLY B 392 -12.20 46.25 -34.87
N ASP B 393 -10.90 45.93 -34.87
CA ASP B 393 -9.89 46.83 -35.43
C ASP B 393 -9.93 46.80 -36.96
N THR B 394 -9.56 47.93 -37.57
CA THR B 394 -9.60 48.10 -39.01
C THR B 394 -8.26 48.59 -39.55
N VAL B 395 -7.86 48.05 -40.70
CA VAL B 395 -6.68 48.52 -41.42
C VAL B 395 -7.06 48.83 -42.85
N SER B 396 -6.16 49.51 -43.55
CA SER B 396 -6.43 50.02 -44.89
C SER B 396 -5.20 49.88 -45.77
N PHE B 397 -5.42 49.59 -47.05
CA PHE B 397 -4.33 49.48 -48.02
C PHE B 397 -4.64 50.33 -49.25
N SER B 398 -3.59 50.81 -49.90
CA SER B 398 -3.71 51.43 -51.20
C SER B 398 -2.95 50.56 -52.19
N ILE B 399 -3.61 50.13 -53.24
CA ILE B 399 -3.03 49.23 -54.24
C ILE B 399 -2.98 49.94 -55.57
N GLU B 400 -1.82 49.86 -56.25
CA GLU B 400 -1.66 50.46 -57.57
C GLU B 400 -1.40 49.36 -58.59
N ALA B 401 -2.26 49.26 -59.60
CA ALA B 401 -2.11 48.27 -60.67
C ALA B 401 -1.54 48.92 -61.92
N LYS B 402 -0.46 48.36 -62.45
CA LYS B 402 0.13 48.83 -63.72
C LYS B 402 0.13 47.73 -64.79
N VAL B 403 -0.40 48.04 -65.97
CA VAL B 403 -0.40 47.10 -67.09
C VAL B 403 0.82 47.30 -67.99
N ARG B 404 1.31 46.20 -68.57
CA ARG B 404 2.39 46.28 -69.55
C ARG B 404 1.79 46.31 -70.95
N GLY B 405 2.03 47.42 -71.66
CA GLY B 405 1.54 47.59 -73.02
C GLY B 405 0.04 47.48 -73.12
N CYS B 406 -0.43 46.75 -74.14
CA CYS B 406 -1.86 46.52 -74.35
C CYS B 406 -2.08 45.05 -74.68
N PRO B 407 -2.72 44.29 -73.76
CA PRO B 407 -2.96 42.87 -74.05
C PRO B 407 -4.17 42.65 -74.96
N GLN B 408 -4.12 41.60 -75.78
CA GLN B 408 -5.20 41.28 -76.71
C GLN B 408 -6.46 40.73 -76.03
N GLU B 409 -6.32 40.27 -74.79
CA GLU B 409 -7.46 39.72 -74.03
C GLU B 409 -8.54 40.76 -73.78
N LYS B 410 -8.13 41.96 -73.36
CA LYS B 410 -9.02 43.14 -73.21
C LYS B 410 -9.95 43.11 -71.99
N GLU B 411 -10.24 41.93 -71.45
CA GLU B 411 -11.02 41.81 -70.21
C GLU B 411 -10.49 40.68 -69.34
N LYS B 412 -9.87 41.06 -68.23
CA LYS B 412 -9.34 40.11 -67.25
CA LYS B 412 -9.34 40.11 -67.25
C LYS B 412 -9.82 40.47 -65.85
N SER B 413 -9.64 39.55 -64.91
CA SER B 413 -10.03 39.77 -63.52
C SER B 413 -9.09 39.05 -62.54
N PHE B 414 -8.87 39.68 -61.39
CA PHE B 414 -8.08 39.08 -60.32
C PHE B 414 -8.71 39.34 -58.96
N THR B 415 -8.14 38.74 -57.93
CA THR B 415 -8.67 38.84 -56.58
C THR B 415 -7.60 39.30 -55.59
N ILE B 416 -8.01 40.10 -54.61
CA ILE B 416 -7.15 40.48 -53.49
C ILE B 416 -7.85 40.00 -52.22
N LYS B 417 -7.15 39.21 -51.44
CA LYS B 417 -7.76 38.44 -50.35
C LYS B 417 -6.82 38.40 -49.15
N PRO B 418 -7.32 38.75 -47.95
CA PRO B 418 -6.51 38.53 -46.76
C PRO B 418 -6.38 37.05 -46.43
N VAL B 419 -5.21 36.65 -45.94
CA VAL B 419 -4.98 35.26 -45.56
C VAL B 419 -5.89 34.88 -44.39
N GLY B 420 -6.63 33.77 -44.54
CA GLY B 420 -7.53 33.27 -43.52
C GLY B 420 -8.90 33.95 -43.44
N PHE B 421 -9.22 34.77 -44.44
CA PHE B 421 -10.51 35.44 -44.54
C PHE B 421 -11.32 34.83 -45.68
N LYS B 422 -12.63 34.73 -45.51
CA LYS B 422 -13.52 34.41 -46.63
C LYS B 422 -13.60 35.58 -47.61
N ASP B 423 -13.63 36.79 -47.05
CA ASP B 423 -13.86 38.02 -47.83
C ASP B 423 -12.71 38.33 -48.77
N SER B 424 -13.03 38.99 -49.89
CA SER B 424 -12.03 39.39 -50.87
C SER B 424 -12.51 40.54 -51.73
N LEU B 425 -11.56 41.16 -52.44
CA LEU B 425 -11.87 42.19 -53.42
C LEU B 425 -11.63 41.64 -54.81
N ILE B 426 -12.70 41.47 -55.59
CA ILE B 426 -12.56 41.14 -57.00
C ILE B 426 -12.35 42.43 -57.79
N VAL B 427 -11.24 42.50 -58.54
CA VAL B 427 -10.94 43.63 -59.39
C VAL B 427 -11.11 43.24 -60.86
N GLN B 428 -12.13 43.79 -61.51
CA GLN B 428 -12.35 43.57 -62.94
C GLN B 428 -11.55 44.61 -63.73
N VAL B 429 -10.63 44.12 -64.58
CA VAL B 429 -9.79 45.01 -65.38
C VAL B 429 -10.23 45.03 -66.83
N THR B 430 -10.47 46.23 -67.36
CA THR B 430 -10.73 46.44 -68.78
C THR B 430 -9.57 47.26 -69.37
N PHE B 431 -9.13 46.88 -70.57
CA PHE B 431 -8.03 47.57 -71.24
C PHE B 431 -8.54 48.41 -72.41
N ASP B 432 -8.45 49.74 -72.27
CA ASP B 432 -8.97 50.68 -73.26
C ASP B 432 -7.85 51.12 -74.22
N CYS B 433 -7.68 50.35 -75.29
CA CYS B 433 -6.59 50.58 -76.24
C CYS B 433 -7.02 51.30 -77.52
N ASP B 434 -8.32 51.31 -77.81
CA ASP B 434 -8.84 51.95 -79.01
C ASP B 434 -9.37 53.34 -78.69
N CYS B 435 -9.47 54.18 -79.71
CA CYS B 435 -10.09 55.50 -79.59
C CYS B 435 -11.58 55.42 -79.92
N ALA B 436 -12.34 56.39 -79.44
CA ALA B 436 -13.78 56.43 -79.67
C ALA B 436 -14.12 56.67 -81.15
N CYS B 437 -13.27 57.42 -81.84
CA CYS B 437 -13.48 57.76 -83.26
C CYS B 437 -13.37 56.56 -84.21
N GLN B 438 -12.78 55.45 -83.74
CA GLN B 438 -12.69 54.22 -84.54
C GLN B 438 -14.06 53.58 -84.80
N ALA B 439 -15.02 53.82 -83.89
CA ALA B 439 -16.39 53.34 -84.06
C ALA B 439 -17.05 53.97 -85.28
N GLN B 440 -16.73 55.24 -85.56
CA GLN B 440 -17.18 55.92 -86.78
C GLN B 440 -16.11 55.79 -87.87
N ALA B 441 -15.81 54.55 -88.24
CA ALA B 441 -14.68 54.24 -89.12
C ALA B 441 -14.92 54.60 -90.59
N GLU B 442 -16.18 54.59 -91.02
CA GLU B 442 -16.57 54.89 -92.41
C GLU B 442 -15.85 53.99 -93.43
N PRO B 443 -16.36 52.76 -93.65
CA PRO B 443 -15.75 51.76 -94.53
C PRO B 443 -15.26 52.31 -95.88
N ASN B 444 -16.10 53.08 -96.56
CA ASN B 444 -15.74 53.65 -97.87
C ASN B 444 -14.59 54.64 -97.74
N SER B 445 -13.72 54.66 -98.75
CA SER B 445 -12.51 55.49 -98.73
C SER B 445 -12.85 56.98 -98.86
N HIS B 446 -13.53 57.33 -99.96
CA HIS B 446 -13.95 58.70 -100.26
C HIS B 446 -12.79 59.67 -100.55
N ARG B 447 -11.93 59.89 -99.55
CA ARG B 447 -10.85 60.89 -99.66
C ARG B 447 -9.54 60.36 -100.26
N CYS B 448 -9.13 59.15 -99.87
CA CYS B 448 -7.86 58.59 -100.34
C CYS B 448 -7.92 58.17 -101.82
N ASN B 449 -8.80 57.22 -102.13
CA ASN B 449 -9.06 56.78 -103.52
C ASN B 449 -7.84 56.25 -104.31
N ASN B 450 -6.88 55.65 -103.61
CA ASN B 450 -5.71 55.03 -104.26
C ASN B 450 -5.35 53.69 -103.60
N GLY B 451 -6.34 52.83 -103.43
CA GLY B 451 -6.13 51.49 -102.85
C GLY B 451 -5.74 51.51 -101.39
N ASN B 452 -6.34 52.42 -100.62
CA ASN B 452 -6.08 52.54 -99.19
C ASN B 452 -7.23 51.99 -98.36
N GLY B 453 -8.41 52.59 -98.53
CA GLY B 453 -9.63 52.15 -97.84
C GLY B 453 -9.78 52.72 -96.43
N THR B 454 -11.02 53.07 -96.09
CA THR B 454 -11.41 53.52 -94.74
C THR B 454 -10.86 54.91 -94.34
N PHE B 455 -11.64 55.64 -93.54
CA PHE B 455 -11.30 56.99 -93.09
C PHE B 455 -11.72 57.19 -91.63
N GLU B 456 -10.74 57.03 -90.72
CA GLU B 456 -11.01 57.08 -89.28
C GLU B 456 -10.19 58.17 -88.59
N CYS B 457 -10.86 58.92 -87.71
CA CYS B 457 -10.22 59.95 -86.87
C CYS B 457 -9.52 61.05 -87.66
N GLY B 458 -9.99 61.31 -88.88
CA GLY B 458 -9.46 62.38 -89.72
C GLY B 458 -8.12 62.08 -90.36
N VAL B 459 -8.02 60.94 -91.05
CA VAL B 459 -6.76 60.53 -91.70
C VAL B 459 -6.93 59.39 -92.70
N CYS B 460 -6.05 59.34 -93.70
CA CYS B 460 -5.90 58.18 -94.60
C CYS B 460 -4.98 57.15 -93.96
N ARG B 461 -4.67 56.07 -94.70
CA ARG B 461 -3.67 55.09 -94.27
C ARG B 461 -2.28 55.70 -94.25
N HIS C 1 -9.95 7.17 16.25
CA HIS C 1 -11.10 7.96 15.70
C HIS C 1 -11.16 9.39 16.26
N HIS C 2 -10.00 9.95 16.60
CA HIS C 2 -9.89 11.29 17.17
C HIS C 2 -8.62 12.04 16.73
N LEU C 3 -7.45 11.44 16.97
CA LEU C 3 -6.16 12.07 16.60
C LEU C 3 -4.95 11.11 16.49
N GLY C 4 -5.07 9.87 16.97
CA GLY C 4 -3.94 8.93 17.00
C GLY C 4 -3.93 7.94 15.84
N GLY C 5 -3.74 8.43 14.63
CA GLY C 5 -3.81 7.62 13.42
C GLY C 5 -5.12 7.76 12.67
N ALA C 6 -6.14 8.33 13.32
CA ALA C 6 -7.43 8.58 12.70
C ALA C 6 -7.31 9.65 11.60
N LYS C 7 -7.89 9.36 10.44
CA LYS C 7 -7.74 10.23 9.26
C LYS C 7 -8.81 9.98 8.21
N GLN C 8 -9.02 10.97 7.35
CA GLN C 8 -9.83 10.82 6.15
C GLN C 8 -8.89 10.99 4.96
N ALA C 9 -8.03 9.99 4.77
CA ALA C 9 -6.92 10.07 3.82
C ALA C 9 -7.18 9.39 2.47
N GLY C 10 -8.36 8.79 2.31
CA GLY C 10 -8.71 8.11 1.06
C GLY C 10 -9.40 9.02 0.05
N ASP C 11 -10.02 8.41 -0.95
CA ASP C 11 -10.80 9.12 -1.97
C ASP C 11 -12.18 9.46 -1.43
N VAL C 12 -12.21 10.45 -0.54
CA VAL C 12 -13.44 10.86 0.15
C VAL C 12 -13.54 12.37 0.22
N GLU D 1 11.89 -14.73 29.87
CA GLU D 1 10.97 -15.87 30.14
C GLU D 1 9.52 -15.37 30.23
N VAL D 2 8.68 -15.84 29.31
CA VAL D 2 7.26 -15.51 29.31
C VAL D 2 6.58 -16.17 30.51
N GLN D 3 5.86 -15.37 31.30
CA GLN D 3 5.17 -15.90 32.47
C GLN D 3 3.89 -15.12 32.70
N LEU D 4 2.79 -15.86 32.87
CA LEU D 4 1.51 -15.27 33.21
C LEU D 4 1.27 -15.47 34.69
N GLN D 5 1.15 -14.37 35.43
CA GLN D 5 1.01 -14.41 36.88
C GLN D 5 -0.40 -14.06 37.31
N GLN D 6 -1.16 -15.08 37.71
CA GLN D 6 -2.56 -14.91 38.08
C GLN D 6 -2.73 -14.56 39.55
N SER D 7 -3.85 -13.95 39.89
CA SER D 7 -4.16 -13.54 41.25
C SER D 7 -4.59 -14.74 42.10
N GLY D 8 -4.66 -14.53 43.41
CA GLY D 8 -4.83 -15.62 44.38
C GLY D 8 -6.22 -16.23 44.48
N ALA D 9 -6.31 -17.33 45.22
CA ALA D 9 -7.55 -18.05 45.48
C ALA D 9 -8.66 -17.14 45.99
N GLU D 10 -9.88 -17.37 45.52
CA GLU D 10 -11.03 -16.55 45.85
C GLU D 10 -12.11 -17.38 46.54
N LEU D 11 -12.62 -16.87 47.65
CA LEU D 11 -13.78 -17.46 48.33
C LEU D 11 -14.90 -16.42 48.33
N VAL D 12 -15.95 -16.69 47.55
CA VAL D 12 -16.98 -15.68 47.28
C VAL D 12 -18.38 -16.25 47.43
N LYS D 13 -19.35 -15.37 47.65
CA LYS D 13 -20.72 -15.76 47.91
C LYS D 13 -21.57 -15.85 46.64
N PRO D 14 -22.55 -16.76 46.63
CA PRO D 14 -23.42 -16.85 45.46
C PRO D 14 -24.20 -15.57 45.22
N GLY D 15 -24.41 -15.23 43.95
CA GLY D 15 -25.11 -14.01 43.57
C GLY D 15 -24.20 -12.78 43.49
N ALA D 16 -22.98 -12.90 44.01
CA ALA D 16 -22.03 -11.79 44.01
C ALA D 16 -21.18 -11.84 42.73
N SER D 17 -20.19 -10.95 42.64
CA SER D 17 -19.25 -10.92 41.53
C SER D 17 -17.84 -11.11 42.03
N VAL D 18 -16.96 -11.54 41.14
CA VAL D 18 -15.53 -11.60 41.41
C VAL D 18 -14.77 -11.22 40.14
N LYS D 19 -13.57 -10.68 40.32
CA LYS D 19 -12.73 -10.23 39.22
C LYS D 19 -11.33 -10.81 39.38
N LEU D 20 -10.95 -11.69 38.46
CA LEU D 20 -9.64 -12.35 38.51
C LEU D 20 -8.68 -11.60 37.62
N SER D 21 -7.39 -11.65 37.92
CA SER D 21 -6.40 -10.93 37.12
C SER D 21 -5.24 -11.82 36.67
N CYS D 22 -4.62 -11.39 35.58
CA CYS D 22 -3.52 -12.12 34.97
C CYS D 22 -2.52 -11.08 34.49
N THR D 23 -1.35 -11.02 35.13
CA THR D 23 -0.35 -10.01 34.84
C THR D 23 0.80 -10.59 34.03
N ALA D 24 1.15 -9.93 32.93
CA ALA D 24 2.26 -10.35 32.08
C ALA D 24 3.59 -10.06 32.76
N SER D 25 4.49 -11.03 32.72
CA SER D 25 5.87 -10.87 33.16
C SER D 25 6.79 -11.38 32.06
N GLY D 26 7.78 -10.58 31.69
CA GLY D 26 8.70 -10.94 30.61
C GLY D 26 8.17 -10.66 29.21
N PHE D 27 7.00 -10.01 29.11
CA PHE D 27 6.43 -9.58 27.84
C PHE D 27 5.37 -8.52 28.10
N ASN D 28 4.81 -7.95 27.05
CA ASN D 28 3.71 -7.00 27.16
C ASN D 28 2.39 -7.64 26.81
N ILE D 29 1.36 -7.37 27.61
CA ILE D 29 0.07 -8.05 27.50
C ILE D 29 -0.58 -7.84 26.12
N LYS D 30 -0.29 -6.71 25.46
CA LYS D 30 -0.85 -6.41 24.14
C LYS D 30 -0.20 -7.18 22.99
N ASP D 31 0.83 -7.97 23.27
CA ASP D 31 1.55 -8.70 22.23
C ASP D 31 0.68 -9.70 21.48
N THR D 32 -0.26 -10.32 22.19
CA THR D 32 -1.06 -11.39 21.61
C THR D 32 -2.48 -11.38 22.17
N TYR D 33 -3.33 -12.21 21.58
CA TYR D 33 -4.59 -12.56 22.21
C TYR D 33 -4.34 -13.13 23.59
N VAL D 34 -5.25 -12.84 24.51
CA VAL D 34 -5.27 -13.47 25.83
C VAL D 34 -6.62 -14.14 26.03
N HIS D 35 -6.59 -15.41 26.43
CA HIS D 35 -7.80 -16.20 26.58
C HIS D 35 -8.02 -16.52 28.04
N TRP D 36 -9.27 -16.84 28.38
CA TRP D 36 -9.60 -17.36 29.71
C TRP D 36 -10.27 -18.73 29.56
N VAL D 37 -9.83 -19.67 30.37
CA VAL D 37 -10.32 -21.04 30.31
C VAL D 37 -10.70 -21.50 31.72
N LYS D 38 -11.76 -22.29 31.78
CA LYS D 38 -12.33 -22.81 33.02
C LYS D 38 -12.05 -24.30 33.11
N GLN D 39 -11.66 -24.77 34.29
CA GLN D 39 -11.48 -26.20 34.54
C GLN D 39 -12.26 -26.66 35.77
N ARG D 40 -13.06 -27.71 35.58
CA ARG D 40 -13.74 -28.38 36.68
C ARG D 40 -13.42 -29.87 36.61
N PRO D 41 -13.35 -30.54 37.77
CA PRO D 41 -12.99 -31.96 37.82
C PRO D 41 -13.82 -32.88 36.92
N GLU D 42 -15.14 -32.74 36.96
CA GLU D 42 -16.03 -33.62 36.20
CA GLU D 42 -16.07 -33.59 36.22
C GLU D 42 -16.26 -33.11 34.78
N GLN D 43 -16.51 -31.82 34.61
CA GLN D 43 -16.87 -31.24 33.30
C GLN D 43 -15.69 -30.88 32.40
N GLY D 44 -14.49 -30.88 32.96
CA GLY D 44 -13.29 -30.69 32.16
C GLY D 44 -13.04 -29.24 31.81
N LEU D 45 -12.39 -29.03 30.66
CA LEU D 45 -11.91 -27.71 30.25
C LEU D 45 -12.89 -27.01 29.33
N GLU D 46 -13.19 -25.74 29.62
CA GLU D 46 -14.09 -24.95 28.79
C GLU D 46 -13.48 -23.58 28.51
N TRP D 47 -13.49 -23.19 27.25
CA TRP D 47 -13.04 -21.87 26.81
C TRP D 47 -14.13 -20.84 27.08
N ILE D 48 -13.75 -19.77 27.76
CA ILE D 48 -14.70 -18.70 28.12
C ILE D 48 -14.73 -17.61 27.04
N GLY D 49 -13.55 -17.16 26.65
CA GLY D 49 -13.45 -16.17 25.58
C GLY D 49 -12.04 -15.63 25.48
N ARG D 50 -11.88 -14.56 24.70
CA ARG D 50 -10.58 -13.93 24.56
C ARG D 50 -10.69 -12.43 24.41
N ILE D 51 -9.55 -11.76 24.58
CA ILE D 51 -9.46 -10.32 24.33
C ILE D 51 -8.19 -10.02 23.54
N ASP D 52 -8.26 -9.03 22.65
CA ASP D 52 -7.07 -8.46 22.04
C ASP D 52 -6.74 -7.18 22.82
N PRO D 53 -5.79 -7.25 23.75
CA PRO D 53 -5.57 -6.09 24.62
C PRO D 53 -5.06 -4.85 23.90
N ALA D 54 -4.55 -5.00 22.67
CA ALA D 54 -4.14 -3.84 21.88
C ALA D 54 -5.32 -2.91 21.60
N ASN D 55 -6.51 -3.46 21.42
CA ASN D 55 -7.70 -2.67 21.03
C ASN D 55 -8.98 -2.94 21.85
N GLY D 56 -8.94 -3.91 22.75
CA GLY D 56 -10.09 -4.20 23.61
C GLY D 56 -11.14 -5.15 23.05
N TYR D 57 -11.02 -5.53 21.78
CA TYR D 57 -12.04 -6.41 21.17
C TYR D 57 -12.05 -7.81 21.79
N THR D 58 -13.26 -8.31 22.04
CA THR D 58 -13.46 -9.58 22.71
C THR D 58 -14.33 -10.57 21.92
N LYS D 59 -14.15 -11.85 22.21
CA LYS D 59 -15.06 -12.91 21.76
C LYS D 59 -15.39 -13.77 22.97
N TYR D 60 -16.62 -14.29 23.00
CA TYR D 60 -17.08 -15.15 24.08
C TYR D 60 -17.76 -16.40 23.54
N ASP D 61 -17.68 -17.48 24.30
CA ASP D 61 -18.53 -18.63 24.05
C ASP D 61 -19.91 -18.20 24.54
N PRO D 62 -20.95 -18.36 23.71
CA PRO D 62 -22.33 -18.06 24.12
C PRO D 62 -22.73 -18.54 25.52
N LYS D 63 -22.21 -19.70 25.96
CA LYS D 63 -22.51 -20.20 27.32
C LYS D 63 -22.15 -19.20 28.42
N PHE D 64 -21.16 -18.35 28.15
CA PHE D 64 -20.68 -17.36 29.14
C PHE D 64 -21.01 -15.90 28.78
N GLN D 65 -21.74 -15.67 27.69
CA GLN D 65 -22.14 -14.32 27.32
C GLN D 65 -23.07 -13.79 28.39
N GLY D 66 -22.74 -12.61 28.93
CA GLY D 66 -23.58 -11.98 29.95
C GLY D 66 -23.29 -12.39 31.38
N LYS D 67 -22.40 -13.36 31.58
CA LYS D 67 -21.83 -13.68 32.88
C LYS D 67 -20.37 -13.22 32.95
N ALA D 68 -19.60 -13.56 31.91
CA ALA D 68 -18.18 -13.27 31.85
C ALA D 68 -17.92 -11.97 31.10
N THR D 69 -17.05 -11.12 31.67
CA THR D 69 -16.56 -9.94 30.96
C THR D 69 -15.04 -9.91 31.05
N ILE D 70 -14.38 -9.95 29.89
CA ILE D 70 -12.93 -9.91 29.84
C ILE D 70 -12.48 -8.48 29.53
N THR D 71 -11.54 -7.96 30.31
CA THR D 71 -10.96 -6.65 30.04
C THR D 71 -9.45 -6.75 30.12
N ALA D 72 -8.78 -5.66 29.75
CA ALA D 72 -7.33 -5.60 29.84
C ALA D 72 -6.88 -4.18 30.01
N ASP D 73 -5.76 -4.01 30.71
CA ASP D 73 -5.17 -2.69 30.94
C ASP D 73 -3.69 -2.77 30.62
N THR D 74 -3.31 -2.15 29.50
CA THR D 74 -1.94 -2.18 29.03
C THR D 74 -0.99 -1.39 29.94
N SER D 75 -1.52 -0.42 30.69
CA SER D 75 -0.71 0.33 31.67
C SER D 75 -0.09 -0.59 32.71
N SER D 76 -0.90 -1.49 33.26
CA SER D 76 -0.45 -2.44 34.28
C SER D 76 -0.19 -3.84 33.71
N ASN D 77 -0.09 -3.96 32.38
CA ASN D 77 0.17 -5.23 31.72
C ASN D 77 -0.67 -6.38 32.26
N THR D 78 -1.96 -6.12 32.46
CA THR D 78 -2.84 -7.08 33.11
C THR D 78 -4.12 -7.29 32.32
N ALA D 79 -4.55 -8.55 32.25
CA ALA D 79 -5.84 -8.95 31.70
C ALA D 79 -6.74 -9.36 32.88
N TYR D 80 -8.04 -9.19 32.72
CA TYR D 80 -8.98 -9.44 33.80
C TYR D 80 -10.16 -10.31 33.32
N LEU D 81 -10.70 -11.10 34.24
CA LEU D 81 -11.94 -11.85 34.03
C LEU D 81 -12.90 -11.54 35.18
N GLN D 82 -14.05 -10.97 34.83
CA GLN D 82 -15.09 -10.72 35.81
C GLN D 82 -16.26 -11.68 35.61
N LEU D 83 -16.65 -12.33 36.70
CA LEU D 83 -17.80 -13.23 36.68
C LEU D 83 -18.90 -12.63 37.56
N SER D 84 -20.04 -12.32 36.96
CA SER D 84 -21.19 -11.80 37.69
C SER D 84 -22.13 -12.94 38.04
N SER D 85 -23.06 -12.68 38.94
CA SER D 85 -24.10 -13.65 39.28
C SER D 85 -23.51 -15.01 39.61
N LEU D 86 -22.56 -15.04 40.55
CA LEU D 86 -21.86 -16.28 40.90
C LEU D 86 -22.83 -17.37 41.35
N THR D 87 -22.63 -18.58 40.84
CA THR D 87 -23.42 -19.75 41.22
C THR D 87 -22.46 -20.90 41.56
N SER D 88 -23.01 -22.03 41.99
CA SER D 88 -22.20 -23.20 42.30
C SER D 88 -21.49 -23.79 41.08
N GLU D 89 -21.99 -23.52 39.88
CA GLU D 89 -21.33 -23.94 38.65
C GLU D 89 -20.05 -23.15 38.34
N ASP D 90 -19.85 -22.02 39.02
CA ASP D 90 -18.66 -21.18 38.80
C ASP D 90 -17.52 -21.55 39.72
N THR D 91 -17.74 -22.51 40.63
CA THR D 91 -16.65 -23.05 41.43
C THR D 91 -15.76 -23.84 40.49
N ALA D 92 -14.55 -23.35 40.28
CA ALA D 92 -13.63 -23.96 39.32
C ALA D 92 -12.24 -23.33 39.43
N VAL D 93 -11.28 -23.84 38.66
CA VAL D 93 -9.99 -23.16 38.50
C VAL D 93 -10.01 -22.43 37.15
N TYR D 94 -9.57 -21.18 37.15
CA TYR D 94 -9.60 -20.35 35.94
C TYR D 94 -8.18 -20.02 35.47
N TYR D 95 -7.90 -20.24 34.18
CA TYR D 95 -6.58 -19.97 33.59
C TYR D 95 -6.65 -18.87 32.53
N CYS D 96 -5.60 -18.04 32.47
CA CYS D 96 -5.38 -17.17 31.32
C CYS D 96 -4.33 -17.82 30.43
N VAL D 97 -4.50 -17.66 29.12
CA VAL D 97 -3.69 -18.36 28.15
C VAL D 97 -3.28 -17.42 27.01
N ARG D 98 -2.08 -17.60 26.48
CA ARG D 98 -1.67 -16.94 25.25
C ARG D 98 -0.83 -17.87 24.36
N PRO D 99 -0.82 -17.61 23.05
CA PRO D 99 -0.01 -18.40 22.13
C PRO D 99 1.48 -18.10 22.20
N LEU D 100 2.29 -19.02 21.68
CA LEU D 100 3.71 -18.78 21.52
C LEU D 100 3.94 -18.02 20.22
N TYR D 101 3.66 -18.64 19.08
CA TYR D 101 3.90 -18.03 17.76
C TYR D 101 2.61 -17.84 16.96
N ASP D 102 1.93 -18.95 16.74
CA ASP D 102 0.67 -19.01 16.01
C ASP D 102 -0.34 -18.08 16.68
N TYR D 103 -0.87 -17.10 15.94
CA TYR D 103 -1.87 -16.17 16.49
C TYR D 103 -3.00 -16.85 17.27
N TYR D 104 -3.39 -18.04 16.82
CA TYR D 104 -4.62 -18.67 17.27
C TYR D 104 -4.43 -19.75 18.31
N ALA D 105 -3.18 -20.06 18.65
CA ALA D 105 -2.86 -21.20 19.53
C ALA D 105 -3.00 -20.88 21.02
N MET D 106 -2.81 -21.91 21.84
CA MET D 106 -3.03 -21.87 23.28
C MET D 106 -1.85 -22.52 24.00
N ASP D 107 -0.70 -21.85 23.98
CA ASP D 107 0.58 -22.48 24.33
C ASP D 107 1.10 -22.16 25.75
N TYR D 108 0.92 -20.92 26.20
CA TYR D 108 1.38 -20.49 27.53
C TYR D 108 0.21 -20.27 28.49
N TRP D 109 0.28 -20.88 29.68
CA TRP D 109 -0.80 -20.81 30.66
C TRP D 109 -0.32 -20.22 31.99
N GLY D 110 -1.18 -19.44 32.63
CA GLY D 110 -0.91 -19.00 34.00
C GLY D 110 -1.05 -20.17 34.94
N GLN D 111 -0.79 -19.95 36.23
CA GLN D 111 -0.80 -21.02 37.21
C GLN D 111 -2.23 -21.42 37.63
N GLY D 112 -3.23 -20.65 37.19
CA GLY D 112 -4.62 -20.92 37.54
C GLY D 112 -5.03 -20.21 38.81
N THR D 113 -6.29 -19.79 38.86
CA THR D 113 -6.87 -19.17 40.06
C THR D 113 -8.11 -19.95 40.46
N SER D 114 -8.11 -20.44 41.71
CA SER D 114 -9.20 -21.20 42.26
C SER D 114 -10.30 -20.26 42.76
N VAL D 115 -11.52 -20.46 42.24
CA VAL D 115 -12.69 -19.75 42.75
C VAL D 115 -13.64 -20.76 43.39
N THR D 116 -14.00 -20.49 44.64
CA THR D 116 -14.97 -21.30 45.37
C THR D 116 -16.18 -20.45 45.74
N VAL D 117 -17.35 -20.87 45.26
CA VAL D 117 -18.62 -20.17 45.50
C VAL D 117 -19.37 -20.91 46.61
N SER D 118 -19.65 -20.23 47.72
CA SER D 118 -20.31 -20.86 48.86
C SER D 118 -20.92 -19.86 49.84
N SER D 119 -22.02 -20.27 50.47
CA SER D 119 -22.66 -19.49 51.53
C SER D 119 -22.19 -19.93 52.92
N ALA D 120 -21.34 -20.95 52.98
CA ALA D 120 -20.93 -21.51 54.27
C ALA D 120 -20.20 -20.47 55.12
N LYS D 121 -20.27 -20.67 56.44
CA LYS D 121 -19.54 -19.84 57.38
C LYS D 121 -18.33 -20.61 57.89
N THR D 122 -17.31 -19.89 58.34
CA THR D 122 -16.12 -20.51 58.90
C THR D 122 -16.50 -21.40 60.08
N THR D 123 -16.11 -22.67 60.01
CA THR D 123 -16.48 -23.65 61.02
C THR D 123 -15.29 -24.57 61.27
N ALA D 124 -14.89 -24.69 62.54
CA ALA D 124 -13.78 -25.56 62.92
C ALA D 124 -14.17 -27.04 62.82
N PRO D 125 -13.22 -27.91 62.43
CA PRO D 125 -13.53 -29.33 62.34
C PRO D 125 -13.70 -29.98 63.72
N SER D 126 -14.49 -31.05 63.77
CA SER D 126 -14.47 -31.98 64.88
C SER D 126 -13.51 -33.09 64.49
N VAL D 127 -12.60 -33.46 65.39
CA VAL D 127 -11.57 -34.46 65.07
C VAL D 127 -11.74 -35.69 65.97
N TYR D 128 -11.84 -36.86 65.35
CA TYR D 128 -12.11 -38.10 66.07
C TYR D 128 -11.04 -39.14 65.81
N PRO D 129 -10.52 -39.78 66.87
CA PRO D 129 -9.56 -40.84 66.68
C PRO D 129 -10.25 -42.15 66.29
N LEU D 130 -9.66 -42.90 65.38
CA LEU D 130 -10.21 -44.19 64.96
C LEU D 130 -9.25 -45.32 65.35
N ALA D 131 -9.57 -46.00 66.45
CA ALA D 131 -8.82 -47.17 66.90
C ALA D 131 -9.50 -48.43 66.38
N PRO D 132 -8.74 -49.52 66.24
CA PRO D 132 -9.33 -50.74 65.66
C PRO D 132 -10.43 -51.38 66.52
N VAL D 133 -11.10 -52.36 65.95
CA VAL D 133 -12.08 -53.18 66.68
C VAL D 133 -11.36 -54.13 67.64
N CYS D 134 -12.04 -54.55 68.70
CA CYS D 134 -11.48 -55.53 69.64
C CYS D 134 -11.31 -56.91 68.98
N THR D 137 -9.05 -60.68 66.62
CA THR D 137 -7.65 -60.93 66.91
C THR D 137 -6.74 -60.02 66.07
N THR D 138 -5.46 -59.99 66.43
CA THR D 138 -4.50 -59.06 65.82
C THR D 138 -3.45 -59.79 64.97
N GLY D 139 -3.14 -59.23 63.80
CA GLY D 139 -2.17 -59.81 62.87
C GLY D 139 -0.76 -59.27 63.08
N SER D 140 -0.05 -59.04 61.97
CA SER D 140 1.30 -58.48 62.01
C SER D 140 1.32 -56.97 61.80
N SER D 141 0.27 -56.43 61.18
CA SER D 141 0.10 -54.99 61.02
C SER D 141 -1.21 -54.52 61.66
N VAL D 142 -1.26 -53.23 61.96
CA VAL D 142 -2.46 -52.61 62.51
C VAL D 142 -2.67 -51.24 61.84
N THR D 143 -3.93 -50.95 61.50
CA THR D 143 -4.28 -49.68 60.87
C THR D 143 -5.09 -48.81 61.81
N LEU D 144 -4.65 -47.55 61.96
CA LEU D 144 -5.34 -46.56 62.78
C LEU D 144 -5.85 -45.45 61.87
N GLY D 145 -6.71 -44.60 62.39
CA GLY D 145 -7.31 -43.55 61.57
C GLY D 145 -7.63 -42.26 62.29
N CYS D 146 -8.02 -41.27 61.50
CA CYS D 146 -8.43 -39.97 62.01
C CYS D 146 -9.55 -39.43 61.13
N LEU D 147 -10.64 -39.01 61.74
CA LEU D 147 -11.77 -38.46 61.01
C LEU D 147 -11.90 -36.98 61.33
N VAL D 148 -11.83 -36.16 60.29
CA VAL D 148 -11.96 -34.71 60.40
C VAL D 148 -13.27 -34.27 59.76
N LYS D 149 -14.28 -33.99 60.59
CA LYS D 149 -15.65 -33.75 60.09
C LYS D 149 -16.10 -32.30 60.22
N GLY D 150 -16.82 -31.84 59.19
CA GLY D 150 -17.61 -30.62 59.27
C GLY D 150 -16.83 -29.34 59.45
N TYR D 151 -15.86 -29.09 58.57
CA TYR D 151 -15.13 -27.84 58.59
C TYR D 151 -15.35 -27.05 57.31
N PHE D 152 -15.04 -25.76 57.39
CA PHE D 152 -15.08 -24.88 56.22
C PHE D 152 -14.34 -23.60 56.55
N PRO D 153 -13.54 -23.09 55.60
CA PRO D 153 -13.28 -23.65 54.28
C PRO D 153 -12.05 -24.54 54.33
N GLU D 154 -11.72 -25.12 53.18
CA GLU D 154 -10.44 -25.81 53.01
CA GLU D 154 -10.44 -25.80 52.99
C GLU D 154 -9.34 -24.75 53.08
N PRO D 155 -8.10 -25.17 53.42
CA PRO D 155 -7.60 -26.49 53.74
C PRO D 155 -7.47 -26.78 55.22
N VAL D 156 -7.22 -28.04 55.54
CA VAL D 156 -6.69 -28.46 56.83
C VAL D 156 -5.38 -29.17 56.56
N THR D 157 -4.45 -29.09 57.51
CA THR D 157 -3.22 -29.87 57.45
C THR D 157 -3.32 -30.97 58.49
N LEU D 158 -3.06 -32.20 58.08
CA LEU D 158 -3.09 -33.35 58.98
C LEU D 158 -1.73 -34.02 58.96
N THR D 159 -1.16 -34.21 60.15
CA THR D 159 0.08 -34.98 60.29
C THR D 159 -0.08 -35.99 61.43
N TRP D 160 0.84 -36.95 61.49
CA TRP D 160 0.89 -37.92 62.57
C TRP D 160 2.20 -37.73 63.34
N ASN D 161 2.13 -37.84 64.67
CA ASN D 161 3.28 -37.59 65.55
C ASN D 161 4.09 -36.35 65.12
N SER D 162 3.37 -35.25 64.92
CA SER D 162 3.95 -33.97 64.50
C SER D 162 4.73 -34.02 63.18
N GLY D 163 4.43 -35.02 62.34
CA GLY D 163 5.14 -35.20 61.07
C GLY D 163 6.20 -36.29 61.10
N SER D 164 6.47 -36.83 62.28
CA SER D 164 7.49 -37.88 62.44
C SER D 164 7.04 -39.23 61.88
N LEU D 165 5.73 -39.42 61.72
CA LEU D 165 5.18 -40.62 61.10
C LEU D 165 4.57 -40.25 59.75
N SER D 166 5.34 -40.48 58.68
CA SER D 166 4.93 -40.11 57.31
C SER D 166 4.77 -41.32 56.38
N SER D 167 5.46 -42.42 56.70
CA SER D 167 5.37 -43.64 55.91
C SER D 167 4.14 -44.45 56.33
N GLY D 168 3.51 -45.10 55.37
CA GLY D 168 2.29 -45.87 55.62
C GLY D 168 1.07 -45.02 55.90
N VAL D 169 1.06 -43.79 55.37
CA VAL D 169 -0.05 -42.87 55.59
C VAL D 169 -0.84 -42.67 54.30
N HIS D 170 -2.17 -42.73 54.41
CA HIS D 170 -3.06 -42.33 53.34
C HIS D 170 -3.98 -41.25 53.89
N THR D 171 -3.80 -40.02 53.41
CA THR D 171 -4.66 -38.90 53.76
C THR D 171 -5.53 -38.58 52.56
N PHE D 172 -6.83 -38.80 52.70
CA PHE D 172 -7.71 -38.76 51.55
C PHE D 172 -8.17 -37.34 51.24
N PRO D 173 -8.45 -37.04 49.96
CA PRO D 173 -8.92 -35.69 49.66
C PRO D 173 -10.25 -35.39 50.33
N ALA D 174 -10.43 -34.12 50.71
CA ALA D 174 -11.65 -33.69 51.37
C ALA D 174 -12.84 -33.82 50.43
N VAL D 175 -14.01 -34.10 50.98
CA VAL D 175 -15.24 -34.14 50.21
C VAL D 175 -16.27 -33.27 50.90
N LEU D 176 -17.13 -32.66 50.08
CA LEU D 176 -18.14 -31.73 50.54
C LEU D 176 -19.45 -32.45 50.78
N GLN D 177 -20.06 -32.23 51.95
CA GLN D 177 -21.39 -32.75 52.24
CA GLN D 177 -21.41 -32.72 52.21
C GLN D 177 -22.21 -31.72 53.04
N SER D 178 -23.27 -31.20 52.43
CA SER D 178 -24.11 -30.14 53.02
C SER D 178 -23.24 -28.96 53.46
N ASP D 179 -22.49 -28.43 52.50
CA ASP D 179 -21.75 -27.16 52.64
C ASP D 179 -20.45 -27.21 53.45
N LEU D 180 -20.23 -28.27 54.23
CA LEU D 180 -18.99 -28.40 55.01
C LEU D 180 -18.12 -29.54 54.47
N TYR D 181 -16.83 -29.49 54.77
CA TYR D 181 -15.89 -30.49 54.27
C TYR D 181 -15.61 -31.57 55.30
N THR D 182 -15.28 -32.75 54.79
CA THR D 182 -14.88 -33.88 55.61
C THR D 182 -13.70 -34.58 54.98
N LEU D 183 -12.76 -34.95 55.83
CA LEU D 183 -11.51 -35.56 55.40
C LEU D 183 -11.19 -36.71 56.36
N SER D 184 -10.44 -37.69 55.87
CA SER D 184 -9.98 -38.79 56.72
C SER D 184 -8.56 -39.15 56.41
N SER D 185 -7.91 -39.81 57.36
CA SER D 185 -6.53 -40.28 57.17
C SER D 185 -6.33 -41.61 57.88
N SER D 186 -5.50 -42.46 57.28
CA SER D 186 -5.12 -43.74 57.86
C SER D 186 -3.61 -43.84 57.98
N VAL D 187 -3.15 -44.53 59.01
CA VAL D 187 -1.74 -44.86 59.18
C VAL D 187 -1.61 -46.34 59.55
N THR D 188 -0.63 -47.00 58.96
CA THR D 188 -0.43 -48.44 59.17
C THR D 188 0.98 -48.67 59.71
N VAL D 189 1.07 -49.44 60.78
CA VAL D 189 2.33 -49.75 61.45
C VAL D 189 2.36 -51.22 61.83
N THR D 190 3.53 -51.72 62.22
CA THR D 190 3.65 -53.10 62.71
C THR D 190 2.98 -53.21 64.07
N SER D 191 2.37 -54.36 64.35
CA SER D 191 1.63 -54.56 65.60
C SER D 191 2.46 -54.34 66.87
N SER D 192 3.78 -54.55 66.79
CA SER D 192 4.68 -54.32 67.91
C SER D 192 4.92 -52.82 68.17
N THR D 193 4.51 -51.95 67.25
CA THR D 193 4.64 -50.51 67.41
C THR D 193 3.53 -49.90 68.25
N TRP D 194 2.30 -50.35 68.02
CA TRP D 194 1.13 -49.77 68.68
C TRP D 194 0.29 -50.87 69.32
N PRO D 195 -0.29 -50.61 70.51
CA PRO D 195 -0.28 -49.37 71.29
C PRO D 195 0.94 -49.17 72.20
N SER D 196 2.00 -49.93 72.00
CA SER D 196 3.20 -49.81 72.85
C SER D 196 3.86 -48.43 72.71
N GLN D 197 3.80 -47.85 71.52
CA GLN D 197 4.27 -46.48 71.29
C GLN D 197 3.11 -45.57 70.91
N SER D 198 3.23 -44.30 71.30
CA SER D 198 2.16 -43.31 71.16
C SER D 198 1.99 -42.86 69.70
N ILE D 199 0.76 -42.92 69.20
CA ILE D 199 0.43 -42.39 67.87
C ILE D 199 -0.66 -41.33 68.01
N THR D 200 -0.39 -40.13 67.51
CA THR D 200 -1.31 -39.00 67.67
C THR D 200 -1.61 -38.32 66.34
N CYS D 201 -2.90 -38.04 66.12
CA CYS D 201 -3.36 -37.29 64.96
C CYS D 201 -3.22 -35.80 65.25
N ASN D 202 -2.58 -35.06 64.35
CA ASN D 202 -2.45 -33.59 64.47
C ASN D 202 -3.20 -32.90 63.34
N VAL D 203 -4.21 -32.11 63.69
CA VAL D 203 -5.02 -31.41 62.67
C VAL D 203 -5.07 -29.91 62.90
N ALA D 204 -4.70 -29.15 61.87
CA ALA D 204 -4.70 -27.69 61.92
C ALA D 204 -5.67 -27.13 60.88
N HIS D 205 -6.44 -26.13 61.28
CA HIS D 205 -7.38 -25.45 60.39
C HIS D 205 -7.21 -23.93 60.53
N PRO D 206 -6.30 -23.34 59.75
CA PRO D 206 -5.90 -21.92 59.86
C PRO D 206 -7.06 -20.93 59.89
N ALA D 207 -8.11 -21.18 59.11
CA ALA D 207 -9.24 -20.26 59.01
C ALA D 207 -9.97 -20.03 60.34
N SER D 208 -10.10 -21.10 61.13
CA SER D 208 -10.72 -21.02 62.46
C SER D 208 -9.70 -20.84 63.58
N SER D 209 -8.42 -20.73 63.22
CA SER D 209 -7.32 -20.60 64.19
C SER D 209 -7.33 -21.74 65.20
N THR D 210 -7.37 -22.98 64.71
CA THR D 210 -7.46 -24.15 65.57
C THR D 210 -6.36 -25.18 65.27
N LYS D 211 -5.83 -25.77 66.35
CA LYS D 211 -4.84 -26.84 66.28
C LYS D 211 -5.25 -27.89 67.30
N VAL D 212 -5.52 -29.10 66.83
CA VAL D 212 -6.02 -30.17 67.69
C VAL D 212 -5.17 -31.43 67.55
N ASP D 213 -4.86 -32.06 68.68
CA ASP D 213 -4.14 -33.33 68.71
C ASP D 213 -5.06 -34.40 69.31
N LYS D 214 -5.10 -35.58 68.70
CA LYS D 214 -5.89 -36.69 69.20
C LYS D 214 -5.06 -37.97 69.22
N LYS D 215 -4.72 -38.42 70.44
CA LYS D 215 -4.02 -39.67 70.64
C LYS D 215 -4.98 -40.84 70.38
N ILE D 216 -4.59 -41.76 69.51
CA ILE D 216 -5.38 -42.95 69.24
C ILE D 216 -5.24 -43.91 70.43
N GLU D 217 -6.36 -44.21 71.09
CA GLU D 217 -6.36 -45.05 72.28
C GLU D 217 -7.05 -46.38 71.96
N PRO D 218 -6.48 -47.50 72.46
CA PRO D 218 -7.16 -48.80 72.31
C PRO D 218 -8.56 -48.78 72.94
N ARG D 219 -9.52 -49.41 72.27
CA ARG D 219 -10.89 -49.46 72.77
C ARG D 219 -10.96 -50.39 73.98
N GLY D 220 -11.67 -49.96 75.02
CA GLY D 220 -11.70 -50.66 76.30
C GLY D 220 -12.88 -51.61 76.46
N PRO D 221 -13.02 -52.25 77.64
CA PRO D 221 -14.14 -53.14 77.94
C PRO D 221 -15.50 -52.46 77.84
N ASP E 1 -20.95 -26.34 17.63
CA ASP E 1 -19.57 -26.36 18.18
C ASP E 1 -18.89 -27.66 17.79
N ILE E 2 -17.57 -27.62 17.67
CA ILE E 2 -16.81 -28.81 17.31
C ILE E 2 -16.60 -29.64 18.56
N LEU E 3 -17.03 -30.91 18.50
CA LEU E 3 -16.85 -31.85 19.59
C LEU E 3 -15.52 -32.55 19.40
N MET E 4 -14.68 -32.51 20.44
CA MET E 4 -13.40 -33.18 20.45
C MET E 4 -13.47 -34.41 21.35
N THR E 5 -13.38 -35.59 20.74
CA THR E 5 -13.47 -36.85 21.47
C THR E 5 -12.08 -37.46 21.59
N GLN E 6 -11.58 -37.55 22.82
CA GLN E 6 -10.22 -38.00 23.09
C GLN E 6 -10.21 -39.44 23.60
N SER E 7 -9.23 -40.23 23.18
CA SER E 7 -9.13 -41.66 23.56
C SER E 7 -7.70 -42.10 23.78
N PRO E 8 -7.47 -43.01 24.75
CA PRO E 8 -8.44 -43.47 25.74
C PRO E 8 -8.54 -42.43 26.84
N SER E 9 -9.46 -42.60 27.78
CA SER E 9 -9.56 -41.65 28.88
C SER E 9 -8.49 -41.95 29.93
N SER E 10 -7.98 -43.18 29.93
CA SER E 10 -6.80 -43.51 30.71
C SER E 10 -6.10 -44.74 30.16
N MET E 11 -4.80 -44.82 30.42
CA MET E 11 -4.01 -45.98 30.08
C MET E 11 -2.99 -46.26 31.17
N SER E 12 -2.76 -47.54 31.43
CA SER E 12 -1.78 -47.97 32.41
C SER E 12 -0.56 -48.43 31.66
N VAL E 13 0.54 -47.69 31.83
CA VAL E 13 1.72 -47.93 31.01
C VAL E 13 2.98 -47.89 31.86
N SER E 14 4.11 -48.20 31.23
CA SER E 14 5.38 -48.38 31.95
C SER E 14 6.45 -47.42 31.42
N LEU E 15 7.49 -47.21 32.22
CA LEU E 15 8.66 -46.44 31.78
C LEU E 15 9.25 -47.06 30.53
N GLY E 16 9.58 -46.21 29.55
CA GLY E 16 10.17 -46.69 28.29
C GLY E 16 9.18 -47.07 27.19
N ASP E 17 7.89 -47.12 27.51
CA ASP E 17 6.87 -47.43 26.50
C ASP E 17 6.76 -46.28 25.51
N THR E 18 6.25 -46.61 24.33
CA THR E 18 5.84 -45.63 23.34
C THR E 18 4.32 -45.74 23.32
N VAL E 19 3.63 -44.61 23.46
CA VAL E 19 2.18 -44.62 23.54
C VAL E 19 1.57 -43.51 22.69
N SER E 20 0.33 -43.73 22.24
CA SER E 20 -0.39 -42.71 21.48
C SER E 20 -1.74 -42.38 22.10
N ILE E 21 -2.07 -41.09 22.10
CA ILE E 21 -3.36 -40.58 22.51
C ILE E 21 -4.01 -40.07 21.24
N THR E 22 -5.27 -40.42 21.00
CA THR E 22 -5.96 -39.96 19.80
C THR E 22 -7.01 -38.92 20.10
N CYS E 23 -7.28 -38.07 19.12
CA CYS E 23 -8.33 -37.08 19.24
C CYS E 23 -9.11 -37.12 17.91
N HIS E 24 -10.43 -37.26 18.01
CA HIS E 24 -11.31 -37.23 16.84
C HIS E 24 -12.23 -36.01 16.91
N ALA E 25 -12.14 -35.15 15.90
CA ALA E 25 -12.98 -33.95 15.82
C ALA E 25 -14.28 -34.29 15.09
N SER E 26 -15.34 -33.54 15.39
CA SER E 26 -16.65 -33.78 14.79
C SER E 26 -16.71 -33.25 13.35
N GLN E 27 -15.69 -32.50 12.94
CA GLN E 27 -15.47 -32.17 11.54
C GLN E 27 -13.98 -31.94 11.28
N GLY E 28 -13.61 -31.81 10.01
CA GLY E 28 -12.23 -31.48 9.63
C GLY E 28 -11.77 -30.18 10.25
N ILE E 29 -10.58 -30.20 10.86
CA ILE E 29 -9.99 -28.98 11.47
C ILE E 29 -8.60 -28.67 10.91
N SER E 30 -8.25 -29.31 9.80
CA SER E 30 -6.99 -29.06 9.07
C SER E 30 -5.81 -28.65 9.95
N SER E 31 -5.48 -29.53 10.90
CA SER E 31 -4.30 -29.38 11.76
C SER E 31 -4.37 -28.22 12.77
N ASN E 32 -5.51 -27.56 12.89
CA ASN E 32 -5.64 -26.48 13.88
C ASN E 32 -5.94 -27.09 15.23
N ILE E 33 -4.93 -27.78 15.76
CA ILE E 33 -5.05 -28.55 16.98
C ILE E 33 -3.81 -28.34 17.84
N GLY E 34 -4.04 -28.20 19.15
CA GLY E 34 -2.95 -28.14 20.12
C GLY E 34 -3.01 -29.31 21.08
N TRP E 35 -1.86 -29.68 21.63
CA TRP E 35 -1.79 -30.71 22.65
C TRP E 35 -1.20 -30.08 23.91
N LEU E 36 -1.79 -30.43 25.05
CA LEU E 36 -1.50 -29.80 26.34
C LEU E 36 -1.22 -30.88 27.37
N GLN E 37 -0.32 -30.57 28.31
CA GLN E 37 0.01 -31.48 29.42
C GLN E 37 -0.27 -30.81 30.77
N GLN E 38 -0.86 -31.55 31.69
CA GLN E 38 -1.01 -31.10 33.07
C GLN E 38 -0.49 -32.16 34.03
N LYS E 39 0.63 -31.88 34.68
CA LYS E 39 1.20 -32.77 35.68
C LYS E 39 0.36 -32.69 36.96
N PRO E 40 0.39 -33.74 37.78
CA PRO E 40 -0.43 -33.75 39.00
C PRO E 40 -0.20 -32.52 39.88
N GLY E 41 -1.28 -31.81 40.21
CA GLY E 41 -1.22 -30.65 41.09
C GLY E 41 -0.67 -29.39 40.45
N LYS E 42 -0.33 -29.46 39.17
CA LYS E 42 0.33 -28.37 38.47
C LYS E 42 -0.61 -27.74 37.43
N SER E 43 -0.13 -26.69 36.78
CA SER E 43 -0.88 -26.03 35.72
C SER E 43 -0.61 -26.68 34.36
N PHE E 44 -0.91 -25.96 33.29
CA PHE E 44 -0.76 -26.51 31.95
C PHE E 44 0.55 -26.04 31.31
N MET E 45 1.11 -26.92 30.48
CA MET E 45 2.21 -26.58 29.56
C MET E 45 1.76 -27.00 28.17
N GLY E 46 2.01 -26.15 27.18
CA GLY E 46 1.71 -26.50 25.80
C GLY E 46 2.78 -27.42 25.25
N LEU E 47 2.35 -28.46 24.54
CA LEU E 47 3.27 -29.43 23.94
C LEU E 47 3.42 -29.21 22.43
N ILE E 48 2.30 -29.17 21.73
CA ILE E 48 2.26 -29.06 20.26
C ILE E 48 1.32 -27.93 19.84
N TYR E 49 1.68 -27.18 18.81
CA TYR E 49 0.73 -26.30 18.14
C TYR E 49 0.65 -26.62 16.67
N TYR E 50 -0.48 -26.28 16.07
CA TYR E 50 -0.76 -26.52 14.65
C TYR E 50 -0.34 -27.93 14.24
N GLY E 51 -0.79 -28.91 15.03
CA GLY E 51 -0.73 -30.32 14.65
C GLY E 51 0.56 -31.01 15.00
N THR E 52 1.68 -30.46 14.54
CA THR E 52 2.96 -31.16 14.64
C THR E 52 4.12 -30.35 15.22
N ASN E 53 3.97 -29.04 15.41
CA ASN E 53 5.07 -28.18 15.85
C ASN E 53 5.23 -28.21 17.37
N LEU E 54 6.41 -28.59 17.85
CA LEU E 54 6.71 -28.55 19.28
C LEU E 54 6.84 -27.13 19.79
N VAL E 55 6.21 -26.87 20.94
CA VAL E 55 6.45 -25.64 21.68
C VAL E 55 7.93 -25.60 22.10
N ASP E 56 8.52 -24.41 22.10
CA ASP E 56 9.92 -24.26 22.48
C ASP E 56 10.18 -24.91 23.84
N GLY E 57 11.26 -25.68 23.91
CA GLY E 57 11.66 -26.34 25.17
C GLY E 57 11.08 -27.72 25.40
N VAL E 58 10.08 -28.11 24.62
CA VAL E 58 9.44 -29.43 24.78
C VAL E 58 10.37 -30.54 24.26
N PRO E 59 10.56 -31.62 25.03
CA PRO E 59 11.45 -32.71 24.60
C PRO E 59 11.03 -33.36 23.28
N SER E 60 12.00 -33.83 22.52
CA SER E 60 11.73 -34.39 21.19
C SER E 60 11.03 -35.75 21.21
N ARG E 61 10.91 -36.38 22.37
CA ARG E 61 10.12 -37.61 22.48
C ARG E 61 8.60 -37.39 22.28
N PHE E 62 8.15 -36.15 22.36
CA PHE E 62 6.76 -35.80 22.01
C PHE E 62 6.64 -35.49 20.52
N SER E 63 5.61 -36.05 19.88
CA SER E 63 5.35 -35.78 18.46
C SER E 63 3.86 -35.80 18.13
N GLY E 64 3.50 -35.02 17.13
CA GLY E 64 2.11 -34.92 16.71
C GLY E 64 1.94 -35.45 15.31
N SER E 65 0.75 -35.95 15.00
CA SER E 65 0.42 -36.41 13.66
C SER E 65 -1.07 -36.35 13.41
N GLY E 66 -1.46 -36.61 12.17
CA GLY E 66 -2.85 -36.63 11.77
C GLY E 66 -3.23 -35.62 10.72
N SER E 67 -4.50 -35.67 10.32
CA SER E 67 -5.04 -34.76 9.33
C SER E 67 -6.55 -34.92 9.35
N GLY E 68 -7.25 -34.08 8.61
CA GLY E 68 -8.70 -34.09 8.57
C GLY E 68 -9.27 -33.92 9.97
N ALA E 69 -9.95 -34.95 10.46
CA ALA E 69 -10.62 -34.92 11.74
C ALA E 69 -9.92 -35.78 12.79
N ASP E 70 -8.80 -36.41 12.45
CA ASP E 70 -8.19 -37.42 13.34
C ASP E 70 -6.70 -37.18 13.58
N TYR E 71 -6.34 -37.07 14.86
CA TYR E 71 -5.00 -36.65 15.24
C TYR E 71 -4.44 -37.52 16.35
N SER E 72 -3.12 -37.48 16.52
CA SER E 72 -2.45 -38.28 17.52
C SER E 72 -1.30 -37.54 18.17
N LEU E 73 -1.14 -37.76 19.47
CA LEU E 73 0.05 -37.35 20.21
C LEU E 73 0.76 -38.64 20.60
N THR E 74 2.02 -38.77 20.21
CA THR E 74 2.83 -39.92 20.52
C THR E 74 3.96 -39.50 21.46
N ILE E 75 4.15 -40.28 22.52
CA ILE E 75 5.27 -40.09 23.43
C ILE E 75 6.17 -41.31 23.29
N SER E 76 7.38 -41.11 22.78
CA SER E 76 8.35 -42.19 22.61
C SER E 76 9.19 -42.35 23.87
N SER E 77 9.27 -43.58 24.38
CA SER E 77 10.11 -43.86 25.54
C SER E 77 9.72 -43.02 26.77
N LEU E 78 8.61 -43.39 27.41
CA LEU E 78 8.06 -42.63 28.56
C LEU E 78 9.06 -42.37 29.67
N ASP E 79 9.13 -41.11 30.08
CA ASP E 79 9.87 -40.68 31.25
C ASP E 79 8.93 -40.67 32.45
N SER E 80 9.47 -40.68 33.66
CA SER E 80 8.67 -40.61 34.88
CA SER E 80 8.66 -40.61 34.88
CA SER E 80 8.67 -40.61 34.88
C SER E 80 7.86 -39.31 34.96
N GLU E 81 8.40 -38.24 34.36
CA GLU E 81 7.71 -36.95 34.33
C GLU E 81 6.49 -36.96 33.39
N ASP E 82 6.38 -38.00 32.55
CA ASP E 82 5.31 -38.04 31.54
C ASP E 82 4.02 -38.65 32.03
N PHE E 83 4.00 -39.18 33.26
CA PHE E 83 2.75 -39.62 33.87
C PHE E 83 1.98 -38.37 34.33
N ALA E 84 0.98 -38.02 33.54
CA ALA E 84 0.27 -36.75 33.67
C ALA E 84 -1.02 -36.80 32.88
N ASP E 85 -1.79 -35.72 32.91
CA ASP E 85 -2.98 -35.61 32.07
C ASP E 85 -2.62 -34.90 30.76
N TYR E 86 -3.24 -35.33 29.67
CA TYR E 86 -3.02 -34.74 28.36
C TYR E 86 -4.36 -34.37 27.71
N TYR E 87 -4.42 -33.21 27.08
CA TYR E 87 -5.65 -32.74 26.42
C TYR E 87 -5.34 -32.24 25.00
N CYS E 88 -6.30 -32.44 24.08
CA CYS E 88 -6.28 -31.75 22.78
C CYS E 88 -7.17 -30.51 22.88
N VAL E 89 -6.89 -29.53 22.02
CA VAL E 89 -7.75 -28.36 21.86
C VAL E 89 -7.80 -28.01 20.37
N GLN E 90 -8.97 -27.70 19.84
CA GLN E 90 -9.09 -27.27 18.46
C GLN E 90 -9.27 -25.77 18.43
N TYR E 91 -8.67 -25.12 17.43
CA TYR E 91 -8.93 -23.71 17.21
C TYR E 91 -9.22 -23.43 15.73
N ALA E 92 -9.84 -24.40 15.07
CA ALA E 92 -10.39 -24.22 13.74
C ALA E 92 -11.53 -23.24 13.82
N GLN E 93 -12.37 -23.41 14.83
CA GLN E 93 -13.55 -22.58 15.01
C GLN E 93 -13.69 -22.06 16.44
N LEU E 94 -14.24 -20.85 16.55
CA LEU E 94 -14.72 -20.31 17.81
C LEU E 94 -16.12 -20.88 18.00
N PRO E 95 -16.46 -21.31 19.22
CA PRO E 95 -15.63 -21.37 20.40
C PRO E 95 -14.62 -22.49 20.31
N TYR E 96 -13.40 -22.22 20.76
CA TYR E 96 -12.40 -23.26 20.97
C TYR E 96 -13.00 -24.31 21.91
N THR E 97 -12.69 -25.57 21.65
CA THR E 97 -13.18 -26.68 22.46
C THR E 97 -12.07 -27.68 22.74
N PHE E 98 -12.20 -28.37 23.86
CA PHE E 98 -11.19 -29.27 24.36
C PHE E 98 -11.70 -30.70 24.36
N GLY E 99 -10.79 -31.65 24.25
CA GLY E 99 -11.10 -33.05 24.49
C GLY E 99 -11.24 -33.32 25.97
N GLY E 100 -11.71 -34.52 26.31
CA GLY E 100 -12.00 -34.89 27.69
C GLY E 100 -10.77 -35.27 28.50
N GLY E 101 -9.63 -35.43 27.84
CA GLY E 101 -8.38 -35.72 28.53
C GLY E 101 -8.06 -37.20 28.58
N THR E 102 -6.76 -37.49 28.69
CA THR E 102 -6.24 -38.83 28.88
C THR E 102 -5.27 -38.79 30.05
N LYS E 103 -5.46 -39.67 31.02
CA LYS E 103 -4.53 -39.78 32.14
C LYS E 103 -3.58 -40.94 31.90
N LEU E 104 -2.27 -40.68 31.94
CA LEU E 104 -1.27 -41.73 31.88
C LEU E 104 -0.99 -42.20 33.30
N GLU E 105 -1.26 -43.48 33.55
CA GLU E 105 -1.05 -44.03 34.89
CA GLU E 105 -1.16 -44.11 34.86
C GLU E 105 -0.03 -45.15 34.84
N ILE E 106 0.57 -45.44 36.00
CA ILE E 106 1.65 -46.42 36.07
C ILE E 106 1.12 -47.83 36.20
N LYS E 107 1.57 -48.72 35.33
CA LYS E 107 1.18 -50.13 35.36
C LYS E 107 1.93 -50.85 36.47
N ARG E 108 1.23 -51.72 37.19
CA ARG E 108 1.86 -52.61 38.17
C ARG E 108 1.05 -53.89 38.37
N ALA E 109 1.59 -54.81 39.15
CA ALA E 109 0.92 -56.08 39.42
C ALA E 109 -0.33 -55.82 40.26
N ASP E 110 -1.32 -56.68 40.10
CA ASP E 110 -2.55 -56.58 40.86
C ASP E 110 -2.29 -56.82 42.34
N ALA E 111 -3.02 -56.08 43.17
CA ALA E 111 -2.91 -56.18 44.61
C ALA E 111 -4.29 -55.99 45.23
N ALA E 112 -4.64 -56.87 46.16
CA ALA E 112 -5.92 -56.80 46.86
C ALA E 112 -5.86 -55.71 47.92
N PRO E 113 -7.02 -55.11 48.25
CA PRO E 113 -7.06 -54.09 49.29
C PRO E 113 -6.91 -54.68 50.69
N THR E 114 -6.29 -53.92 51.58
CA THR E 114 -6.30 -54.22 53.01
C THR E 114 -7.48 -53.44 53.58
N VAL E 115 -8.50 -54.15 54.02
CA VAL E 115 -9.72 -53.51 54.49
C VAL E 115 -9.71 -53.43 56.01
N SER E 116 -10.01 -52.24 56.54
CA SER E 116 -10.11 -52.00 57.98
C SER E 116 -11.41 -51.27 58.28
N ILE E 117 -12.15 -51.73 59.30
CA ILE E 117 -13.40 -51.09 59.71
C ILE E 117 -13.25 -50.49 61.10
N PHE E 118 -13.86 -49.32 61.29
CA PHE E 118 -13.75 -48.57 62.55
C PHE E 118 -15.13 -48.09 63.01
N PRO E 119 -15.55 -48.52 64.21
CA PRO E 119 -16.80 -47.99 64.76
C PRO E 119 -16.66 -46.53 65.14
N PRO E 120 -17.78 -45.85 65.43
CA PRO E 120 -17.72 -44.48 65.89
C PRO E 120 -16.85 -44.34 67.13
N SER E 121 -16.10 -43.25 67.22
CA SER E 121 -15.33 -42.97 68.43
C SER E 121 -16.28 -42.57 69.56
N SER E 122 -15.82 -42.76 70.80
CA SER E 122 -16.60 -42.38 71.96
C SER E 122 -16.90 -40.89 71.97
N GLU E 123 -15.90 -40.08 71.57
CA GLU E 123 -16.07 -38.63 71.54
C GLU E 123 -17.21 -38.22 70.59
N GLN E 124 -17.25 -38.84 69.41
CA GLN E 124 -18.33 -38.59 68.43
C GLN E 124 -19.69 -39.05 68.96
N LEU E 125 -19.73 -40.23 69.59
CA LEU E 125 -20.97 -40.75 70.16
C LEU E 125 -21.46 -39.88 71.30
N THR E 126 -20.56 -39.44 72.16
CA THR E 126 -20.93 -38.57 73.28
C THR E 126 -21.48 -37.23 72.79
N SER E 127 -21.20 -36.85 71.55
CA SER E 127 -21.69 -35.61 70.97
C SER E 127 -22.90 -35.78 70.04
N GLY E 128 -23.39 -37.00 69.86
CA GLY E 128 -24.66 -37.24 69.17
C GLY E 128 -24.62 -37.76 67.74
N GLY E 129 -23.43 -37.98 67.20
CA GLY E 129 -23.28 -38.49 65.83
C GLY E 129 -22.69 -39.88 65.82
N ALA E 130 -22.76 -40.52 64.67
CA ALA E 130 -22.15 -41.84 64.51
C ALA E 130 -21.67 -42.02 63.07
N SER E 131 -20.35 -42.14 62.91
CA SER E 131 -19.75 -42.41 61.61
C SER E 131 -18.97 -43.71 61.71
N VAL E 132 -19.23 -44.62 60.78
CA VAL E 132 -18.47 -45.84 60.64
C VAL E 132 -17.56 -45.64 59.43
N VAL E 133 -16.27 -45.83 59.62
CA VAL E 133 -15.29 -45.61 58.57
C VAL E 133 -14.69 -46.93 58.11
N CYS E 134 -14.49 -47.07 56.81
CA CYS E 134 -13.81 -48.24 56.27
C CYS E 134 -12.72 -47.80 55.30
N PHE E 135 -11.51 -48.30 55.50
CA PHE E 135 -10.37 -48.01 54.63
C PHE E 135 -10.08 -49.22 53.77
N LEU E 136 -10.02 -49.02 52.47
CA LEU E 136 -9.57 -50.04 51.52
C LEU E 136 -8.27 -49.52 50.94
N ASN E 137 -7.15 -50.10 51.37
CA ASN E 137 -5.84 -49.51 51.12
C ASN E 137 -4.92 -50.34 50.24
N ASN E 138 -4.11 -49.62 49.46
CA ASN E 138 -3.03 -50.21 48.67
C ASN E 138 -3.47 -51.33 47.74
N PHE E 139 -4.43 -51.01 46.88
CA PHE E 139 -4.95 -51.97 45.90
C PHE E 139 -4.64 -51.54 44.47
N TYR E 140 -4.71 -52.49 43.55
CA TYR E 140 -4.50 -52.22 42.13
C TYR E 140 -5.19 -53.31 41.32
N PRO E 141 -5.87 -52.94 40.21
CA PRO E 141 -6.10 -51.61 39.65
C PRO E 141 -7.08 -50.72 40.43
N LYS E 142 -7.31 -49.51 39.91
CA LYS E 142 -8.02 -48.47 40.65
C LYS E 142 -9.51 -48.72 40.87
N ASP E 143 -10.15 -49.48 39.99
CA ASP E 143 -11.59 -49.69 40.10
C ASP E 143 -11.90 -50.61 41.29
N ILE E 144 -12.83 -50.15 42.12
CA ILE E 144 -13.26 -50.88 43.29
C ILE E 144 -14.68 -50.44 43.66
N ASN E 145 -15.39 -51.30 44.38
CA ASN E 145 -16.74 -51.00 44.86
CA ASN E 145 -16.74 -51.01 44.86
C ASN E 145 -16.85 -51.37 46.32
N VAL E 146 -17.48 -50.50 47.11
CA VAL E 146 -17.69 -50.75 48.52
C VAL E 146 -19.19 -50.78 48.79
N LYS E 147 -19.62 -51.75 49.58
CA LYS E 147 -21.03 -51.93 49.96
C LYS E 147 -21.12 -51.96 51.48
N TRP E 148 -22.10 -51.26 52.04
CA TRP E 148 -22.31 -51.24 53.48
C TRP E 148 -23.54 -52.04 53.86
N LYS E 149 -23.44 -52.79 54.96
CA LYS E 149 -24.58 -53.51 55.50
C LYS E 149 -24.75 -53.23 56.98
N ILE E 150 -25.99 -52.96 57.38
CA ILE E 150 -26.34 -52.89 58.79
C ILE E 150 -27.29 -54.05 59.10
N ASP E 151 -26.84 -54.96 59.96
CA ASP E 151 -27.59 -56.17 60.27
C ASP E 151 -28.05 -56.92 59.01
N GLY E 152 -27.15 -57.04 58.03
CA GLY E 152 -27.44 -57.80 56.80
C GLY E 152 -28.07 -57.03 55.66
N SER E 153 -28.76 -55.93 55.95
CA SER E 153 -29.42 -55.11 54.94
C SER E 153 -28.45 -54.09 54.36
N GLU E 154 -28.50 -53.91 53.03
CA GLU E 154 -27.67 -52.94 52.32
C GLU E 154 -28.07 -51.50 52.66
N ARG E 155 -27.09 -50.69 53.04
CA ARG E 155 -27.31 -49.29 53.41
CA ARG E 155 -27.31 -49.28 53.41
C ARG E 155 -26.67 -48.37 52.35
N GLN E 156 -27.49 -47.55 51.68
CA GLN E 156 -26.97 -46.72 50.58
C GLN E 156 -26.80 -45.20 50.84
N ASN E 157 -27.83 -44.52 51.34
CA ASN E 157 -27.71 -43.06 51.56
C ASN E 157 -26.90 -42.74 52.83
N GLY E 158 -26.19 -41.62 52.81
CA GLY E 158 -25.29 -41.24 53.92
C GLY E 158 -23.89 -41.84 53.87
N VAL E 159 -23.50 -42.36 52.70
CA VAL E 159 -22.15 -42.87 52.48
C VAL E 159 -21.32 -41.83 51.73
N LEU E 160 -20.12 -41.54 52.22
CA LEU E 160 -19.21 -40.59 51.60
CA LEU E 160 -19.22 -40.60 51.57
C LEU E 160 -17.90 -41.29 51.25
N ASN E 161 -17.51 -41.26 49.98
CA ASN E 161 -16.31 -41.92 49.52
C ASN E 161 -15.26 -40.94 49.03
N SER E 162 -14.00 -41.24 49.32
CA SER E 162 -12.88 -40.48 48.80
C SER E 162 -11.75 -41.41 48.34
N TRP E 163 -11.10 -41.03 47.25
CA TRP E 163 -10.06 -41.84 46.61
C TRP E 163 -8.75 -41.05 46.54
N THR E 164 -7.64 -41.70 46.85
CA THR E 164 -6.33 -41.10 46.66
C THR E 164 -5.90 -41.27 45.22
N ASP E 165 -4.96 -40.43 44.78
CA ASP E 165 -4.27 -40.63 43.51
C ASP E 165 -3.29 -41.80 43.67
N GLN E 166 -2.74 -42.24 42.54
CA GLN E 166 -1.77 -43.34 42.56
C GLN E 166 -0.60 -42.99 43.49
N ASP E 167 -0.27 -43.90 44.41
CA ASP E 167 0.78 -43.67 45.40
C ASP E 167 2.13 -43.52 44.73
N SER E 168 2.95 -42.59 45.24
CA SER E 168 4.27 -42.33 44.66
C SER E 168 5.26 -43.49 44.84
N LYS E 169 5.08 -44.27 45.92
CA LYS E 169 6.06 -45.30 46.29
C LYS E 169 5.75 -46.69 45.70
N ASP E 170 4.50 -47.13 45.81
CA ASP E 170 4.12 -48.47 45.33
C ASP E 170 3.11 -48.48 44.18
N SER E 171 2.74 -47.30 43.70
CA SER E 171 1.82 -47.15 42.56
C SER E 171 0.42 -47.76 42.77
N THR E 172 0.00 -47.89 44.03
CA THR E 172 -1.32 -48.45 44.34
C THR E 172 -2.31 -47.35 44.60
N TYR E 173 -3.58 -47.74 44.76
CA TYR E 173 -4.67 -46.83 45.09
C TYR E 173 -5.27 -47.18 46.44
N SER E 174 -5.91 -46.18 47.05
CA SER E 174 -6.60 -46.37 48.31
C SER E 174 -7.92 -45.62 48.32
N MET E 175 -8.85 -46.10 49.13
CA MET E 175 -10.18 -45.56 49.21
C MET E 175 -10.63 -45.47 50.67
N SER E 176 -11.41 -44.43 50.97
CA SER E 176 -12.02 -44.27 52.28
C SER E 176 -13.52 -44.16 52.11
N SER E 177 -14.27 -44.91 52.91
CA SER E 177 -15.72 -44.85 52.87
C SER E 177 -16.24 -44.63 54.29
N THR E 178 -17.04 -43.58 54.46
CA THR E 178 -17.62 -43.24 55.75
C THR E 178 -19.13 -43.30 55.65
N LEU E 179 -19.73 -44.15 56.49
CA LEU E 179 -21.19 -44.24 56.64
C LEU E 179 -21.56 -43.41 57.85
N THR E 180 -22.28 -42.32 57.64
CA THR E 180 -22.74 -41.50 58.76
C THR E 180 -24.24 -41.65 58.92
N LEU E 181 -24.65 -41.91 60.15
CA LEU E 181 -26.06 -42.03 60.48
C LEU E 181 -26.27 -41.47 61.89
N THR E 182 -27.53 -41.29 62.29
CA THR E 182 -27.81 -40.74 63.60
C THR E 182 -27.38 -41.74 64.67
N LYS E 183 -26.91 -41.24 65.80
CA LYS E 183 -26.56 -42.09 66.94
C LYS E 183 -27.76 -42.96 67.35
N ASP E 184 -28.95 -42.36 67.29
CA ASP E 184 -30.19 -43.06 67.61
C ASP E 184 -30.35 -44.35 66.80
N GLU E 185 -30.15 -44.28 65.48
CA GLU E 185 -30.26 -45.46 64.63
C GLU E 185 -29.07 -46.39 64.82
N TYR E 186 -27.90 -45.81 65.08
CA TYR E 186 -26.70 -46.62 65.26
C TYR E 186 -26.85 -47.57 66.44
N GLU E 187 -27.37 -47.05 67.54
CA GLU E 187 -27.55 -47.85 68.76
C GLU E 187 -28.75 -48.80 68.70
N ARG E 188 -29.49 -48.79 67.59
CA ARG E 188 -30.60 -49.73 67.37
C ARG E 188 -30.18 -51.02 66.63
N HIS E 189 -28.91 -51.13 66.27
CA HIS E 189 -28.42 -52.27 65.48
C HIS E 189 -27.11 -52.81 66.00
N ASN E 190 -26.86 -54.09 65.71
CA ASN E 190 -25.69 -54.78 66.24
C ASN E 190 -24.54 -54.85 65.23
N SER E 191 -24.82 -55.39 64.05
CA SER E 191 -23.78 -55.77 63.09
C SER E 191 -23.58 -54.71 62.00
N TYR E 192 -22.33 -54.27 61.83
CA TYR E 192 -21.96 -53.31 60.81
C TYR E 192 -20.86 -53.88 59.93
N THR E 193 -21.06 -53.81 58.62
CA THR E 193 -20.21 -54.52 57.68
C THR E 193 -19.84 -53.63 56.49
N CYS E 194 -18.57 -53.72 56.08
CA CYS E 194 -18.11 -53.10 54.85
C CYS E 194 -17.53 -54.19 53.95
N GLU E 195 -18.11 -54.32 52.75
CA GLU E 195 -17.70 -55.33 51.77
C GLU E 195 -17.04 -54.65 50.57
N ALA E 196 -15.83 -55.09 50.24
CA ALA E 196 -15.09 -54.57 49.09
C ALA E 196 -15.07 -55.59 47.94
N THR E 197 -15.51 -55.18 46.75
CA THR E 197 -15.39 -56.00 45.55
C THR E 197 -14.32 -55.42 44.63
N HIS E 198 -13.43 -56.30 44.15
CA HIS E 198 -12.25 -55.89 43.39
C HIS E 198 -11.88 -57.07 42.48
N LYS E 199 -11.22 -56.80 41.35
CA LYS E 199 -10.97 -57.85 40.36
C LYS E 199 -10.03 -58.96 40.87
N THR E 200 -9.29 -58.70 41.94
CA THR E 200 -8.41 -59.68 42.55
C THR E 200 -9.14 -60.85 43.20
N SER E 201 -10.46 -60.73 43.37
CA SER E 201 -11.25 -61.84 43.89
C SER E 201 -12.67 -61.85 43.35
N THR E 202 -13.19 -63.06 43.14
CA THR E 202 -14.58 -63.25 42.70
C THR E 202 -15.55 -63.10 43.87
N SER E 203 -15.05 -63.26 45.09
CA SER E 203 -15.84 -63.02 46.29
C SER E 203 -15.30 -61.80 47.04
N PRO E 204 -16.20 -61.00 47.62
CA PRO E 204 -15.81 -59.75 48.29
C PRO E 204 -15.09 -59.95 49.62
N ILE E 205 -14.21 -59.00 49.97
CA ILE E 205 -13.55 -58.96 51.27
C ILE E 205 -14.47 -58.28 52.29
N VAL E 206 -14.86 -59.00 53.33
CA VAL E 206 -15.85 -58.54 54.29
C VAL E 206 -15.20 -58.22 55.63
N LYS E 207 -15.42 -57.00 56.13
CA LYS E 207 -15.00 -56.63 57.50
C LYS E 207 -16.20 -56.20 58.32
N SER E 208 -16.30 -56.72 59.54
CA SER E 208 -17.46 -56.47 60.39
C SER E 208 -17.07 -56.21 61.83
N PHE E 209 -18.01 -55.62 62.56
CA PHE E 209 -17.97 -55.61 64.00
C PHE E 209 -19.40 -55.69 64.54
N ASN E 210 -19.53 -56.19 65.76
CA ASN E 210 -20.79 -56.18 66.46
C ASN E 210 -20.70 -55.09 67.52
N ARG E 211 -21.71 -54.23 67.57
CA ARG E 211 -21.69 -53.08 68.48
C ARG E 211 -21.61 -53.56 69.93
N ASN E 212 -20.73 -52.91 70.70
CA ASN E 212 -20.47 -53.26 72.09
C ASN E 212 -20.14 -54.74 72.29
N GLU E 213 -18.96 -55.16 71.82
CA GLU E 213 -18.53 -56.53 71.96
C GLU E 213 -17.01 -56.60 72.21
N CYS E 214 -16.62 -56.40 73.48
CA CYS E 214 -15.23 -56.49 73.92
C CYS E 214 -15.12 -57.07 75.33
#